data_2VFY
# 
_entry.id   2VFY 
# 
_audit_conform.dict_name       mmcif_pdbx.dic 
_audit_conform.dict_version    5.391 
_audit_conform.dict_location   http://mmcif.pdb.org/dictionaries/ascii/mmcif_pdbx.dic 
# 
loop_
_database_2.database_id 
_database_2.database_code 
_database_2.pdbx_database_accession 
_database_2.pdbx_DOI 
PDB   2VFY         pdb_00002vfy 10.2210/pdb2vfy/pdb 
PDBE  EBI-34356    ?            ?                   
WWPDB D_1290034356 ?            ?                   
# 
loop_
_pdbx_audit_revision_history.ordinal 
_pdbx_audit_revision_history.data_content_type 
_pdbx_audit_revision_history.major_revision 
_pdbx_audit_revision_history.minor_revision 
_pdbx_audit_revision_history.revision_date 
1 'Structure model' 1 0 2008-05-06 
2 'Structure model' 1 1 2011-05-08 
3 'Structure model' 1 2 2011-07-13 
4 'Structure model' 1 3 2024-05-08 
# 
_pdbx_audit_revision_details.ordinal             1 
_pdbx_audit_revision_details.revision_ordinal    1 
_pdbx_audit_revision_details.data_content_type   'Structure model' 
_pdbx_audit_revision_details.provider            repository 
_pdbx_audit_revision_details.type                'Initial release' 
_pdbx_audit_revision_details.description         ? 
_pdbx_audit_revision_details.details             ? 
# 
loop_
_pdbx_audit_revision_group.ordinal 
_pdbx_audit_revision_group.revision_ordinal 
_pdbx_audit_revision_group.data_content_type 
_pdbx_audit_revision_group.group 
1 2 'Structure model' 'Version format compliance' 
2 3 'Structure model' 'Version format compliance' 
3 4 'Structure model' 'Data collection'           
4 4 'Structure model' 'Database references'       
5 4 'Structure model' Other                       
# 
loop_
_pdbx_audit_revision_category.ordinal 
_pdbx_audit_revision_category.revision_ordinal 
_pdbx_audit_revision_category.data_content_type 
_pdbx_audit_revision_category.category 
1 4 'Structure model' chem_comp_atom       
2 4 'Structure model' chem_comp_bond       
3 4 'Structure model' database_2           
4 4 'Structure model' pdbx_database_status 
# 
loop_
_pdbx_audit_revision_item.ordinal 
_pdbx_audit_revision_item.revision_ordinal 
_pdbx_audit_revision_item.data_content_type 
_pdbx_audit_revision_item.item 
1 4 'Structure model' '_database_2.pdbx_DOI'                 
2 4 'Structure model' '_database_2.pdbx_database_accession'  
3 4 'Structure model' '_pdbx_database_status.status_code_sf' 
# 
_pdbx_database_status.status_code                     REL 
_pdbx_database_status.entry_id                        2VFY 
_pdbx_database_status.deposit_site                    PDBE 
_pdbx_database_status.process_site                    PDBE 
_pdbx_database_status.SG_entry                        . 
_pdbx_database_status.recvd_initial_deposition_date   2007-11-06 
_pdbx_database_status.pdb_format_compatible           Y 
_pdbx_database_status.status_code_sf                  REL 
_pdbx_database_status.status_code_mr                  ? 
_pdbx_database_status.status_code_cs                  ? 
_pdbx_database_status.methods_development_category    ? 
_pdbx_database_status.status_code_nmr_data            ? 
# 
loop_
_pdbx_database_related.db_name 
_pdbx_database_related.db_id 
_pdbx_database_related.content_type 
_pdbx_database_related.details 
PDB 2VFK unspecified 'AKAP18 DELTA CENTRAL DOMAIN'       
PDB 2VFL unspecified 'AKAP18 DELTA CENTRAL DOMAIN - CMP' 
# 
loop_
_audit_author.name 
_audit_author.pdbx_ordinal 
'Gold, M.G.'  1 
'Smith, F.D.' 2 
'Scott, J.D.' 3 
'Barford, D.' 4 
# 
_citation.id                        primary 
_citation.title                     'Akap18 Contains a Phosphoesterase Domain that Binds AMP' 
_citation.journal_abbrev            J.Mol.Biol. 
_citation.journal_volume            375 
_citation.page_first                1329 
_citation.page_last                 ? 
_citation.year                      2008 
_citation.journal_id_ASTM           JMOBAK 
_citation.country                   UK 
_citation.journal_id_ISSN           0022-2836 
_citation.journal_id_CSD            0070 
_citation.book_publisher            ? 
_citation.pdbx_database_id_PubMed   18082768 
_citation.pdbx_database_id_DOI      10.1016/J.JMB.2007.11.037 
# 
loop_
_citation_author.citation_id 
_citation_author.name 
_citation_author.ordinal 
_citation_author.identifier_ORCID 
primary 'Gold, M.G.'  1 ? 
primary 'Smith, F.D.' 2 ? 
primary 'Scott, J.D.' 3 ? 
primary 'Barford, D.' 4 ? 
# 
loop_
_entity.id 
_entity.type 
_entity.src_method 
_entity.pdbx_description 
_entity.formula_weight 
_entity.pdbx_number_of_molecules 
_entity.pdbx_ec 
_entity.pdbx_mutation 
_entity.pdbx_fragment 
_entity.details 
1 polymer man 'AKAP18 DELTA' 23226.936 1  ? ? 'RESIDUES 88-292' '2H PHOSPHOESTERASE DOMAIN' 
2 water   nat water          18.015    98 ? ? ?                 ?                           
# 
_entity_poly.entity_id                      1 
_entity_poly.type                           'polypeptide(L)' 
_entity_poly.nstd_linkage                   no 
_entity_poly.nstd_monomer                   no 
_entity_poly.pdbx_seq_one_letter_code       
;YQPNYFLSIPITNKKITAGIKVLQNSILRQDNRLTKAMVGDGSFHITLLVMQLLNEDEVNIGTDALLELKPFVEEILEGK
HLTLPFHGIGTFQGQVGFVKLADGDHVSALLEIAETAKRTFQEKGILAGESRTFKPHLTFMKLSKAPMLWKKGVRKIEPG
LYEQFIDHRFGEEILYQIDLCSMLKKKQSNGYYHCESSIVIGEKD
;
_entity_poly.pdbx_seq_one_letter_code_can   
;YQPNYFLSIPITNKKITAGIKVLQNSILRQDNRLTKAMVGDGSFHITLLVMQLLNEDEVNIGTDALLELKPFVEEILEGK
HLTLPFHGIGTFQGQVGFVKLADGDHVSALLEIAETAKRTFQEKGILAGESRTFKPHLTFMKLSKAPMLWKKGVRKIEPG
LYEQFIDHRFGEEILYQIDLCSMLKKKQSNGYYHCESSIVIGEKD
;
_entity_poly.pdbx_strand_id                 A 
_entity_poly.pdbx_target_identifier         ? 
# 
_pdbx_entity_nonpoly.entity_id   2 
_pdbx_entity_nonpoly.name        water 
_pdbx_entity_nonpoly.comp_id     HOH 
# 
loop_
_entity_poly_seq.entity_id 
_entity_poly_seq.num 
_entity_poly_seq.mon_id 
_entity_poly_seq.hetero 
1 1   TYR n 
1 2   GLN n 
1 3   PRO n 
1 4   ASN n 
1 5   TYR n 
1 6   PHE n 
1 7   LEU n 
1 8   SER n 
1 9   ILE n 
1 10  PRO n 
1 11  ILE n 
1 12  THR n 
1 13  ASN n 
1 14  LYS n 
1 15  LYS n 
1 16  ILE n 
1 17  THR n 
1 18  ALA n 
1 19  GLY n 
1 20  ILE n 
1 21  LYS n 
1 22  VAL n 
1 23  LEU n 
1 24  GLN n 
1 25  ASN n 
1 26  SER n 
1 27  ILE n 
1 28  LEU n 
1 29  ARG n 
1 30  GLN n 
1 31  ASP n 
1 32  ASN n 
1 33  ARG n 
1 34  LEU n 
1 35  THR n 
1 36  LYS n 
1 37  ALA n 
1 38  MET n 
1 39  VAL n 
1 40  GLY n 
1 41  ASP n 
1 42  GLY n 
1 43  SER n 
1 44  PHE n 
1 45  HIS n 
1 46  ILE n 
1 47  THR n 
1 48  LEU n 
1 49  LEU n 
1 50  VAL n 
1 51  MET n 
1 52  GLN n 
1 53  LEU n 
1 54  LEU n 
1 55  ASN n 
1 56  GLU n 
1 57  ASP n 
1 58  GLU n 
1 59  VAL n 
1 60  ASN n 
1 61  ILE n 
1 62  GLY n 
1 63  THR n 
1 64  ASP n 
1 65  ALA n 
1 66  LEU n 
1 67  LEU n 
1 68  GLU n 
1 69  LEU n 
1 70  LYS n 
1 71  PRO n 
1 72  PHE n 
1 73  VAL n 
1 74  GLU n 
1 75  GLU n 
1 76  ILE n 
1 77  LEU n 
1 78  GLU n 
1 79  GLY n 
1 80  LYS n 
1 81  HIS n 
1 82  LEU n 
1 83  THR n 
1 84  LEU n 
1 85  PRO n 
1 86  PHE n 
1 87  HIS n 
1 88  GLY n 
1 89  ILE n 
1 90  GLY n 
1 91  THR n 
1 92  PHE n 
1 93  GLN n 
1 94  GLY n 
1 95  GLN n 
1 96  VAL n 
1 97  GLY n 
1 98  PHE n 
1 99  VAL n 
1 100 LYS n 
1 101 LEU n 
1 102 ALA n 
1 103 ASP n 
1 104 GLY n 
1 105 ASP n 
1 106 HIS n 
1 107 VAL n 
1 108 SER n 
1 109 ALA n 
1 110 LEU n 
1 111 LEU n 
1 112 GLU n 
1 113 ILE n 
1 114 ALA n 
1 115 GLU n 
1 116 THR n 
1 117 ALA n 
1 118 LYS n 
1 119 ARG n 
1 120 THR n 
1 121 PHE n 
1 122 GLN n 
1 123 GLU n 
1 124 LYS n 
1 125 GLY n 
1 126 ILE n 
1 127 LEU n 
1 128 ALA n 
1 129 GLY n 
1 130 GLU n 
1 131 SER n 
1 132 ARG n 
1 133 THR n 
1 134 PHE n 
1 135 LYS n 
1 136 PRO n 
1 137 HIS n 
1 138 LEU n 
1 139 THR n 
1 140 PHE n 
1 141 MET n 
1 142 LYS n 
1 143 LEU n 
1 144 SER n 
1 145 LYS n 
1 146 ALA n 
1 147 PRO n 
1 148 MET n 
1 149 LEU n 
1 150 TRP n 
1 151 LYS n 
1 152 LYS n 
1 153 GLY n 
1 154 VAL n 
1 155 ARG n 
1 156 LYS n 
1 157 ILE n 
1 158 GLU n 
1 159 PRO n 
1 160 GLY n 
1 161 LEU n 
1 162 TYR n 
1 163 GLU n 
1 164 GLN n 
1 165 PHE n 
1 166 ILE n 
1 167 ASP n 
1 168 HIS n 
1 169 ARG n 
1 170 PHE n 
1 171 GLY n 
1 172 GLU n 
1 173 GLU n 
1 174 ILE n 
1 175 LEU n 
1 176 TYR n 
1 177 GLN n 
1 178 ILE n 
1 179 ASP n 
1 180 LEU n 
1 181 CYS n 
1 182 SER n 
1 183 MET n 
1 184 LEU n 
1 185 LYS n 
1 186 LYS n 
1 187 LYS n 
1 188 GLN n 
1 189 SER n 
1 190 ASN n 
1 191 GLY n 
1 192 TYR n 
1 193 TYR n 
1 194 HIS n 
1 195 CYS n 
1 196 GLU n 
1 197 SER n 
1 198 SER n 
1 199 ILE n 
1 200 VAL n 
1 201 ILE n 
1 202 GLY n 
1 203 GLU n 
1 204 LYS n 
1 205 ASP n 
# 
_entity_src_gen.entity_id                          1 
_entity_src_gen.pdbx_src_id                        1 
_entity_src_gen.pdbx_alt_source_flag               sample 
_entity_src_gen.pdbx_seq_type                      ? 
_entity_src_gen.pdbx_beg_seq_num                   ? 
_entity_src_gen.pdbx_end_seq_num                   ? 
_entity_src_gen.gene_src_common_name               HUMAN 
_entity_src_gen.gene_src_genus                     ? 
_entity_src_gen.pdbx_gene_src_gene                 ? 
_entity_src_gen.gene_src_species                   ? 
_entity_src_gen.gene_src_strain                    ? 
_entity_src_gen.gene_src_tissue                    ? 
_entity_src_gen.gene_src_tissue_fraction           ? 
_entity_src_gen.gene_src_details                   ? 
_entity_src_gen.pdbx_gene_src_fragment             ? 
_entity_src_gen.pdbx_gene_src_scientific_name      'HOMO SAPIENS' 
_entity_src_gen.pdbx_gene_src_ncbi_taxonomy_id     9606 
_entity_src_gen.pdbx_gene_src_variant              ? 
_entity_src_gen.pdbx_gene_src_cell_line            ? 
_entity_src_gen.pdbx_gene_src_atcc                 ? 
_entity_src_gen.pdbx_gene_src_organ                ? 
_entity_src_gen.pdbx_gene_src_organelle            ? 
_entity_src_gen.pdbx_gene_src_cell                 ? 
_entity_src_gen.pdbx_gene_src_cellular_location    ? 
_entity_src_gen.host_org_common_name               ? 
_entity_src_gen.pdbx_host_org_scientific_name      'ESCHERICHIA COLI' 
_entity_src_gen.pdbx_host_org_ncbi_taxonomy_id     511693 
_entity_src_gen.host_org_genus                     ? 
_entity_src_gen.pdbx_host_org_gene                 ? 
_entity_src_gen.pdbx_host_org_organ                ? 
_entity_src_gen.host_org_species                   ? 
_entity_src_gen.pdbx_host_org_tissue               ? 
_entity_src_gen.pdbx_host_org_tissue_fraction      ? 
_entity_src_gen.pdbx_host_org_strain               BL21 
_entity_src_gen.pdbx_host_org_variant              ? 
_entity_src_gen.pdbx_host_org_cell_line            ? 
_entity_src_gen.pdbx_host_org_atcc                 ? 
_entity_src_gen.pdbx_host_org_culture_collection   ? 
_entity_src_gen.pdbx_host_org_cell                 ? 
_entity_src_gen.pdbx_host_org_organelle            ? 
_entity_src_gen.pdbx_host_org_cellular_location    ? 
_entity_src_gen.pdbx_host_org_vector_type          ? 
_entity_src_gen.pdbx_host_org_vector               ? 
_entity_src_gen.host_org_details                   ? 
_entity_src_gen.expression_system_id               ? 
_entity_src_gen.plasmid_name                       PGEX6P1 
_entity_src_gen.plasmid_details                    ? 
_entity_src_gen.pdbx_description                   ? 
# 
loop_
_chem_comp.id 
_chem_comp.type 
_chem_comp.mon_nstd_flag 
_chem_comp.name 
_chem_comp.pdbx_synonyms 
_chem_comp.formula 
_chem_comp.formula_weight 
ALA 'L-peptide linking' y ALANINE         ? 'C3 H7 N O2'     89.093  
ARG 'L-peptide linking' y ARGININE        ? 'C6 H15 N4 O2 1' 175.209 
ASN 'L-peptide linking' y ASPARAGINE      ? 'C4 H8 N2 O3'    132.118 
ASP 'L-peptide linking' y 'ASPARTIC ACID' ? 'C4 H7 N O4'     133.103 
CYS 'L-peptide linking' y CYSTEINE        ? 'C3 H7 N O2 S'   121.158 
GLN 'L-peptide linking' y GLUTAMINE       ? 'C5 H10 N2 O3'   146.144 
GLU 'L-peptide linking' y 'GLUTAMIC ACID' ? 'C5 H9 N O4'     147.129 
GLY 'peptide linking'   y GLYCINE         ? 'C2 H5 N O2'     75.067  
HIS 'L-peptide linking' y HISTIDINE       ? 'C6 H10 N3 O2 1' 156.162 
HOH non-polymer         . WATER           ? 'H2 O'           18.015  
ILE 'L-peptide linking' y ISOLEUCINE      ? 'C6 H13 N O2'    131.173 
LEU 'L-peptide linking' y LEUCINE         ? 'C6 H13 N O2'    131.173 
LYS 'L-peptide linking' y LYSINE          ? 'C6 H15 N2 O2 1' 147.195 
MET 'L-peptide linking' y METHIONINE      ? 'C5 H11 N O2 S'  149.211 
PHE 'L-peptide linking' y PHENYLALANINE   ? 'C9 H11 N O2'    165.189 
PRO 'L-peptide linking' y PROLINE         ? 'C5 H9 N O2'     115.130 
SER 'L-peptide linking' y SERINE          ? 'C3 H7 N O3'     105.093 
THR 'L-peptide linking' y THREONINE       ? 'C4 H9 N O3'     119.119 
TRP 'L-peptide linking' y TRYPTOPHAN      ? 'C11 H12 N2 O2'  204.225 
TYR 'L-peptide linking' y TYROSINE        ? 'C9 H11 N O3'    181.189 
VAL 'L-peptide linking' y VALINE          ? 'C5 H11 N O2'    117.146 
# 
loop_
_pdbx_poly_seq_scheme.asym_id 
_pdbx_poly_seq_scheme.entity_id 
_pdbx_poly_seq_scheme.seq_id 
_pdbx_poly_seq_scheme.mon_id 
_pdbx_poly_seq_scheme.ndb_seq_num 
_pdbx_poly_seq_scheme.pdb_seq_num 
_pdbx_poly_seq_scheme.auth_seq_num 
_pdbx_poly_seq_scheme.pdb_mon_id 
_pdbx_poly_seq_scheme.auth_mon_id 
_pdbx_poly_seq_scheme.pdb_strand_id 
_pdbx_poly_seq_scheme.pdb_ins_code 
_pdbx_poly_seq_scheme.hetero 
A 1 1   TYR 1   88  88  TYR TYR A . n 
A 1 2   GLN 2   89  89  GLN GLN A . n 
A 1 3   PRO 3   90  90  PRO PRO A . n 
A 1 4   ASN 4   91  91  ASN ASN A . n 
A 1 5   TYR 5   92  92  TYR TYR A . n 
A 1 6   PHE 6   93  93  PHE PHE A . n 
A 1 7   LEU 7   94  94  LEU LEU A . n 
A 1 8   SER 8   95  95  SER SER A . n 
A 1 9   ILE 9   96  96  ILE ILE A . n 
A 1 10  PRO 10  97  97  PRO PRO A . n 
A 1 11  ILE 11  98  98  ILE ILE A . n 
A 1 12  THR 12  99  99  THR THR A . n 
A 1 13  ASN 13  100 100 ASN ASN A . n 
A 1 14  LYS 14  101 101 LYS LYS A . n 
A 1 15  LYS 15  102 102 LYS LYS A . n 
A 1 16  ILE 16  103 103 ILE ILE A . n 
A 1 17  THR 17  104 104 THR THR A . n 
A 1 18  ALA 18  105 105 ALA ALA A . n 
A 1 19  GLY 19  106 106 GLY GLY A . n 
A 1 20  ILE 20  107 107 ILE ILE A . n 
A 1 21  LYS 21  108 108 LYS LYS A . n 
A 1 22  VAL 22  109 109 VAL VAL A . n 
A 1 23  LEU 23  110 110 LEU LEU A . n 
A 1 24  GLN 24  111 111 GLN GLN A . n 
A 1 25  ASN 25  112 112 ASN ASN A . n 
A 1 26  SER 26  113 113 SER SER A . n 
A 1 27  ILE 27  114 114 ILE ILE A . n 
A 1 28  LEU 28  115 115 LEU LEU A . n 
A 1 29  ARG 29  116 116 ARG ARG A . n 
A 1 30  GLN 30  117 117 GLN GLN A . n 
A 1 31  ASP 31  118 118 ASP ASP A . n 
A 1 32  ASN 32  119 119 ASN ASN A . n 
A 1 33  ARG 33  120 120 ARG ARG A . n 
A 1 34  LEU 34  121 121 LEU LEU A . n 
A 1 35  THR 35  122 122 THR THR A . n 
A 1 36  LYS 36  123 123 LYS LYS A . n 
A 1 37  ALA 37  124 124 ALA ALA A . n 
A 1 38  MET 38  125 125 MET MET A . n 
A 1 39  VAL 39  126 126 VAL VAL A . n 
A 1 40  GLY 40  127 127 GLY GLY A . n 
A 1 41  ASP 41  128 128 ASP ASP A . n 
A 1 42  GLY 42  129 129 GLY GLY A . n 
A 1 43  SER 43  130 130 SER SER A . n 
A 1 44  PHE 44  131 131 PHE PHE A . n 
A 1 45  HIS 45  132 132 HIS HIS A . n 
A 1 46  ILE 46  133 133 ILE ILE A . n 
A 1 47  THR 47  134 134 THR THR A . n 
A 1 48  LEU 48  135 135 LEU LEU A . n 
A 1 49  LEU 49  136 136 LEU LEU A . n 
A 1 50  VAL 50  137 137 VAL VAL A . n 
A 1 51  MET 51  138 138 MET MET A . n 
A 1 52  GLN 52  139 139 GLN GLN A . n 
A 1 53  LEU 53  140 140 LEU LEU A . n 
A 1 54  LEU 54  141 141 LEU LEU A . n 
A 1 55  ASN 55  142 142 ASN ASN A . n 
A 1 56  GLU 56  143 143 GLU GLU A . n 
A 1 57  ASP 57  144 144 ASP ASP A . n 
A 1 58  GLU 58  145 145 GLU GLU A . n 
A 1 59  VAL 59  146 146 VAL VAL A . n 
A 1 60  ASN 60  147 147 ASN ASN A . n 
A 1 61  ILE 61  148 148 ILE ILE A . n 
A 1 62  GLY 62  149 149 GLY GLY A . n 
A 1 63  THR 63  150 150 THR THR A . n 
A 1 64  ASP 64  151 151 ASP ASP A . n 
A 1 65  ALA 65  152 152 ALA ALA A . n 
A 1 66  LEU 66  153 153 LEU LEU A . n 
A 1 67  LEU 67  154 154 LEU LEU A . n 
A 1 68  GLU 68  155 155 GLU GLU A . n 
A 1 69  LEU 69  156 156 LEU LEU A . n 
A 1 70  LYS 70  157 157 LYS LYS A . n 
A 1 71  PRO 71  158 158 PRO PRO A . n 
A 1 72  PHE 72  159 159 PHE PHE A . n 
A 1 73  VAL 73  160 160 VAL VAL A . n 
A 1 74  GLU 74  161 161 GLU GLU A . n 
A 1 75  GLU 75  162 162 GLU GLU A . n 
A 1 76  ILE 76  163 163 ILE ILE A . n 
A 1 77  LEU 77  164 164 LEU LEU A . n 
A 1 78  GLU 78  165 165 GLU GLU A . n 
A 1 79  GLY 79  166 166 GLY GLY A . n 
A 1 80  LYS 80  167 167 LYS LYS A . n 
A 1 81  HIS 81  168 168 HIS HIS A . n 
A 1 82  LEU 82  169 169 LEU LEU A . n 
A 1 83  THR 83  170 170 THR THR A . n 
A 1 84  LEU 84  171 171 LEU LEU A . n 
A 1 85  PRO 85  172 172 PRO PRO A . n 
A 1 86  PHE 86  173 173 PHE PHE A . n 
A 1 87  HIS 87  174 174 HIS HIS A . n 
A 1 88  GLY 88  175 175 GLY GLY A . n 
A 1 89  ILE 89  176 176 ILE ILE A . n 
A 1 90  GLY 90  177 177 GLY GLY A . n 
A 1 91  THR 91  178 178 THR THR A . n 
A 1 92  PHE 92  179 179 PHE PHE A . n 
A 1 93  GLN 93  180 180 GLN GLN A . n 
A 1 94  GLY 94  181 181 GLY GLY A . n 
A 1 95  GLN 95  182 182 GLN GLN A . n 
A 1 96  VAL 96  183 183 VAL VAL A . n 
A 1 97  GLY 97  184 184 GLY GLY A . n 
A 1 98  PHE 98  185 185 PHE PHE A . n 
A 1 99  VAL 99  186 186 VAL VAL A . n 
A 1 100 LYS 100 187 187 LYS LYS A . n 
A 1 101 LEU 101 188 188 LEU LEU A . n 
A 1 102 ALA 102 189 189 ALA ALA A . n 
A 1 103 ASP 103 190 190 ASP ASP A . n 
A 1 104 GLY 104 191 191 GLY GLY A . n 
A 1 105 ASP 105 192 192 ASP ASP A . n 
A 1 106 HIS 106 193 193 HIS HIS A . n 
A 1 107 VAL 107 194 194 VAL VAL A . n 
A 1 108 SER 108 195 195 SER SER A . n 
A 1 109 ALA 109 196 196 ALA ALA A . n 
A 1 110 LEU 110 197 197 LEU LEU A . n 
A 1 111 LEU 111 198 198 LEU LEU A . n 
A 1 112 GLU 112 199 199 GLU GLU A . n 
A 1 113 ILE 113 200 200 ILE ILE A . n 
A 1 114 ALA 114 201 201 ALA ALA A . n 
A 1 115 GLU 115 202 202 GLU GLU A . n 
A 1 116 THR 116 203 203 THR THR A . n 
A 1 117 ALA 117 204 204 ALA ALA A . n 
A 1 118 LYS 118 205 205 LYS LYS A . n 
A 1 119 ARG 119 206 206 ARG ARG A . n 
A 1 120 THR 120 207 207 THR THR A . n 
A 1 121 PHE 121 208 208 PHE PHE A . n 
A 1 122 GLN 122 209 209 GLN GLN A . n 
A 1 123 GLU 123 210 210 GLU GLU A . n 
A 1 124 LYS 124 211 211 LYS LYS A . n 
A 1 125 GLY 125 212 212 GLY GLY A . n 
A 1 126 ILE 126 213 213 ILE ILE A . n 
A 1 127 LEU 127 214 214 LEU LEU A . n 
A 1 128 ALA 128 215 215 ALA ALA A . n 
A 1 129 GLY 129 216 216 GLY GLY A . n 
A 1 130 GLU 130 217 217 GLU GLU A . n 
A 1 131 SER 131 218 218 SER SER A . n 
A 1 132 ARG 132 219 219 ARG ARG A . n 
A 1 133 THR 133 220 220 THR THR A . n 
A 1 134 PHE 134 221 221 PHE PHE A . n 
A 1 135 LYS 135 222 222 LYS LYS A . n 
A 1 136 PRO 136 223 223 PRO PRO A . n 
A 1 137 HIS 137 224 224 HIS HIS A . n 
A 1 138 LEU 138 225 225 LEU LEU A . n 
A 1 139 THR 139 226 226 THR THR A . n 
A 1 140 PHE 140 227 227 PHE PHE A . n 
A 1 141 MET 141 228 228 MET MET A . n 
A 1 142 LYS 142 229 229 LYS LYS A . n 
A 1 143 LEU 143 230 230 LEU LEU A . n 
A 1 144 SER 144 231 231 SER SER A . n 
A 1 145 LYS 145 232 232 LYS LYS A . n 
A 1 146 ALA 146 233 233 ALA ALA A . n 
A 1 147 PRO 147 234 234 PRO PRO A . n 
A 1 148 MET 148 235 235 MET MET A . n 
A 1 149 LEU 149 236 236 LEU LEU A . n 
A 1 150 TRP 150 237 237 TRP TRP A . n 
A 1 151 LYS 151 238 238 LYS LYS A . n 
A 1 152 LYS 152 239 239 LYS LYS A . n 
A 1 153 GLY 153 240 240 GLY GLY A . n 
A 1 154 VAL 154 241 241 VAL VAL A . n 
A 1 155 ARG 155 242 242 ARG ARG A . n 
A 1 156 LYS 156 243 243 LYS LYS A . n 
A 1 157 ILE 157 244 244 ILE ILE A . n 
A 1 158 GLU 158 245 245 GLU GLU A . n 
A 1 159 PRO 159 246 246 PRO PRO A . n 
A 1 160 GLY 160 247 247 GLY GLY A . n 
A 1 161 LEU 161 248 248 LEU LEU A . n 
A 1 162 TYR 162 249 249 TYR TYR A . n 
A 1 163 GLU 163 250 250 GLU GLU A . n 
A 1 164 GLN 164 251 251 GLN GLN A . n 
A 1 165 PHE 165 252 252 PHE PHE A . n 
A 1 166 ILE 166 253 253 ILE ILE A . n 
A 1 167 ASP 167 254 254 ASP ASP A . n 
A 1 168 HIS 168 255 255 HIS HIS A . n 
A 1 169 ARG 169 256 256 ARG ARG A . n 
A 1 170 PHE 170 257 257 PHE PHE A . n 
A 1 171 GLY 171 258 258 GLY GLY A . n 
A 1 172 GLU 172 259 259 GLU GLU A . n 
A 1 173 GLU 173 260 260 GLU GLU A . n 
A 1 174 ILE 174 261 261 ILE ILE A . n 
A 1 175 LEU 175 262 262 LEU LEU A . n 
A 1 176 TYR 176 263 263 TYR TYR A . n 
A 1 177 GLN 177 264 264 GLN GLN A . n 
A 1 178 ILE 178 265 265 ILE ILE A . n 
A 1 179 ASP 179 266 266 ASP ASP A . n 
A 1 180 LEU 180 267 267 LEU LEU A . n 
A 1 181 CYS 181 268 268 CYS CYS A . n 
A 1 182 SER 182 269 269 SER SER A . n 
A 1 183 MET 183 270 270 MET MET A . n 
A 1 184 LEU 184 271 271 LEU LEU A . n 
A 1 185 LYS 185 272 272 LYS LYS A . n 
A 1 186 LYS 186 273 273 LYS LYS A . n 
A 1 187 LYS 187 274 274 LYS LYS A . n 
A 1 188 GLN 188 275 275 GLN GLN A . n 
A 1 189 SER 189 276 276 SER SER A . n 
A 1 190 ASN 190 277 277 ASN ASN A . n 
A 1 191 GLY 191 278 278 GLY GLY A . n 
A 1 192 TYR 192 279 279 TYR TYR A . n 
A 1 193 TYR 193 280 280 TYR TYR A . n 
A 1 194 HIS 194 281 281 HIS HIS A . n 
A 1 195 CYS 195 282 282 CYS CYS A . n 
A 1 196 GLU 196 283 283 GLU GLU A . n 
A 1 197 SER 197 284 284 SER SER A . n 
A 1 198 SER 198 285 285 SER SER A . n 
A 1 199 ILE 199 286 286 ILE ILE A . n 
A 1 200 VAL 200 287 287 VAL VAL A . n 
A 1 201 ILE 201 288 288 ILE ILE A . n 
A 1 202 GLY 202 289 289 GLY GLY A . n 
A 1 203 GLU 203 290 290 GLU GLU A . n 
A 1 204 LYS 204 291 ?   ?   ?   A . n 
A 1 205 ASP 205 292 ?   ?   ?   A . n 
# 
loop_
_pdbx_nonpoly_scheme.asym_id 
_pdbx_nonpoly_scheme.entity_id 
_pdbx_nonpoly_scheme.mon_id 
_pdbx_nonpoly_scheme.ndb_seq_num 
_pdbx_nonpoly_scheme.pdb_seq_num 
_pdbx_nonpoly_scheme.auth_seq_num 
_pdbx_nonpoly_scheme.pdb_mon_id 
_pdbx_nonpoly_scheme.auth_mon_id 
_pdbx_nonpoly_scheme.pdb_strand_id 
_pdbx_nonpoly_scheme.pdb_ins_code 
B 2 HOH 1  2001 2001 HOH HOH A . 
B 2 HOH 2  2002 2002 HOH HOH A . 
B 2 HOH 3  2003 2003 HOH HOH A . 
B 2 HOH 4  2004 2004 HOH HOH A . 
B 2 HOH 5  2005 2005 HOH HOH A . 
B 2 HOH 6  2006 2006 HOH HOH A . 
B 2 HOH 7  2007 2007 HOH HOH A . 
B 2 HOH 8  2008 2008 HOH HOH A . 
B 2 HOH 9  2009 2009 HOH HOH A . 
B 2 HOH 10 2010 2010 HOH HOH A . 
B 2 HOH 11 2011 2011 HOH HOH A . 
B 2 HOH 12 2012 2012 HOH HOH A . 
B 2 HOH 13 2013 2013 HOH HOH A . 
B 2 HOH 14 2014 2014 HOH HOH A . 
B 2 HOH 15 2015 2015 HOH HOH A . 
B 2 HOH 16 2016 2016 HOH HOH A . 
B 2 HOH 17 2017 2017 HOH HOH A . 
B 2 HOH 18 2018 2018 HOH HOH A . 
B 2 HOH 19 2019 2019 HOH HOH A . 
B 2 HOH 20 2020 2020 HOH HOH A . 
B 2 HOH 21 2021 2021 HOH HOH A . 
B 2 HOH 22 2022 2022 HOH HOH A . 
B 2 HOH 23 2023 2023 HOH HOH A . 
B 2 HOH 24 2024 2024 HOH HOH A . 
B 2 HOH 25 2025 2025 HOH HOH A . 
B 2 HOH 26 2026 2026 HOH HOH A . 
B 2 HOH 27 2027 2027 HOH HOH A . 
B 2 HOH 28 2028 2028 HOH HOH A . 
B 2 HOH 29 2029 2029 HOH HOH A . 
B 2 HOH 30 2030 2030 HOH HOH A . 
B 2 HOH 31 2031 2031 HOH HOH A . 
B 2 HOH 32 2032 2032 HOH HOH A . 
B 2 HOH 33 2033 2033 HOH HOH A . 
B 2 HOH 34 2034 2034 HOH HOH A . 
B 2 HOH 35 2035 2035 HOH HOH A . 
B 2 HOH 36 2036 2036 HOH HOH A . 
B 2 HOH 37 2037 2037 HOH HOH A . 
B 2 HOH 38 2038 2038 HOH HOH A . 
B 2 HOH 39 2039 2039 HOH HOH A . 
B 2 HOH 40 2040 2040 HOH HOH A . 
B 2 HOH 41 2041 2041 HOH HOH A . 
B 2 HOH 42 2042 2042 HOH HOH A . 
B 2 HOH 43 2043 2043 HOH HOH A . 
B 2 HOH 44 2044 2044 HOH HOH A . 
B 2 HOH 45 2045 2045 HOH HOH A . 
B 2 HOH 46 2046 2046 HOH HOH A . 
B 2 HOH 47 2047 2047 HOH HOH A . 
B 2 HOH 48 2048 2048 HOH HOH A . 
B 2 HOH 49 2049 2049 HOH HOH A . 
B 2 HOH 50 2050 2050 HOH HOH A . 
B 2 HOH 51 2051 2051 HOH HOH A . 
B 2 HOH 52 2052 2052 HOH HOH A . 
B 2 HOH 53 2053 2053 HOH HOH A . 
B 2 HOH 54 2054 2054 HOH HOH A . 
B 2 HOH 55 2055 2055 HOH HOH A . 
B 2 HOH 56 2056 2056 HOH HOH A . 
B 2 HOH 57 2057 2057 HOH HOH A . 
B 2 HOH 58 2058 2058 HOH HOH A . 
B 2 HOH 59 2059 2059 HOH HOH A . 
B 2 HOH 60 2060 2060 HOH HOH A . 
B 2 HOH 61 2061 2061 HOH HOH A . 
B 2 HOH 62 2062 2062 HOH HOH A . 
B 2 HOH 63 2063 2063 HOH HOH A . 
B 2 HOH 64 2064 2064 HOH HOH A . 
B 2 HOH 65 2065 2065 HOH HOH A . 
B 2 HOH 66 2066 2066 HOH HOH A . 
B 2 HOH 67 2067 2067 HOH HOH A . 
B 2 HOH 68 2068 2068 HOH HOH A . 
B 2 HOH 69 2069 2069 HOH HOH A . 
B 2 HOH 70 2070 2070 HOH HOH A . 
B 2 HOH 71 2071 2071 HOH HOH A . 
B 2 HOH 72 2072 2072 HOH HOH A . 
B 2 HOH 73 2073 2073 HOH HOH A . 
B 2 HOH 74 2074 2074 HOH HOH A . 
B 2 HOH 75 2075 2075 HOH HOH A . 
B 2 HOH 76 2076 2076 HOH HOH A . 
B 2 HOH 77 2077 2077 HOH HOH A . 
B 2 HOH 78 2078 2078 HOH HOH A . 
B 2 HOH 79 2079 2079 HOH HOH A . 
B 2 HOH 80 2080 2080 HOH HOH A . 
B 2 HOH 81 2081 2081 HOH HOH A . 
B 2 HOH 82 2082 2082 HOH HOH A . 
B 2 HOH 83 2083 2083 HOH HOH A . 
B 2 HOH 84 2084 2084 HOH HOH A . 
B 2 HOH 85 2085 2085 HOH HOH A . 
B 2 HOH 86 2086 2086 HOH HOH A . 
B 2 HOH 87 2087 2087 HOH HOH A . 
B 2 HOH 88 2088 2088 HOH HOH A . 
B 2 HOH 89 2089 2089 HOH HOH A . 
B 2 HOH 90 2090 2090 HOH HOH A . 
B 2 HOH 91 2091 2091 HOH HOH A . 
B 2 HOH 92 2092 2092 HOH HOH A . 
B 2 HOH 93 2093 2093 HOH HOH A . 
B 2 HOH 94 2094 2094 HOH HOH A . 
B 2 HOH 95 2095 2095 HOH HOH A . 
B 2 HOH 96 2096 2096 HOH HOH A . 
B 2 HOH 97 2097 2097 HOH HOH A . 
B 2 HOH 98 2098 2098 HOH HOH A . 
# 
loop_
_pdbx_unobs_or_zero_occ_atoms.id 
_pdbx_unobs_or_zero_occ_atoms.PDB_model_num 
_pdbx_unobs_or_zero_occ_atoms.polymer_flag 
_pdbx_unobs_or_zero_occ_atoms.occupancy_flag 
_pdbx_unobs_or_zero_occ_atoms.auth_asym_id 
_pdbx_unobs_or_zero_occ_atoms.auth_comp_id 
_pdbx_unobs_or_zero_occ_atoms.auth_seq_id 
_pdbx_unobs_or_zero_occ_atoms.PDB_ins_code 
_pdbx_unobs_or_zero_occ_atoms.auth_atom_id 
_pdbx_unobs_or_zero_occ_atoms.label_alt_id 
_pdbx_unobs_or_zero_occ_atoms.label_asym_id 
_pdbx_unobs_or_zero_occ_atoms.label_comp_id 
_pdbx_unobs_or_zero_occ_atoms.label_seq_id 
_pdbx_unobs_or_zero_occ_atoms.label_atom_id 
1  1 Y 1 A GLU 143 ? CG  ? A GLU 56  CG  
2  1 Y 1 A GLU 143 ? CD  ? A GLU 56  CD  
3  1 Y 1 A GLU 143 ? OE1 ? A GLU 56  OE1 
4  1 Y 1 A GLU 143 ? OE2 ? A GLU 56  OE2 
5  1 Y 1 A ARG 219 ? CG  ? A ARG 132 CG  
6  1 Y 1 A ARG 219 ? CD  ? A ARG 132 CD  
7  1 Y 1 A ARG 219 ? NE  ? A ARG 132 NE  
8  1 Y 1 A ARG 219 ? CZ  ? A ARG 132 CZ  
9  1 Y 1 A ARG 219 ? NH1 ? A ARG 132 NH1 
10 1 Y 1 A ARG 219 ? NH2 ? A ARG 132 NH2 
11 1 Y 1 A THR 220 ? OG1 ? A THR 133 OG1 
12 1 Y 1 A THR 220 ? CG2 ? A THR 133 CG2 
13 1 Y 1 A LYS 222 ? CG  ? A LYS 135 CG  
14 1 Y 1 A LYS 222 ? CD  ? A LYS 135 CD  
15 1 Y 1 A LYS 222 ? CE  ? A LYS 135 CE  
16 1 Y 1 A LYS 222 ? NZ  ? A LYS 135 NZ  
# 
loop_
_software.name 
_software.classification 
_software.version 
_software.citation_id 
_software.pdbx_ordinal 
REFMAC refinement       5.2.0019 ? 1 
MOSFLM 'data reduction' .        ? 2 
SCALA  'data scaling'   .        ? 3 
SHELX  phasing          .        ? 4 
# 
_cell.entry_id           2VFY 
_cell.length_a           42.417 
_cell.length_b           42.417 
_cell.length_c           96.906 
_cell.angle_alpha        90.00 
_cell.angle_beta         90.00 
_cell.angle_gamma        120.00 
_cell.Z_PDB              3 
_cell.pdbx_unique_axis   ? 
# 
_symmetry.entry_id                         2VFY 
_symmetry.space_group_name_H-M             'P 31' 
_symmetry.pdbx_full_space_group_name_H-M   ? 
_symmetry.cell_setting                     ? 
_symmetry.Int_Tables_number                144 
# 
_exptl.entry_id          2VFY 
_exptl.method            'X-RAY DIFFRACTION' 
_exptl.crystals_number   1 
# 
_exptl_crystal.id                    1 
_exptl_crystal.density_meas          ? 
_exptl_crystal.density_Matthews      2.1 
_exptl_crystal.density_percent_sol   42 
_exptl_crystal.description           NONE 
# 
_exptl_crystal_grow.crystal_id      1 
_exptl_crystal_grow.method          ? 
_exptl_crystal_grow.temp            ? 
_exptl_crystal_grow.temp_details    ? 
_exptl_crystal_grow.pH              7.5 
_exptl_crystal_grow.pdbx_pH_range   ? 
_exptl_crystal_grow.pdbx_details    '0.1 M TRIS HCL PH 8, 10 % PEG 8K, 7 MM DTT' 
# 
_diffrn.id                     1 
_diffrn.ambient_temp           100 
_diffrn.ambient_temp_details   ? 
_diffrn.crystal_id             1 
# 
_diffrn_detector.diffrn_id              1 
_diffrn_detector.detector               CCD 
_diffrn_detector.type                   'ADSC CCD' 
_diffrn_detector.pdbx_collection_date   2005-11-30 
_diffrn_detector.details                MIRRORS 
# 
_diffrn_radiation.diffrn_id                        1 
_diffrn_radiation.wavelength_id                    1 
_diffrn_radiation.pdbx_monochromatic_or_laue_m_l   M 
_diffrn_radiation.monochromator                    SILICON 
_diffrn_radiation.pdbx_diffrn_protocol             'SINGLE WAVELENGTH' 
_diffrn_radiation.pdbx_scattering_type             x-ray 
# 
_diffrn_radiation_wavelength.id           1 
_diffrn_radiation_wavelength.wavelength   0.9794 
_diffrn_radiation_wavelength.wt           1.0 
# 
_diffrn_source.diffrn_id                   1 
_diffrn_source.source                      SYNCHROTRON 
_diffrn_source.type                        'ESRF BEAMLINE ID14-3' 
_diffrn_source.pdbx_synchrotron_site       ESRF 
_diffrn_source.pdbx_synchrotron_beamline   ID14-3 
_diffrn_source.pdbx_wavelength             0.9794 
_diffrn_source.pdbx_wavelength_list        ? 
# 
_reflns.pdbx_diffrn_id               1 
_reflns.pdbx_ordinal                 1 
_reflns.entry_id                     2VFY 
_reflns.observed_criterion_sigma_I   2.5 
_reflns.observed_criterion_sigma_F   ? 
_reflns.d_resolution_low             97.13 
_reflns.d_resolution_high            1.80 
_reflns.number_obs                   18073 
_reflns.number_all                   ? 
_reflns.percent_possible_obs         99.7 
_reflns.pdbx_Rmerge_I_obs            0.04 
_reflns.pdbx_Rsym_value              ? 
_reflns.pdbx_netI_over_sigmaI        17.70 
_reflns.B_iso_Wilson_estimate        ? 
_reflns.pdbx_redundancy              2.73 
# 
_reflns_shell.pdbx_diffrn_id         1 
_reflns_shell.pdbx_ordinal           1 
_reflns_shell.d_res_high             1.80 
_reflns_shell.d_res_low              1.85 
_reflns_shell.percent_possible_all   99.9 
_reflns_shell.Rmerge_I_obs           0.27 
_reflns_shell.pdbx_Rsym_value        ? 
_reflns_shell.meanI_over_sigI_obs    3.10 
_reflns_shell.pdbx_redundancy        2.71 
# 
_refine.pdbx_refine_id                           'X-RAY DIFFRACTION' 
_refine.entry_id                                 2VFY 
_refine.pdbx_diffrn_id                           1 
_refine.pdbx_TLS_residual_ADP_flag               ? 
_refine.ls_number_reflns_obs                     17152 
_refine.ls_number_reflns_all                     ? 
_refine.pdbx_ls_sigma_I                          ? 
_refine.pdbx_ls_sigma_F                          ? 
_refine.pdbx_data_cutoff_high_absF               ? 
_refine.pdbx_data_cutoff_low_absF                ? 
_refine.pdbx_data_cutoff_high_rms_absF           ? 
_refine.ls_d_res_low                             97.13 
_refine.ls_d_res_high                            1.80 
_refine.ls_percent_reflns_obs                    99.7 
_refine.ls_R_factor_obs                          0.207 
_refine.ls_R_factor_all                          ? 
_refine.ls_R_factor_R_work                       0.206 
_refine.ls_R_factor_R_free                       0.238 
_refine.ls_R_factor_R_free_error                 ? 
_refine.ls_R_factor_R_free_error_details         ? 
_refine.ls_percent_reflns_R_free                 5.100 
_refine.ls_number_reflns_R_free                  921 
_refine.ls_number_parameters                     ? 
_refine.ls_number_restraints                     ? 
_refine.occupancy_min                            ? 
_refine.occupancy_max                            ? 
_refine.correlation_coeff_Fo_to_Fc               0.950 
_refine.correlation_coeff_Fo_to_Fc_free          0.935 
_refine.B_iso_mean                               31.55 
_refine.aniso_B[1][1]                            0.53000 
_refine.aniso_B[2][2]                            0.53000 
_refine.aniso_B[3][3]                            -0.79000 
_refine.aniso_B[1][2]                            0.26000 
_refine.aniso_B[1][3]                            0.00000 
_refine.aniso_B[2][3]                            0.00000 
_refine.solvent_model_details                    MASK 
_refine.solvent_model_param_ksol                 ? 
_refine.solvent_model_param_bsol                 ? 
_refine.pdbx_solvent_vdw_probe_radii             1.40 
_refine.pdbx_solvent_ion_probe_radii             0.80 
_refine.pdbx_solvent_shrinkage_radii             0.80 
_refine.pdbx_ls_cross_valid_method               THROUGHOUT 
_refine.details                                  'HYDROGENS HAVE BEEN ADDED IN THE RIDING POSITIONS.' 
_refine.pdbx_starting_model                      NONE 
_refine.pdbx_method_to_determine_struct          SIRAS 
_refine.pdbx_isotropic_thermal_model             ? 
_refine.pdbx_stereochemistry_target_values       'MAXIMUM LIKELIHOOD' 
_refine.pdbx_stereochem_target_val_spec_case     ? 
_refine.pdbx_R_Free_selection_details            RANDOM 
_refine.pdbx_overall_ESU_R                       0.153 
_refine.pdbx_overall_ESU_R_Free                  0.137 
_refine.overall_SU_ML                            0.104 
_refine.pdbx_overall_phase_error                 ? 
_refine.overall_SU_B                             6.656 
_refine.overall_SU_R_Cruickshank_DPI             ? 
_refine.pdbx_overall_SU_R_free_Cruickshank_DPI   ? 
_refine.pdbx_overall_SU_R_Blow_DPI               ? 
_refine.pdbx_overall_SU_R_free_Blow_DPI          ? 
# 
_refine_hist.pdbx_refine_id                   'X-RAY DIFFRACTION' 
_refine_hist.cycle_id                         LAST 
_refine_hist.pdbx_number_atoms_protein        1600 
_refine_hist.pdbx_number_atoms_nucleic_acid   0 
_refine_hist.pdbx_number_atoms_ligand         0 
_refine_hist.number_atoms_solvent             98 
_refine_hist.number_atoms_total               1698 
_refine_hist.d_res_high                       1.80 
_refine_hist.d_res_low                        97.13 
# 
loop_
_refine_ls_restr.type 
_refine_ls_restr.dev_ideal 
_refine_ls_restr.dev_ideal_target 
_refine_ls_restr.weight 
_refine_ls_restr.number 
_refine_ls_restr.pdbx_refine_id 
_refine_ls_restr.pdbx_restraint_function 
r_bond_refined_d             0.010  0.022  ? 1636 'X-RAY DIFFRACTION' ? 
r_bond_other_d               ?      ?      ? ?    'X-RAY DIFFRACTION' ? 
r_angle_refined_deg          1.252  1.972  ? 2206 'X-RAY DIFFRACTION' ? 
r_angle_other_deg            ?      ?      ? ?    'X-RAY DIFFRACTION' ? 
r_dihedral_angle_1_deg       7.852  5.000  ? 204  'X-RAY DIFFRACTION' ? 
r_dihedral_angle_2_deg       33.609 25.000 ? 70   'X-RAY DIFFRACTION' ? 
r_dihedral_angle_3_deg       13.756 15.000 ? 305  'X-RAY DIFFRACTION' ? 
r_dihedral_angle_4_deg       21.005 15.000 ? 5    'X-RAY DIFFRACTION' ? 
r_chiral_restr               0.087  0.200  ? 249  'X-RAY DIFFRACTION' ? 
r_gen_planes_refined         0.006  0.020  ? 1202 'X-RAY DIFFRACTION' ? 
r_gen_planes_other           ?      ?      ? ?    'X-RAY DIFFRACTION' ? 
r_nbd_refined                0.191  0.200  ? 773  'X-RAY DIFFRACTION' ? 
r_nbd_other                  ?      ?      ? ?    'X-RAY DIFFRACTION' ? 
r_nbtor_refined              0.303  0.200  ? 1131 'X-RAY DIFFRACTION' ? 
r_nbtor_other                ?      ?      ? ?    'X-RAY DIFFRACTION' ? 
r_xyhbond_nbd_refined        0.145  0.200  ? 86   'X-RAY DIFFRACTION' ? 
r_xyhbond_nbd_other          ?      ?      ? ?    'X-RAY DIFFRACTION' ? 
r_metal_ion_refined          ?      ?      ? ?    'X-RAY DIFFRACTION' ? 
r_metal_ion_other            ?      ?      ? ?    'X-RAY DIFFRACTION' ? 
r_symmetry_vdw_refined       0.195  0.200  ? 52   'X-RAY DIFFRACTION' ? 
r_symmetry_vdw_other         ?      ?      ? ?    'X-RAY DIFFRACTION' ? 
r_symmetry_hbond_refined     0.165  0.200  ? 9    'X-RAY DIFFRACTION' ? 
r_symmetry_hbond_other       ?      ?      ? ?    'X-RAY DIFFRACTION' ? 
r_symmetry_metal_ion_refined ?      ?      ? ?    'X-RAY DIFFRACTION' ? 
r_symmetry_metal_ion_other   ?      ?      ? ?    'X-RAY DIFFRACTION' ? 
r_mcbond_it                  1.020  1.500  ? 1045 'X-RAY DIFFRACTION' ? 
r_mcbond_other               ?      ?      ? ?    'X-RAY DIFFRACTION' ? 
r_mcangle_it                 1.077  2.000  ? 1621 'X-RAY DIFFRACTION' ? 
r_mcangle_other              ?      ?      ? ?    'X-RAY DIFFRACTION' ? 
r_scbond_it                  1.977  3.000  ? 668  'X-RAY DIFFRACTION' ? 
r_scbond_other               ?      ?      ? ?    'X-RAY DIFFRACTION' ? 
r_scangle_it                 3.095  4.500  ? 584  'X-RAY DIFFRACTION' ? 
r_scangle_other              ?      ?      ? ?    'X-RAY DIFFRACTION' ? 
r_long_range_B_refined       ?      ?      ? ?    'X-RAY DIFFRACTION' ? 
r_long_range_B_other         ?      ?      ? ?    'X-RAY DIFFRACTION' ? 
r_rigid_bond_restr           ?      ?      ? ?    'X-RAY DIFFRACTION' ? 
r_sphericity_free            ?      ?      ? ?    'X-RAY DIFFRACTION' ? 
r_sphericity_bonded          ?      ?      ? ?    'X-RAY DIFFRACTION' ? 
# 
_refine_ls_shell.pdbx_refine_id                   'X-RAY DIFFRACTION' 
_refine_ls_shell.pdbx_total_number_of_bins_used   20 
_refine_ls_shell.d_res_high                       1.80 
_refine_ls_shell.d_res_low                        1.85 
_refine_ls_shell.number_reflns_R_work             1285 
_refine_ls_shell.R_factor_R_work                  0.3070 
_refine_ls_shell.percent_reflns_obs               ? 
_refine_ls_shell.R_factor_R_free                  0.3180 
_refine_ls_shell.R_factor_R_free_error            ? 
_refine_ls_shell.percent_reflns_R_free            ? 
_refine_ls_shell.number_reflns_R_free             82 
_refine_ls_shell.number_reflns_all                ? 
_refine_ls_shell.R_factor_all                     ? 
# 
_struct.entry_id                  2VFY 
_struct.title                     'AKAP18 delta central domain' 
_struct.pdbx_model_details        ? 
_struct.pdbx_CASP_flag            ? 
_struct.pdbx_model_type_details   ? 
# 
_struct_keywords.entry_id        2VFY 
_struct_keywords.pdbx_keywords   HYDROLASE 
_struct_keywords.text            'APO, HYDROLASE' 
# 
loop_
_struct_asym.id 
_struct_asym.pdbx_blank_PDB_chainid_flag 
_struct_asym.pdbx_modified 
_struct_asym.entity_id 
_struct_asym.details 
A N N 1 ? 
B N N 2 ? 
# 
_struct_ref.id                         1 
_struct_ref.db_name                    PDB 
_struct_ref.db_code                    2VFY 
_struct_ref.entity_id                  1 
_struct_ref.pdbx_seq_one_letter_code   ? 
_struct_ref.pdbx_align_begin           ? 
_struct_ref.pdbx_db_accession          2VFY 
_struct_ref.pdbx_db_isoform            ? 
# 
_struct_ref_seq.align_id                      1 
_struct_ref_seq.ref_id                        1 
_struct_ref_seq.pdbx_PDB_id_code              2VFY 
_struct_ref_seq.pdbx_strand_id                A 
_struct_ref_seq.seq_align_beg                 1 
_struct_ref_seq.pdbx_seq_align_beg_ins_code   ? 
_struct_ref_seq.seq_align_end                 205 
_struct_ref_seq.pdbx_seq_align_end_ins_code   ? 
_struct_ref_seq.pdbx_db_accession             2VFY 
_struct_ref_seq.db_align_beg                  88 
_struct_ref_seq.pdbx_db_align_beg_ins_code    ? 
_struct_ref_seq.db_align_end                  292 
_struct_ref_seq.pdbx_db_align_end_ins_code    ? 
_struct_ref_seq.pdbx_auth_seq_align_beg       88 
_struct_ref_seq.pdbx_auth_seq_align_end       292 
# 
_pdbx_struct_assembly.id                   1 
_pdbx_struct_assembly.details              author_and_software_defined_assembly 
_pdbx_struct_assembly.method_details       PQS 
_pdbx_struct_assembly.oligomeric_details   monomeric 
_pdbx_struct_assembly.oligomeric_count     1 
# 
_pdbx_struct_assembly_gen.assembly_id       1 
_pdbx_struct_assembly_gen.oper_expression   1 
_pdbx_struct_assembly_gen.asym_id_list      A,B 
# 
_pdbx_struct_oper_list.id                   1 
_pdbx_struct_oper_list.type                 'identity operation' 
_pdbx_struct_oper_list.name                 1_555 
_pdbx_struct_oper_list.symmetry_operation   x,y,z 
_pdbx_struct_oper_list.matrix[1][1]         1.0000000000 
_pdbx_struct_oper_list.matrix[1][2]         0.0000000000 
_pdbx_struct_oper_list.matrix[1][3]         0.0000000000 
_pdbx_struct_oper_list.vector[1]            0.0000000000 
_pdbx_struct_oper_list.matrix[2][1]         0.0000000000 
_pdbx_struct_oper_list.matrix[2][2]         1.0000000000 
_pdbx_struct_oper_list.matrix[2][3]         0.0000000000 
_pdbx_struct_oper_list.vector[2]            0.0000000000 
_pdbx_struct_oper_list.matrix[3][1]         0.0000000000 
_pdbx_struct_oper_list.matrix[3][2]         0.0000000000 
_pdbx_struct_oper_list.matrix[3][3]         1.0000000000 
_pdbx_struct_oper_list.vector[3]            0.0000000000 
# 
_struct_biol.id   1 
# 
loop_
_struct_conf.conf_type_id 
_struct_conf.id 
_struct_conf.pdbx_PDB_helix_id 
_struct_conf.beg_label_comp_id 
_struct_conf.beg_label_asym_id 
_struct_conf.beg_label_seq_id 
_struct_conf.pdbx_beg_PDB_ins_code 
_struct_conf.end_label_comp_id 
_struct_conf.end_label_asym_id 
_struct_conf.end_label_seq_id 
_struct_conf.pdbx_end_PDB_ins_code 
_struct_conf.beg_auth_comp_id 
_struct_conf.beg_auth_asym_id 
_struct_conf.beg_auth_seq_id 
_struct_conf.end_auth_comp_id 
_struct_conf.end_auth_asym_id 
_struct_conf.end_auth_seq_id 
_struct_conf.pdbx_PDB_helix_class 
_struct_conf.details 
_struct_conf.pdbx_PDB_helix_length 
HELX_P HELX_P1 1 ASN A 13  ? ASP A 31  ? ASN A 100 ASP A 118 1 ? 19 
HELX_P HELX_P2 2 ASN A 32  ? ALA A 37  ? ASN A 119 ALA A 124 5 ? 6  
HELX_P HELX_P3 3 ASN A 55  ? GLU A 78  ? ASN A 142 GLU A 165 1 ? 24 
HELX_P HELX_P4 4 GLY A 104 ? GLU A 123 ? GLY A 191 GLU A 210 1 ? 20 
HELX_P HELX_P5 5 SER A 144 ? ALA A 146 ? SER A 231 ALA A 233 5 ? 3  
HELX_P HELX_P6 6 PRO A 147 ? LYS A 152 ? PRO A 234 LYS A 239 1 ? 6  
HELX_P HELX_P7 7 GLU A 158 ? ILE A 166 ? GLU A 245 ILE A 253 5 ? 9  
# 
_struct_conf_type.id          HELX_P 
_struct_conf_type.criteria    ? 
_struct_conf_type.reference   ? 
# 
loop_
_struct_sheet.id 
_struct_sheet.type 
_struct_sheet.number_strands 
_struct_sheet.details 
AA ? 4 ? 
AB ? 4 ? 
# 
loop_
_struct_sheet_order.sheet_id 
_struct_sheet_order.range_id_1 
_struct_sheet_order.range_id_2 
_struct_sheet_order.offset 
_struct_sheet_order.sense 
AA 1 2 ? anti-parallel 
AA 2 3 ? anti-parallel 
AA 3 4 ? anti-parallel 
AB 1 2 ? anti-parallel 
AB 2 3 ? anti-parallel 
AB 3 4 ? anti-parallel 
# 
loop_
_struct_sheet_range.sheet_id 
_struct_sheet_range.id 
_struct_sheet_range.beg_label_comp_id 
_struct_sheet_range.beg_label_asym_id 
_struct_sheet_range.beg_label_seq_id 
_struct_sheet_range.pdbx_beg_PDB_ins_code 
_struct_sheet_range.end_label_comp_id 
_struct_sheet_range.end_label_asym_id 
_struct_sheet_range.end_label_seq_id 
_struct_sheet_range.pdbx_end_PDB_ins_code 
_struct_sheet_range.beg_auth_comp_id 
_struct_sheet_range.beg_auth_asym_id 
_struct_sheet_range.beg_auth_seq_id 
_struct_sheet_range.end_auth_comp_id 
_struct_sheet_range.end_auth_asym_id 
_struct_sheet_range.end_auth_seq_id 
AA 1 HIS A 45  ? MET A 51  ? HIS A 132 MET A 138 
AA 2 TYR A 5   ? PRO A 10  ? TYR A 92  PRO A 97  
AA 3 GLN A 177 ? SER A 182 ? GLN A 264 SER A 269 
AA 4 HIS A 194 ? VAL A 200 ? HIS A 281 VAL A 287 
AB 1 HIS A 137 ? LYS A 142 ? HIS A 224 LYS A 229 
AB 2 VAL A 96  ? LEU A 101 ? VAL A 183 LEU A 188 
AB 3 THR A 83  ? PHE A 92  ? THR A 170 PHE A 179 
AB 4 ARG A 169 ? ILE A 174 ? ARG A 256 ILE A 261 
# 
loop_
_pdbx_struct_sheet_hbond.sheet_id 
_pdbx_struct_sheet_hbond.range_id_1 
_pdbx_struct_sheet_hbond.range_id_2 
_pdbx_struct_sheet_hbond.range_1_label_atom_id 
_pdbx_struct_sheet_hbond.range_1_label_comp_id 
_pdbx_struct_sheet_hbond.range_1_label_asym_id 
_pdbx_struct_sheet_hbond.range_1_label_seq_id 
_pdbx_struct_sheet_hbond.range_1_PDB_ins_code 
_pdbx_struct_sheet_hbond.range_1_auth_atom_id 
_pdbx_struct_sheet_hbond.range_1_auth_comp_id 
_pdbx_struct_sheet_hbond.range_1_auth_asym_id 
_pdbx_struct_sheet_hbond.range_1_auth_seq_id 
_pdbx_struct_sheet_hbond.range_2_label_atom_id 
_pdbx_struct_sheet_hbond.range_2_label_comp_id 
_pdbx_struct_sheet_hbond.range_2_label_asym_id 
_pdbx_struct_sheet_hbond.range_2_label_seq_id 
_pdbx_struct_sheet_hbond.range_2_PDB_ins_code 
_pdbx_struct_sheet_hbond.range_2_auth_atom_id 
_pdbx_struct_sheet_hbond.range_2_auth_comp_id 
_pdbx_struct_sheet_hbond.range_2_auth_asym_id 
_pdbx_struct_sheet_hbond.range_2_auth_seq_id 
AA 1 2 N MET A 51  ? N MET A 138 O TYR A 5   ? O TYR A 92  
AA 2 3 N SER A 8   ? N SER A 95  O ASP A 179 ? O ASP A 266 
AA 3 4 N SER A 182 ? N SER A 269 O HIS A 194 ? O HIS A 281 
AB 1 2 N PHE A 140 ? N PHE A 227 O GLY A 97  ? O GLY A 184 
AB 2 3 O LYS A 100 ? O LYS A 187 N HIS A 87  ? N HIS A 174 
AB 3 4 O PHE A 86  ? O PHE A 173 N PHE A 170 ? N PHE A 257 
# 
_pdbx_validate_close_contact.id               1 
_pdbx_validate_close_contact.PDB_model_num    1 
_pdbx_validate_close_contact.auth_atom_id_1   OE1 
_pdbx_validate_close_contact.auth_asym_id_1   A 
_pdbx_validate_close_contact.auth_comp_id_1   GLU 
_pdbx_validate_close_contact.auth_seq_id_1    202 
_pdbx_validate_close_contact.PDB_ins_code_1   ? 
_pdbx_validate_close_contact.label_alt_id_1   ? 
_pdbx_validate_close_contact.auth_atom_id_2   O 
_pdbx_validate_close_contact.auth_asym_id_2   A 
_pdbx_validate_close_contact.auth_comp_id_2   HOH 
_pdbx_validate_close_contact.auth_seq_id_2    2054 
_pdbx_validate_close_contact.PDB_ins_code_2   ? 
_pdbx_validate_close_contact.label_alt_id_2   ? 
_pdbx_validate_close_contact.dist             2.18 
# 
loop_
_pdbx_validate_torsion.id 
_pdbx_validate_torsion.PDB_model_num 
_pdbx_validate_torsion.auth_comp_id 
_pdbx_validate_torsion.auth_asym_id 
_pdbx_validate_torsion.auth_seq_id 
_pdbx_validate_torsion.PDB_ins_code 
_pdbx_validate_torsion.label_alt_id 
_pdbx_validate_torsion.phi 
_pdbx_validate_torsion.psi 
1 1 LYS A 238 ? ? -48.65  -17.73 
2 1 TYR A 263 ? ? -148.05 -71.89 
3 1 ILE A 288 ? ? -97.55  -62.10 
# 
loop_
_pdbx_validate_peptide_omega.id 
_pdbx_validate_peptide_omega.PDB_model_num 
_pdbx_validate_peptide_omega.auth_comp_id_1 
_pdbx_validate_peptide_omega.auth_asym_id_1 
_pdbx_validate_peptide_omega.auth_seq_id_1 
_pdbx_validate_peptide_omega.PDB_ins_code_1 
_pdbx_validate_peptide_omega.label_alt_id_1 
_pdbx_validate_peptide_omega.auth_comp_id_2 
_pdbx_validate_peptide_omega.auth_asym_id_2 
_pdbx_validate_peptide_omega.auth_seq_id_2 
_pdbx_validate_peptide_omega.PDB_ins_code_2 
_pdbx_validate_peptide_omega.label_alt_id_2 
_pdbx_validate_peptide_omega.omega 
1 1 ILE A 288 ? ? GLY A 289 ? ? 137.17 
2 1 GLY A 289 ? ? GLU A 290 ? ? 65.89  
# 
_pdbx_validate_main_chain_plane.id                       1 
_pdbx_validate_main_chain_plane.PDB_model_num            1 
_pdbx_validate_main_chain_plane.auth_comp_id             GLY 
_pdbx_validate_main_chain_plane.auth_asym_id             A 
_pdbx_validate_main_chain_plane.auth_seq_id              289 
_pdbx_validate_main_chain_plane.PDB_ins_code             ? 
_pdbx_validate_main_chain_plane.label_alt_id             ? 
_pdbx_validate_main_chain_plane.improper_torsion_angle   -10.28 
# 
loop_
_pdbx_unobs_or_zero_occ_residues.id 
_pdbx_unobs_or_zero_occ_residues.PDB_model_num 
_pdbx_unobs_or_zero_occ_residues.polymer_flag 
_pdbx_unobs_or_zero_occ_residues.occupancy_flag 
_pdbx_unobs_or_zero_occ_residues.auth_asym_id 
_pdbx_unobs_or_zero_occ_residues.auth_comp_id 
_pdbx_unobs_or_zero_occ_residues.auth_seq_id 
_pdbx_unobs_or_zero_occ_residues.PDB_ins_code 
_pdbx_unobs_or_zero_occ_residues.label_asym_id 
_pdbx_unobs_or_zero_occ_residues.label_comp_id 
_pdbx_unobs_or_zero_occ_residues.label_seq_id 
1 1 Y 1 A LYS 291 ? A LYS 204 
2 1 Y 1 A ASP 292 ? A ASP 205 
# 
loop_
_chem_comp_atom.comp_id 
_chem_comp_atom.atom_id 
_chem_comp_atom.type_symbol 
_chem_comp_atom.pdbx_aromatic_flag 
_chem_comp_atom.pdbx_stereo_config 
_chem_comp_atom.pdbx_ordinal 
ALA N    N N N 1   
ALA CA   C N S 2   
ALA C    C N N 3   
ALA O    O N N 4   
ALA CB   C N N 5   
ALA OXT  O N N 6   
ALA H    H N N 7   
ALA H2   H N N 8   
ALA HA   H N N 9   
ALA HB1  H N N 10  
ALA HB2  H N N 11  
ALA HB3  H N N 12  
ALA HXT  H N N 13  
ARG N    N N N 14  
ARG CA   C N S 15  
ARG C    C N N 16  
ARG O    O N N 17  
ARG CB   C N N 18  
ARG CG   C N N 19  
ARG CD   C N N 20  
ARG NE   N N N 21  
ARG CZ   C N N 22  
ARG NH1  N N N 23  
ARG NH2  N N N 24  
ARG OXT  O N N 25  
ARG H    H N N 26  
ARG H2   H N N 27  
ARG HA   H N N 28  
ARG HB2  H N N 29  
ARG HB3  H N N 30  
ARG HG2  H N N 31  
ARG HG3  H N N 32  
ARG HD2  H N N 33  
ARG HD3  H N N 34  
ARG HE   H N N 35  
ARG HH11 H N N 36  
ARG HH12 H N N 37  
ARG HH21 H N N 38  
ARG HH22 H N N 39  
ARG HXT  H N N 40  
ASN N    N N N 41  
ASN CA   C N S 42  
ASN C    C N N 43  
ASN O    O N N 44  
ASN CB   C N N 45  
ASN CG   C N N 46  
ASN OD1  O N N 47  
ASN ND2  N N N 48  
ASN OXT  O N N 49  
ASN H    H N N 50  
ASN H2   H N N 51  
ASN HA   H N N 52  
ASN HB2  H N N 53  
ASN HB3  H N N 54  
ASN HD21 H N N 55  
ASN HD22 H N N 56  
ASN HXT  H N N 57  
ASP N    N N N 58  
ASP CA   C N S 59  
ASP C    C N N 60  
ASP O    O N N 61  
ASP CB   C N N 62  
ASP CG   C N N 63  
ASP OD1  O N N 64  
ASP OD2  O N N 65  
ASP OXT  O N N 66  
ASP H    H N N 67  
ASP H2   H N N 68  
ASP HA   H N N 69  
ASP HB2  H N N 70  
ASP HB3  H N N 71  
ASP HD2  H N N 72  
ASP HXT  H N N 73  
CYS N    N N N 74  
CYS CA   C N R 75  
CYS C    C N N 76  
CYS O    O N N 77  
CYS CB   C N N 78  
CYS SG   S N N 79  
CYS OXT  O N N 80  
CYS H    H N N 81  
CYS H2   H N N 82  
CYS HA   H N N 83  
CYS HB2  H N N 84  
CYS HB3  H N N 85  
CYS HG   H N N 86  
CYS HXT  H N N 87  
GLN N    N N N 88  
GLN CA   C N S 89  
GLN C    C N N 90  
GLN O    O N N 91  
GLN CB   C N N 92  
GLN CG   C N N 93  
GLN CD   C N N 94  
GLN OE1  O N N 95  
GLN NE2  N N N 96  
GLN OXT  O N N 97  
GLN H    H N N 98  
GLN H2   H N N 99  
GLN HA   H N N 100 
GLN HB2  H N N 101 
GLN HB3  H N N 102 
GLN HG2  H N N 103 
GLN HG3  H N N 104 
GLN HE21 H N N 105 
GLN HE22 H N N 106 
GLN HXT  H N N 107 
GLU N    N N N 108 
GLU CA   C N S 109 
GLU C    C N N 110 
GLU O    O N N 111 
GLU CB   C N N 112 
GLU CG   C N N 113 
GLU CD   C N N 114 
GLU OE1  O N N 115 
GLU OE2  O N N 116 
GLU OXT  O N N 117 
GLU H    H N N 118 
GLU H2   H N N 119 
GLU HA   H N N 120 
GLU HB2  H N N 121 
GLU HB3  H N N 122 
GLU HG2  H N N 123 
GLU HG3  H N N 124 
GLU HE2  H N N 125 
GLU HXT  H N N 126 
GLY N    N N N 127 
GLY CA   C N N 128 
GLY C    C N N 129 
GLY O    O N N 130 
GLY OXT  O N N 131 
GLY H    H N N 132 
GLY H2   H N N 133 
GLY HA2  H N N 134 
GLY HA3  H N N 135 
GLY HXT  H N N 136 
HIS N    N N N 137 
HIS CA   C N S 138 
HIS C    C N N 139 
HIS O    O N N 140 
HIS CB   C N N 141 
HIS CG   C Y N 142 
HIS ND1  N Y N 143 
HIS CD2  C Y N 144 
HIS CE1  C Y N 145 
HIS NE2  N Y N 146 
HIS OXT  O N N 147 
HIS H    H N N 148 
HIS H2   H N N 149 
HIS HA   H N N 150 
HIS HB2  H N N 151 
HIS HB3  H N N 152 
HIS HD1  H N N 153 
HIS HD2  H N N 154 
HIS HE1  H N N 155 
HIS HE2  H N N 156 
HIS HXT  H N N 157 
HOH O    O N N 158 
HOH H1   H N N 159 
HOH H2   H N N 160 
ILE N    N N N 161 
ILE CA   C N S 162 
ILE C    C N N 163 
ILE O    O N N 164 
ILE CB   C N S 165 
ILE CG1  C N N 166 
ILE CG2  C N N 167 
ILE CD1  C N N 168 
ILE OXT  O N N 169 
ILE H    H N N 170 
ILE H2   H N N 171 
ILE HA   H N N 172 
ILE HB   H N N 173 
ILE HG12 H N N 174 
ILE HG13 H N N 175 
ILE HG21 H N N 176 
ILE HG22 H N N 177 
ILE HG23 H N N 178 
ILE HD11 H N N 179 
ILE HD12 H N N 180 
ILE HD13 H N N 181 
ILE HXT  H N N 182 
LEU N    N N N 183 
LEU CA   C N S 184 
LEU C    C N N 185 
LEU O    O N N 186 
LEU CB   C N N 187 
LEU CG   C N N 188 
LEU CD1  C N N 189 
LEU CD2  C N N 190 
LEU OXT  O N N 191 
LEU H    H N N 192 
LEU H2   H N N 193 
LEU HA   H N N 194 
LEU HB2  H N N 195 
LEU HB3  H N N 196 
LEU HG   H N N 197 
LEU HD11 H N N 198 
LEU HD12 H N N 199 
LEU HD13 H N N 200 
LEU HD21 H N N 201 
LEU HD22 H N N 202 
LEU HD23 H N N 203 
LEU HXT  H N N 204 
LYS N    N N N 205 
LYS CA   C N S 206 
LYS C    C N N 207 
LYS O    O N N 208 
LYS CB   C N N 209 
LYS CG   C N N 210 
LYS CD   C N N 211 
LYS CE   C N N 212 
LYS NZ   N N N 213 
LYS OXT  O N N 214 
LYS H    H N N 215 
LYS H2   H N N 216 
LYS HA   H N N 217 
LYS HB2  H N N 218 
LYS HB3  H N N 219 
LYS HG2  H N N 220 
LYS HG3  H N N 221 
LYS HD2  H N N 222 
LYS HD3  H N N 223 
LYS HE2  H N N 224 
LYS HE3  H N N 225 
LYS HZ1  H N N 226 
LYS HZ2  H N N 227 
LYS HZ3  H N N 228 
LYS HXT  H N N 229 
MET N    N N N 230 
MET CA   C N S 231 
MET C    C N N 232 
MET O    O N N 233 
MET CB   C N N 234 
MET CG   C N N 235 
MET SD   S N N 236 
MET CE   C N N 237 
MET OXT  O N N 238 
MET H    H N N 239 
MET H2   H N N 240 
MET HA   H N N 241 
MET HB2  H N N 242 
MET HB3  H N N 243 
MET HG2  H N N 244 
MET HG3  H N N 245 
MET HE1  H N N 246 
MET HE2  H N N 247 
MET HE3  H N N 248 
MET HXT  H N N 249 
PHE N    N N N 250 
PHE CA   C N S 251 
PHE C    C N N 252 
PHE O    O N N 253 
PHE CB   C N N 254 
PHE CG   C Y N 255 
PHE CD1  C Y N 256 
PHE CD2  C Y N 257 
PHE CE1  C Y N 258 
PHE CE2  C Y N 259 
PHE CZ   C Y N 260 
PHE OXT  O N N 261 
PHE H    H N N 262 
PHE H2   H N N 263 
PHE HA   H N N 264 
PHE HB2  H N N 265 
PHE HB3  H N N 266 
PHE HD1  H N N 267 
PHE HD2  H N N 268 
PHE HE1  H N N 269 
PHE HE2  H N N 270 
PHE HZ   H N N 271 
PHE HXT  H N N 272 
PRO N    N N N 273 
PRO CA   C N S 274 
PRO C    C N N 275 
PRO O    O N N 276 
PRO CB   C N N 277 
PRO CG   C N N 278 
PRO CD   C N N 279 
PRO OXT  O N N 280 
PRO H    H N N 281 
PRO HA   H N N 282 
PRO HB2  H N N 283 
PRO HB3  H N N 284 
PRO HG2  H N N 285 
PRO HG3  H N N 286 
PRO HD2  H N N 287 
PRO HD3  H N N 288 
PRO HXT  H N N 289 
SER N    N N N 290 
SER CA   C N S 291 
SER C    C N N 292 
SER O    O N N 293 
SER CB   C N N 294 
SER OG   O N N 295 
SER OXT  O N N 296 
SER H    H N N 297 
SER H2   H N N 298 
SER HA   H N N 299 
SER HB2  H N N 300 
SER HB3  H N N 301 
SER HG   H N N 302 
SER HXT  H N N 303 
THR N    N N N 304 
THR CA   C N S 305 
THR C    C N N 306 
THR O    O N N 307 
THR CB   C N R 308 
THR OG1  O N N 309 
THR CG2  C N N 310 
THR OXT  O N N 311 
THR H    H N N 312 
THR H2   H N N 313 
THR HA   H N N 314 
THR HB   H N N 315 
THR HG1  H N N 316 
THR HG21 H N N 317 
THR HG22 H N N 318 
THR HG23 H N N 319 
THR HXT  H N N 320 
TRP N    N N N 321 
TRP CA   C N S 322 
TRP C    C N N 323 
TRP O    O N N 324 
TRP CB   C N N 325 
TRP CG   C Y N 326 
TRP CD1  C Y N 327 
TRP CD2  C Y N 328 
TRP NE1  N Y N 329 
TRP CE2  C Y N 330 
TRP CE3  C Y N 331 
TRP CZ2  C Y N 332 
TRP CZ3  C Y N 333 
TRP CH2  C Y N 334 
TRP OXT  O N N 335 
TRP H    H N N 336 
TRP H2   H N N 337 
TRP HA   H N N 338 
TRP HB2  H N N 339 
TRP HB3  H N N 340 
TRP HD1  H N N 341 
TRP HE1  H N N 342 
TRP HE3  H N N 343 
TRP HZ2  H N N 344 
TRP HZ3  H N N 345 
TRP HH2  H N N 346 
TRP HXT  H N N 347 
TYR N    N N N 348 
TYR CA   C N S 349 
TYR C    C N N 350 
TYR O    O N N 351 
TYR CB   C N N 352 
TYR CG   C Y N 353 
TYR CD1  C Y N 354 
TYR CD2  C Y N 355 
TYR CE1  C Y N 356 
TYR CE2  C Y N 357 
TYR CZ   C Y N 358 
TYR OH   O N N 359 
TYR OXT  O N N 360 
TYR H    H N N 361 
TYR H2   H N N 362 
TYR HA   H N N 363 
TYR HB2  H N N 364 
TYR HB3  H N N 365 
TYR HD1  H N N 366 
TYR HD2  H N N 367 
TYR HE1  H N N 368 
TYR HE2  H N N 369 
TYR HH   H N N 370 
TYR HXT  H N N 371 
VAL N    N N N 372 
VAL CA   C N S 373 
VAL C    C N N 374 
VAL O    O N N 375 
VAL CB   C N N 376 
VAL CG1  C N N 377 
VAL CG2  C N N 378 
VAL OXT  O N N 379 
VAL H    H N N 380 
VAL H2   H N N 381 
VAL HA   H N N 382 
VAL HB   H N N 383 
VAL HG11 H N N 384 
VAL HG12 H N N 385 
VAL HG13 H N N 386 
VAL HG21 H N N 387 
VAL HG22 H N N 388 
VAL HG23 H N N 389 
VAL HXT  H N N 390 
# 
loop_
_chem_comp_bond.comp_id 
_chem_comp_bond.atom_id_1 
_chem_comp_bond.atom_id_2 
_chem_comp_bond.value_order 
_chem_comp_bond.pdbx_aromatic_flag 
_chem_comp_bond.pdbx_stereo_config 
_chem_comp_bond.pdbx_ordinal 
ALA N   CA   sing N N 1   
ALA N   H    sing N N 2   
ALA N   H2   sing N N 3   
ALA CA  C    sing N N 4   
ALA CA  CB   sing N N 5   
ALA CA  HA   sing N N 6   
ALA C   O    doub N N 7   
ALA C   OXT  sing N N 8   
ALA CB  HB1  sing N N 9   
ALA CB  HB2  sing N N 10  
ALA CB  HB3  sing N N 11  
ALA OXT HXT  sing N N 12  
ARG N   CA   sing N N 13  
ARG N   H    sing N N 14  
ARG N   H2   sing N N 15  
ARG CA  C    sing N N 16  
ARG CA  CB   sing N N 17  
ARG CA  HA   sing N N 18  
ARG C   O    doub N N 19  
ARG C   OXT  sing N N 20  
ARG CB  CG   sing N N 21  
ARG CB  HB2  sing N N 22  
ARG CB  HB3  sing N N 23  
ARG CG  CD   sing N N 24  
ARG CG  HG2  sing N N 25  
ARG CG  HG3  sing N N 26  
ARG CD  NE   sing N N 27  
ARG CD  HD2  sing N N 28  
ARG CD  HD3  sing N N 29  
ARG NE  CZ   sing N N 30  
ARG NE  HE   sing N N 31  
ARG CZ  NH1  sing N N 32  
ARG CZ  NH2  doub N N 33  
ARG NH1 HH11 sing N N 34  
ARG NH1 HH12 sing N N 35  
ARG NH2 HH21 sing N N 36  
ARG NH2 HH22 sing N N 37  
ARG OXT HXT  sing N N 38  
ASN N   CA   sing N N 39  
ASN N   H    sing N N 40  
ASN N   H2   sing N N 41  
ASN CA  C    sing N N 42  
ASN CA  CB   sing N N 43  
ASN CA  HA   sing N N 44  
ASN C   O    doub N N 45  
ASN C   OXT  sing N N 46  
ASN CB  CG   sing N N 47  
ASN CB  HB2  sing N N 48  
ASN CB  HB3  sing N N 49  
ASN CG  OD1  doub N N 50  
ASN CG  ND2  sing N N 51  
ASN ND2 HD21 sing N N 52  
ASN ND2 HD22 sing N N 53  
ASN OXT HXT  sing N N 54  
ASP N   CA   sing N N 55  
ASP N   H    sing N N 56  
ASP N   H2   sing N N 57  
ASP CA  C    sing N N 58  
ASP CA  CB   sing N N 59  
ASP CA  HA   sing N N 60  
ASP C   O    doub N N 61  
ASP C   OXT  sing N N 62  
ASP CB  CG   sing N N 63  
ASP CB  HB2  sing N N 64  
ASP CB  HB3  sing N N 65  
ASP CG  OD1  doub N N 66  
ASP CG  OD2  sing N N 67  
ASP OD2 HD2  sing N N 68  
ASP OXT HXT  sing N N 69  
CYS N   CA   sing N N 70  
CYS N   H    sing N N 71  
CYS N   H2   sing N N 72  
CYS CA  C    sing N N 73  
CYS CA  CB   sing N N 74  
CYS CA  HA   sing N N 75  
CYS C   O    doub N N 76  
CYS C   OXT  sing N N 77  
CYS CB  SG   sing N N 78  
CYS CB  HB2  sing N N 79  
CYS CB  HB3  sing N N 80  
CYS SG  HG   sing N N 81  
CYS OXT HXT  sing N N 82  
GLN N   CA   sing N N 83  
GLN N   H    sing N N 84  
GLN N   H2   sing N N 85  
GLN CA  C    sing N N 86  
GLN CA  CB   sing N N 87  
GLN CA  HA   sing N N 88  
GLN C   O    doub N N 89  
GLN C   OXT  sing N N 90  
GLN CB  CG   sing N N 91  
GLN CB  HB2  sing N N 92  
GLN CB  HB3  sing N N 93  
GLN CG  CD   sing N N 94  
GLN CG  HG2  sing N N 95  
GLN CG  HG3  sing N N 96  
GLN CD  OE1  doub N N 97  
GLN CD  NE2  sing N N 98  
GLN NE2 HE21 sing N N 99  
GLN NE2 HE22 sing N N 100 
GLN OXT HXT  sing N N 101 
GLU N   CA   sing N N 102 
GLU N   H    sing N N 103 
GLU N   H2   sing N N 104 
GLU CA  C    sing N N 105 
GLU CA  CB   sing N N 106 
GLU CA  HA   sing N N 107 
GLU C   O    doub N N 108 
GLU C   OXT  sing N N 109 
GLU CB  CG   sing N N 110 
GLU CB  HB2  sing N N 111 
GLU CB  HB3  sing N N 112 
GLU CG  CD   sing N N 113 
GLU CG  HG2  sing N N 114 
GLU CG  HG3  sing N N 115 
GLU CD  OE1  doub N N 116 
GLU CD  OE2  sing N N 117 
GLU OE2 HE2  sing N N 118 
GLU OXT HXT  sing N N 119 
GLY N   CA   sing N N 120 
GLY N   H    sing N N 121 
GLY N   H2   sing N N 122 
GLY CA  C    sing N N 123 
GLY CA  HA2  sing N N 124 
GLY CA  HA3  sing N N 125 
GLY C   O    doub N N 126 
GLY C   OXT  sing N N 127 
GLY OXT HXT  sing N N 128 
HIS N   CA   sing N N 129 
HIS N   H    sing N N 130 
HIS N   H2   sing N N 131 
HIS CA  C    sing N N 132 
HIS CA  CB   sing N N 133 
HIS CA  HA   sing N N 134 
HIS C   O    doub N N 135 
HIS C   OXT  sing N N 136 
HIS CB  CG   sing N N 137 
HIS CB  HB2  sing N N 138 
HIS CB  HB3  sing N N 139 
HIS CG  ND1  sing Y N 140 
HIS CG  CD2  doub Y N 141 
HIS ND1 CE1  doub Y N 142 
HIS ND1 HD1  sing N N 143 
HIS CD2 NE2  sing Y N 144 
HIS CD2 HD2  sing N N 145 
HIS CE1 NE2  sing Y N 146 
HIS CE1 HE1  sing N N 147 
HIS NE2 HE2  sing N N 148 
HIS OXT HXT  sing N N 149 
HOH O   H1   sing N N 150 
HOH O   H2   sing N N 151 
ILE N   CA   sing N N 152 
ILE N   H    sing N N 153 
ILE N   H2   sing N N 154 
ILE CA  C    sing N N 155 
ILE CA  CB   sing N N 156 
ILE CA  HA   sing N N 157 
ILE C   O    doub N N 158 
ILE C   OXT  sing N N 159 
ILE CB  CG1  sing N N 160 
ILE CB  CG2  sing N N 161 
ILE CB  HB   sing N N 162 
ILE CG1 CD1  sing N N 163 
ILE CG1 HG12 sing N N 164 
ILE CG1 HG13 sing N N 165 
ILE CG2 HG21 sing N N 166 
ILE CG2 HG22 sing N N 167 
ILE CG2 HG23 sing N N 168 
ILE CD1 HD11 sing N N 169 
ILE CD1 HD12 sing N N 170 
ILE CD1 HD13 sing N N 171 
ILE OXT HXT  sing N N 172 
LEU N   CA   sing N N 173 
LEU N   H    sing N N 174 
LEU N   H2   sing N N 175 
LEU CA  C    sing N N 176 
LEU CA  CB   sing N N 177 
LEU CA  HA   sing N N 178 
LEU C   O    doub N N 179 
LEU C   OXT  sing N N 180 
LEU CB  CG   sing N N 181 
LEU CB  HB2  sing N N 182 
LEU CB  HB3  sing N N 183 
LEU CG  CD1  sing N N 184 
LEU CG  CD2  sing N N 185 
LEU CG  HG   sing N N 186 
LEU CD1 HD11 sing N N 187 
LEU CD1 HD12 sing N N 188 
LEU CD1 HD13 sing N N 189 
LEU CD2 HD21 sing N N 190 
LEU CD2 HD22 sing N N 191 
LEU CD2 HD23 sing N N 192 
LEU OXT HXT  sing N N 193 
LYS N   CA   sing N N 194 
LYS N   H    sing N N 195 
LYS N   H2   sing N N 196 
LYS CA  C    sing N N 197 
LYS CA  CB   sing N N 198 
LYS CA  HA   sing N N 199 
LYS C   O    doub N N 200 
LYS C   OXT  sing N N 201 
LYS CB  CG   sing N N 202 
LYS CB  HB2  sing N N 203 
LYS CB  HB3  sing N N 204 
LYS CG  CD   sing N N 205 
LYS CG  HG2  sing N N 206 
LYS CG  HG3  sing N N 207 
LYS CD  CE   sing N N 208 
LYS CD  HD2  sing N N 209 
LYS CD  HD3  sing N N 210 
LYS CE  NZ   sing N N 211 
LYS CE  HE2  sing N N 212 
LYS CE  HE3  sing N N 213 
LYS NZ  HZ1  sing N N 214 
LYS NZ  HZ2  sing N N 215 
LYS NZ  HZ3  sing N N 216 
LYS OXT HXT  sing N N 217 
MET N   CA   sing N N 218 
MET N   H    sing N N 219 
MET N   H2   sing N N 220 
MET CA  C    sing N N 221 
MET CA  CB   sing N N 222 
MET CA  HA   sing N N 223 
MET C   O    doub N N 224 
MET C   OXT  sing N N 225 
MET CB  CG   sing N N 226 
MET CB  HB2  sing N N 227 
MET CB  HB3  sing N N 228 
MET CG  SD   sing N N 229 
MET CG  HG2  sing N N 230 
MET CG  HG3  sing N N 231 
MET SD  CE   sing N N 232 
MET CE  HE1  sing N N 233 
MET CE  HE2  sing N N 234 
MET CE  HE3  sing N N 235 
MET OXT HXT  sing N N 236 
PHE N   CA   sing N N 237 
PHE N   H    sing N N 238 
PHE N   H2   sing N N 239 
PHE CA  C    sing N N 240 
PHE CA  CB   sing N N 241 
PHE CA  HA   sing N N 242 
PHE C   O    doub N N 243 
PHE C   OXT  sing N N 244 
PHE CB  CG   sing N N 245 
PHE CB  HB2  sing N N 246 
PHE CB  HB3  sing N N 247 
PHE CG  CD1  doub Y N 248 
PHE CG  CD2  sing Y N 249 
PHE CD1 CE1  sing Y N 250 
PHE CD1 HD1  sing N N 251 
PHE CD2 CE2  doub Y N 252 
PHE CD2 HD2  sing N N 253 
PHE CE1 CZ   doub Y N 254 
PHE CE1 HE1  sing N N 255 
PHE CE2 CZ   sing Y N 256 
PHE CE2 HE2  sing N N 257 
PHE CZ  HZ   sing N N 258 
PHE OXT HXT  sing N N 259 
PRO N   CA   sing N N 260 
PRO N   CD   sing N N 261 
PRO N   H    sing N N 262 
PRO CA  C    sing N N 263 
PRO CA  CB   sing N N 264 
PRO CA  HA   sing N N 265 
PRO C   O    doub N N 266 
PRO C   OXT  sing N N 267 
PRO CB  CG   sing N N 268 
PRO CB  HB2  sing N N 269 
PRO CB  HB3  sing N N 270 
PRO CG  CD   sing N N 271 
PRO CG  HG2  sing N N 272 
PRO CG  HG3  sing N N 273 
PRO CD  HD2  sing N N 274 
PRO CD  HD3  sing N N 275 
PRO OXT HXT  sing N N 276 
SER N   CA   sing N N 277 
SER N   H    sing N N 278 
SER N   H2   sing N N 279 
SER CA  C    sing N N 280 
SER CA  CB   sing N N 281 
SER CA  HA   sing N N 282 
SER C   O    doub N N 283 
SER C   OXT  sing N N 284 
SER CB  OG   sing N N 285 
SER CB  HB2  sing N N 286 
SER CB  HB3  sing N N 287 
SER OG  HG   sing N N 288 
SER OXT HXT  sing N N 289 
THR N   CA   sing N N 290 
THR N   H    sing N N 291 
THR N   H2   sing N N 292 
THR CA  C    sing N N 293 
THR CA  CB   sing N N 294 
THR CA  HA   sing N N 295 
THR C   O    doub N N 296 
THR C   OXT  sing N N 297 
THR CB  OG1  sing N N 298 
THR CB  CG2  sing N N 299 
THR CB  HB   sing N N 300 
THR OG1 HG1  sing N N 301 
THR CG2 HG21 sing N N 302 
THR CG2 HG22 sing N N 303 
THR CG2 HG23 sing N N 304 
THR OXT HXT  sing N N 305 
TRP N   CA   sing N N 306 
TRP N   H    sing N N 307 
TRP N   H2   sing N N 308 
TRP CA  C    sing N N 309 
TRP CA  CB   sing N N 310 
TRP CA  HA   sing N N 311 
TRP C   O    doub N N 312 
TRP C   OXT  sing N N 313 
TRP CB  CG   sing N N 314 
TRP CB  HB2  sing N N 315 
TRP CB  HB3  sing N N 316 
TRP CG  CD1  doub Y N 317 
TRP CG  CD2  sing Y N 318 
TRP CD1 NE1  sing Y N 319 
TRP CD1 HD1  sing N N 320 
TRP CD2 CE2  doub Y N 321 
TRP CD2 CE3  sing Y N 322 
TRP NE1 CE2  sing Y N 323 
TRP NE1 HE1  sing N N 324 
TRP CE2 CZ2  sing Y N 325 
TRP CE3 CZ3  doub Y N 326 
TRP CE3 HE3  sing N N 327 
TRP CZ2 CH2  doub Y N 328 
TRP CZ2 HZ2  sing N N 329 
TRP CZ3 CH2  sing Y N 330 
TRP CZ3 HZ3  sing N N 331 
TRP CH2 HH2  sing N N 332 
TRP OXT HXT  sing N N 333 
TYR N   CA   sing N N 334 
TYR N   H    sing N N 335 
TYR N   H2   sing N N 336 
TYR CA  C    sing N N 337 
TYR CA  CB   sing N N 338 
TYR CA  HA   sing N N 339 
TYR C   O    doub N N 340 
TYR C   OXT  sing N N 341 
TYR CB  CG   sing N N 342 
TYR CB  HB2  sing N N 343 
TYR CB  HB3  sing N N 344 
TYR CG  CD1  doub Y N 345 
TYR CG  CD2  sing Y N 346 
TYR CD1 CE1  sing Y N 347 
TYR CD1 HD1  sing N N 348 
TYR CD2 CE2  doub Y N 349 
TYR CD2 HD2  sing N N 350 
TYR CE1 CZ   doub Y N 351 
TYR CE1 HE1  sing N N 352 
TYR CE2 CZ   sing Y N 353 
TYR CE2 HE2  sing N N 354 
TYR CZ  OH   sing N N 355 
TYR OH  HH   sing N N 356 
TYR OXT HXT  sing N N 357 
VAL N   CA   sing N N 358 
VAL N   H    sing N N 359 
VAL N   H2   sing N N 360 
VAL CA  C    sing N N 361 
VAL CA  CB   sing N N 362 
VAL CA  HA   sing N N 363 
VAL C   O    doub N N 364 
VAL C   OXT  sing N N 365 
VAL CB  CG1  sing N N 366 
VAL CB  CG2  sing N N 367 
VAL CB  HB   sing N N 368 
VAL CG1 HG11 sing N N 369 
VAL CG1 HG12 sing N N 370 
VAL CG1 HG13 sing N N 371 
VAL CG2 HG21 sing N N 372 
VAL CG2 HG22 sing N N 373 
VAL CG2 HG23 sing N N 374 
VAL OXT HXT  sing N N 375 
# 
_atom_sites.entry_id                    2VFY 
_atom_sites.fract_transf_matrix[1][1]   -0.00146223 
_atom_sites.fract_transf_matrix[1][2]   -0.02268006 
_atom_sites.fract_transf_matrix[1][3]   0.01498387 
_atom_sites.fract_transf_matrix[2][1]   0.00117538 
_atom_sites.fract_transf_matrix[2][2]   -0.02437893 
_atom_sites.fract_transf_matrix[2][3]   -0.01205728 
_atom_sites.fract_transf_matrix[3][1]   0.01027026 
_atom_sites.fract_transf_matrix[3][2]   -0.00000030 
_atom_sites.fract_transf_matrix[3][3]   0.00100179 
_atom_sites.fract_transf_vector[1]      0.163505 
_atom_sites.fract_transf_vector[2]      -0.365130 
_atom_sites.fract_transf_vector[3]      -0.066159 
# 
loop_
_atom_type.symbol 
C 
N 
O 
S 
# 
loop_
_atom_site.group_PDB 
_atom_site.id 
_atom_site.type_symbol 
_atom_site.label_atom_id 
_atom_site.label_alt_id 
_atom_site.label_comp_id 
_atom_site.label_asym_id 
_atom_site.label_entity_id 
_atom_site.label_seq_id 
_atom_site.pdbx_PDB_ins_code 
_atom_site.Cartn_x 
_atom_site.Cartn_y 
_atom_site.Cartn_z 
_atom_site.occupancy 
_atom_site.B_iso_or_equiv 
_atom_site.pdbx_formal_charge 
_atom_site.auth_seq_id 
_atom_site.auth_comp_id 
_atom_site.auth_asym_id 
_atom_site.auth_atom_id 
_atom_site.pdbx_PDB_model_num 
ATOM   1    N N   . TYR A 1 1   ? 8.886   11.014  12.064  1.00 27.22 ? 88   TYR A N   1 
ATOM   2    C CA  . TYR A 1 1   ? 9.050   9.795   12.916  1.00 27.07 ? 88   TYR A CA  1 
ATOM   3    C C   . TYR A 1 1   ? 9.069   8.529   12.057  1.00 26.89 ? 88   TYR A C   1 
ATOM   4    O O   . TYR A 1 1   ? 8.660   8.554   10.896  1.00 26.99 ? 88   TYR A O   1 
ATOM   5    C CB  . TYR A 1 1   ? 7.925   9.713   13.958  1.00 27.12 ? 88   TYR A CB  1 
ATOM   6    C CG  . TYR A 1 1   ? 6.557   9.454   13.359  1.00 25.69 ? 88   TYR A CG  1 
ATOM   7    C CD1 . TYR A 1 1   ? 6.074   8.150   13.205  1.00 25.10 ? 88   TYR A CD1 1 
ATOM   8    C CD2 . TYR A 1 1   ? 5.741   10.507  12.950  1.00 25.26 ? 88   TYR A CD2 1 
ATOM   9    C CE1 . TYR A 1 1   ? 4.814   7.900   12.660  1.00 25.90 ? 88   TYR A CE1 1 
ATOM   10   C CE2 . TYR A 1 1   ? 4.472   10.262  12.389  1.00 25.56 ? 88   TYR A CE2 1 
ATOM   11   C CZ  . TYR A 1 1   ? 4.019   8.961   12.255  1.00 23.67 ? 88   TYR A CZ  1 
ATOM   12   O OH  . TYR A 1 1   ? 2.770   8.698   11.716  1.00 26.18 ? 88   TYR A OH  1 
ATOM   13   N N   . GLN A 1 2   ? 9.544   7.422   12.628  1.00 26.49 ? 89   GLN A N   1 
ATOM   14   C CA  . GLN A 1 2   ? 9.548   6.143   11.923  1.00 27.07 ? 89   GLN A CA  1 
ATOM   15   C C   . GLN A 1 2   ? 8.283   5.347   12.271  1.00 26.75 ? 89   GLN A C   1 
ATOM   16   O O   . GLN A 1 2   ? 8.142   4.904   13.413  1.00 26.98 ? 89   GLN A O   1 
ATOM   17   C CB  . GLN A 1 2   ? 10.797  5.335   12.301  1.00 26.80 ? 89   GLN A CB  1 
ATOM   18   C CG  . GLN A 1 2   ? 10.855  3.946   11.707  1.00 29.44 ? 89   GLN A CG  1 
ATOM   19   C CD  . GLN A 1 2   ? 10.874  3.950   10.194  1.00 33.51 ? 89   GLN A CD  1 
ATOM   20   O OE1 . GLN A 1 2   ? 11.755  4.551   9.584   1.00 37.60 ? 89   GLN A OE1 1 
ATOM   21   N NE2 . GLN A 1 2   ? 9.902   3.279   9.579   1.00 33.04 ? 89   GLN A NE2 1 
ATOM   22   N N   . PRO A 1 3   ? 7.367   5.167   11.300  1.00 26.85 ? 90   PRO A N   1 
ATOM   23   C CA  . PRO A 1 3   ? 6.195   4.342   11.611  1.00 26.52 ? 90   PRO A CA  1 
ATOM   24   C C   . PRO A 1 3   ? 6.546   2.858   11.753  1.00 26.39 ? 90   PRO A C   1 
ATOM   25   O O   . PRO A 1 3   ? 7.540   2.393   11.168  1.00 26.18 ? 90   PRO A O   1 
ATOM   26   C CB  . PRO A 1 3   ? 5.264   4.574   10.421  1.00 26.74 ? 90   PRO A CB  1 
ATOM   27   C CG  . PRO A 1 3   ? 6.136   5.002   9.307   1.00 27.03 ? 90   PRO A CG  1 
ATOM   28   C CD  . PRO A 1 3   ? 7.318   5.711   9.930   1.00 26.74 ? 90   PRO A CD  1 
ATOM   29   N N   . ASN A 1 4   ? 5.768   2.137   12.557  1.00 26.15 ? 91   ASN A N   1 
ATOM   30   C CA  . ASN A 1 4   ? 5.887   0.666   12.637  1.00 25.77 ? 91   ASN A CA  1 
ATOM   31   C C   . ASN A 1 4   ? 4.578   -0.066  12.317  1.00 25.46 ? 91   ASN A C   1 
ATOM   32   O O   . ASN A 1 4   ? 4.556   -1.300  12.227  1.00 24.76 ? 91   ASN A O   1 
ATOM   33   C CB  . ASN A 1 4   ? 6.484   0.213   13.988  1.00 25.61 ? 91   ASN A CB  1 
ATOM   34   C CG  . ASN A 1 4   ? 5.540   0.456   15.178  1.00 25.72 ? 91   ASN A CG  1 
ATOM   35   O OD1 . ASN A 1 4   ? 4.738   1.396   15.185  1.00 24.95 ? 91   ASN A OD1 1 
ATOM   36   N ND2 . ASN A 1 4   ? 5.662   -0.381  16.203  1.00 28.22 ? 91   ASN A ND2 1 
ATOM   37   N N   . TYR A 1 5   ? 3.505   0.719   12.137  1.00 25.18 ? 92   TYR A N   1 
ATOM   38   C CA  . TYR A 1 5   ? 2.166   0.222   11.795  1.00 24.60 ? 92   TYR A CA  1 
ATOM   39   C C   . TYR A 1 5   ? 1.520   1.051   10.683  1.00 24.67 ? 92   TYR A C   1 
ATOM   40   O O   . TYR A 1 5   ? 1.867   2.217   10.480  1.00 24.32 ? 92   TYR A O   1 
ATOM   41   C CB  . TYR A 1 5   ? 1.247   0.193   13.034  1.00 24.92 ? 92   TYR A CB  1 
ATOM   42   C CG  . TYR A 1 5   ? 1.426   -1.040  13.872  1.00 25.42 ? 92   TYR A CG  1 
ATOM   43   C CD1 . TYR A 1 5   ? 2.454   -1.115  14.819  1.00 24.77 ? 92   TYR A CD1 1 
ATOM   44   C CD2 . TYR A 1 5   ? 0.605   -2.154  13.693  1.00 25.62 ? 92   TYR A CD2 1 
ATOM   45   C CE1 . TYR A 1 5   ? 2.650   -2.266  15.591  1.00 26.93 ? 92   TYR A CE1 1 
ATOM   46   C CE2 . TYR A 1 5   ? 0.806   -3.325  14.451  1.00 26.90 ? 92   TYR A CE2 1 
ATOM   47   C CZ  . TYR A 1 5   ? 1.818   -3.365  15.394  1.00 27.46 ? 92   TYR A CZ  1 
ATOM   48   O OH  . TYR A 1 5   ? 1.999   -4.494  16.140  1.00 30.20 ? 92   TYR A OH  1 
ATOM   49   N N   . PHE A 1 6   ? 0.574   0.451   9.961   1.00 25.06 ? 93   PHE A N   1 
ATOM   50   C CA  . PHE A 1 6   ? -0.160  1.195   8.934   1.00 25.58 ? 93   PHE A CA  1 
ATOM   51   C C   . PHE A 1 6   ? -1.544  0.623   8.707   1.00 25.73 ? 93   PHE A C   1 
ATOM   52   O O   . PHE A 1 6   ? -1.763  -0.574  8.912   1.00 26.15 ? 93   PHE A O   1 
ATOM   53   C CB  . PHE A 1 6   ? 0.630   1.251   7.600   1.00 25.21 ? 93   PHE A CB  1 
ATOM   54   C CG  . PHE A 1 6   ? 0.901   -0.100  6.954   1.00 26.53 ? 93   PHE A CG  1 
ATOM   55   C CD1 . PHE A 1 6   ? 0.185   -0.516  5.822   1.00 26.07 ? 93   PHE A CD1 1 
ATOM   56   C CD2 . PHE A 1 6   ? 1.911   -0.935  7.440   1.00 26.66 ? 93   PHE A CD2 1 
ATOM   57   C CE1 . PHE A 1 6   ? 0.488   -1.755  5.187   1.00 26.76 ? 93   PHE A CE1 1 
ATOM   58   C CE2 . PHE A 1 6   ? 2.197   -2.168  6.830   1.00 27.51 ? 93   PHE A CE2 1 
ATOM   59   C CZ  . PHE A 1 6   ? 1.478   -2.582  5.714   1.00 26.26 ? 93   PHE A CZ  1 
ATOM   60   N N   . LEU A 1 7   ? -2.470  1.495   8.298   1.00 25.78 ? 94   LEU A N   1 
ATOM   61   C CA  . LEU A 1 7   ? -3.724  1.048   7.716   1.00 26.15 ? 94   LEU A CA  1 
ATOM   62   C C   . LEU A 1 7   ? -3.470  0.689   6.262   1.00 26.10 ? 94   LEU A C   1 
ATOM   63   O O   . LEU A 1 7   ? -2.911  1.483   5.511   1.00 27.41 ? 94   LEU A O   1 
ATOM   64   C CB  . LEU A 1 7   ? -4.778  2.153   7.795   1.00 25.30 ? 94   LEU A CB  1 
ATOM   65   C CG  . LEU A 1 7   ? -5.146  2.562   9.228   1.00 24.57 ? 94   LEU A CG  1 
ATOM   66   C CD1 . LEU A 1 7   ? -6.369  3.501   9.191   1.00 27.39 ? 94   LEU A CD1 1 
ATOM   67   C CD2 . LEU A 1 7   ? -5.428  1.350   10.141  1.00 25.87 ? 94   LEU A CD2 1 
ATOM   68   N N   . SER A 1 8   ? -3.936  -0.487  5.890   1.00 26.72 ? 95   SER A N   1 
ATOM   69   C CA  . SER A 1 8   ? -3.685  -1.071  4.586   1.00 27.32 ? 95   SER A CA  1 
ATOM   70   C C   . SER A 1 8   ? -4.988  -1.368  3.868   1.00 27.34 ? 95   SER A C   1 
ATOM   71   O O   . SER A 1 8   ? -5.893  -1.966  4.455   1.00 27.74 ? 95   SER A O   1 
ATOM   72   C CB  . SER A 1 8   ? -2.953  -2.385  4.791   1.00 26.67 ? 95   SER A CB  1 
ATOM   73   O OG  . SER A 1 8   ? -2.583  -2.988  3.569   1.00 29.28 ? 95   SER A OG  1 
ATOM   74   N N   . ILE A 1 9   ? -5.042  -0.987  2.598   1.00 26.87 ? 96   ILE A N   1 
ATOM   75   C CA  . ILE A 1 9   ? -6.065  -1.486  1.676   1.00 26.93 ? 96   ILE A CA  1 
ATOM   76   C C   . ILE A 1 9   ? -5.436  -2.652  0.889   1.00 26.36 ? 96   ILE A C   1 
ATOM   77   O O   . ILE A 1 9   ? -4.584  -2.422  0.019   1.00 26.77 ? 96   ILE A O   1 
ATOM   78   C CB  . ILE A 1 9   ? -6.540  -0.369  0.729   1.00 26.90 ? 96   ILE A CB  1 
ATOM   79   C CG1 . ILE A 1 9   ? -7.155  0.788   1.541   1.00 28.16 ? 96   ILE A CG1 1 
ATOM   80   C CG2 . ILE A 1 9   ? -7.470  -0.954  -0.374  1.00 26.46 ? 96   ILE A CG2 1 
ATOM   81   C CD1 . ILE A 1 9   ? -7.381  2.060   0.752   1.00 27.73 ? 96   ILE A CD1 1 
ATOM   82   N N   . PRO A 1 10  ? -5.823  -3.902  1.207   1.00 27.15 ? 97   PRO A N   1 
ATOM   83   C CA  . PRO A 1 10  ? -5.213  -5.040  0.492   1.00 27.23 ? 97   PRO A CA  1 
ATOM   84   C C   . PRO A 1 10  ? -5.716  -5.087  -0.952  1.00 28.23 ? 97   PRO A C   1 
ATOM   85   O O   . PRO A 1 10  ? -6.860  -4.678  -1.227  1.00 27.74 ? 97   PRO A O   1 
ATOM   86   C CB  . PRO A 1 10  ? -5.717  -6.256  1.279   1.00 27.99 ? 97   PRO A CB  1 
ATOM   87   C CG  . PRO A 1 10  ? -7.089  -5.802  1.797   1.00 27.12 ? 97   PRO A CG  1 
ATOM   88   C CD  . PRO A 1 10  ? -6.867  -4.340  2.167   1.00 26.52 ? 97   PRO A CD  1 
ATOM   89   N N   . ILE A 1 11  ? -4.880  -5.555  -1.876  1.00 28.22 ? 98   ILE A N   1 
ATOM   90   C CA  . ILE A 1 11  ? -5.345  -5.778  -3.238  1.00 29.40 ? 98   ILE A CA  1 
ATOM   91   C C   . ILE A 1 11  ? -5.955  -7.173  -3.332  1.00 29.68 ? 98   ILE A C   1 
ATOM   92   O O   . ILE A 1 11  ? -5.248  -8.180  -3.230  1.00 30.90 ? 98   ILE A O   1 
ATOM   93   C CB  . ILE A 1 11  ? -4.220  -5.587  -4.294  1.00 29.49 ? 98   ILE A CB  1 
ATOM   94   C CG1 . ILE A 1 11  ? -3.536  -4.205  -4.135  1.00 30.42 ? 98   ILE A CG1 1 
ATOM   95   C CG2 . ILE A 1 11  ? -4.762  -5.857  -5.696  1.00 28.81 ? 98   ILE A CG2 1 
ATOM   96   C CD1 . ILE A 1 11  ? -4.479  -2.989  -4.162  1.00 31.16 ? 98   ILE A CD1 1 
ATOM   97   N N   . THR A 1 12  ? -7.272  -7.226  -3.502  1.00 29.73 ? 99   THR A N   1 
ATOM   98   C CA  . THR A 1 12  ? -8.005  -8.494  -3.553  1.00 29.53 ? 99   THR A CA  1 
ATOM   99   C C   . THR A 1 12  ? -8.432  -8.887  -4.977  1.00 29.13 ? 99   THR A C   1 
ATOM   100  O O   . THR A 1 12  ? -8.843  -10.029 -5.214  1.00 29.74 ? 99   THR A O   1 
ATOM   101  C CB  . THR A 1 12  ? -9.238  -8.476  -2.618  1.00 29.86 ? 99   THR A CB  1 
ATOM   102  O OG1 . THR A 1 12  ? -10.281 -7.687  -3.216  1.00 28.43 ? 99   THR A OG1 1 
ATOM   103  C CG2 . THR A 1 12  ? -8.862  -7.911  -1.239  1.00 30.20 ? 99   THR A CG2 1 
ATOM   104  N N   . ASN A 1 13  ? -8.341  -7.945  -5.916  1.00 28.83 ? 100  ASN A N   1 
ATOM   105  C CA  . ASN A 1 13  ? -8.632  -8.229  -7.320  1.00 28.44 ? 100  ASN A CA  1 
ATOM   106  C C   . ASN A 1 13  ? -7.480  -9.029  -7.921  1.00 28.80 ? 100  ASN A C   1 
ATOM   107  O O   . ASN A 1 13  ? -6.400  -8.476  -8.173  1.00 28.60 ? 100  ASN A O   1 
ATOM   108  C CB  . ASN A 1 13  ? -8.856  -6.930  -8.104  1.00 28.65 ? 100  ASN A CB  1 
ATOM   109  C CG  . ASN A 1 13  ? -9.174  -7.163  -9.588  1.00 28.53 ? 100  ASN A CG  1 
ATOM   110  O OD1 . ASN A 1 13  ? -9.554  -6.229  -10.300 1.00 32.16 ? 100  ASN A OD1 1 
ATOM   111  N ND2 . ASN A 1 13  ? -9.024  -8.394  -10.055 1.00 27.16 ? 100  ASN A ND2 1 
ATOM   112  N N   . LYS A 1 14  ? -7.712  -10.322 -8.123  1.00 28.42 ? 101  LYS A N   1 
ATOM   113  C CA  . LYS A 1 14  ? -6.661  -11.243 -8.604  1.00 29.41 ? 101  LYS A CA  1 
ATOM   114  C C   . LYS A 1 14  ? -6.028  -10.819 -9.927  1.00 28.85 ? 101  LYS A C   1 
ATOM   115  O O   . LYS A 1 14  ? -4.874  -11.157 -10.194 1.00 28.44 ? 101  LYS A O   1 
ATOM   116  C CB  . LYS A 1 14  ? -7.202  -12.666 -8.771  1.00 30.07 ? 101  LYS A CB  1 
ATOM   117  C CG  . LYS A 1 14  ? -7.689  -13.377 -7.523  1.00 33.58 ? 101  LYS A CG  1 
ATOM   118  C CD  . LYS A 1 14  ? -6.596  -13.667 -6.500  1.00 37.95 ? 101  LYS A CD  1 
ATOM   119  C CE  . LYS A 1 14  ? -6.905  -14.969 -5.739  1.00 40.38 ? 101  LYS A CE  1 
ATOM   120  N NZ  . LYS A 1 14  ? -8.310  -15.059 -5.208  1.00 42.34 ? 101  LYS A NZ  1 
ATOM   121  N N   . LYS A 1 15  ? -6.787  -10.109 -10.762 1.00 28.26 ? 102  LYS A N   1 
ATOM   122  C CA  . LYS A 1 15  ? -6.281  -9.602  -12.043 1.00 28.47 ? 102  LYS A CA  1 
ATOM   123  C C   . LYS A 1 15  ? -5.163  -8.572  -11.824 1.00 27.62 ? 102  LYS A C   1 
ATOM   124  O O   . LYS A 1 15  ? -4.163  -8.557  -12.555 1.00 27.10 ? 102  LYS A O   1 
ATOM   125  C CB  . LYS A 1 15  ? -7.431  -9.011  -12.875 1.00 28.77 ? 102  LYS A CB  1 
ATOM   126  C CG  . LYS A 1 15  ? -7.008  -8.114  -14.024 1.00 31.95 ? 102  LYS A CG  1 
ATOM   127  C CD  . LYS A 1 15  ? -8.204  -7.506  -14.761 1.00 38.21 ? 102  LYS A CD  1 
ATOM   128  C CE  . LYS A 1 15  ? -7.767  -6.310  -15.606 1.00 38.73 ? 102  LYS A CE  1 
ATOM   129  N NZ  . LYS A 1 15  ? -6.665  -6.671  -16.553 1.00 41.09 ? 102  LYS A NZ  1 
ATOM   130  N N   . ILE A 1 16  ? -5.328  -7.726  -10.811 1.00 26.59 ? 103  ILE A N   1 
ATOM   131  C CA  . ILE A 1 16  ? -4.302  -6.729  -10.490 1.00 26.48 ? 103  ILE A CA  1 
ATOM   132  C C   . ILE A 1 16  ? -3.024  -7.426  -10.066 1.00 26.43 ? 103  ILE A C   1 
ATOM   133  O O   . ILE A 1 16  ? -1.953  -7.157  -10.628 1.00 26.49 ? 103  ILE A O   1 
ATOM   134  C CB  . ILE A 1 16  ? -4.737  -5.730  -9.400  1.00 25.63 ? 103  ILE A CB  1 
ATOM   135  C CG1 . ILE A 1 16  ? -5.970  -4.948  -9.848  1.00 26.34 ? 103  ILE A CG1 1 
ATOM   136  C CG2 . ILE A 1 16  ? -3.595  -4.741  -9.102  1.00 26.84 ? 103  ILE A CG2 1 
ATOM   137  C CD1 . ILE A 1 16  ? -6.482  -3.968  -8.745  1.00 26.82 ? 103  ILE A CD1 1 
ATOM   138  N N   . THR A 1 17  ? -3.132  -8.344  -9.109  1.00 26.41 ? 104  THR A N   1 
ATOM   139  C CA  . THR A 1 17  ? -1.918  -8.960  -8.555  1.00 27.15 ? 104  THR A CA  1 
ATOM   140  C C   . THR A 1 17  ? -1.236  -9.880  -9.572  1.00 26.61 ? 104  THR A C   1 
ATOM   141  O O   . THR A 1 17  ? -0.004  -9.952  -9.613  1.00 27.38 ? 104  THR A O   1 
ATOM   142  C CB  . THR A 1 17  ? -2.170  -9.682  -7.225  1.00 27.41 ? 104  THR A CB  1 
ATOM   143  O OG1 . THR A 1 17  ? -3.302  -10.538 -7.356  1.00 29.86 ? 104  THR A OG1 1 
ATOM   144  C CG2 . THR A 1 17  ? -2.415  -8.667  -6.115  1.00 28.41 ? 104  THR A CG2 1 
ATOM   145  N N   . ALA A 1 18  ? -2.044  -10.538 -10.402 1.00 26.49 ? 105  ALA A N   1 
ATOM   146  C CA  . ALA A 1 18  ? -1.540  -11.363 -11.509 1.00 26.40 ? 105  ALA A CA  1 
ATOM   147  C C   . ALA A 1 18  ? -0.809  -10.529 -12.558 1.00 26.41 ? 105  ALA A C   1 
ATOM   148  O O   . ALA A 1 18  ? 0.257   -10.944 -13.050 1.00 27.08 ? 105  ALA A O   1 
ATOM   149  C CB  . ALA A 1 18  ? -2.676  -12.148 -12.141 1.00 26.66 ? 105  ALA A CB  1 
ATOM   150  N N   . GLY A 1 19  ? -1.358  -9.362  -12.899 1.00 25.72 ? 106  GLY A N   1 
ATOM   151  C CA  . GLY A 1 19  ? -0.684  -8.413  -13.801 1.00 25.94 ? 106  GLY A CA  1 
ATOM   152  C C   . GLY A 1 19  ? 0.655   -7.903  -13.266 1.00 26.18 ? 106  GLY A C   1 
ATOM   153  O O   . GLY A 1 19  ? 1.640   -7.796  -14.015 1.00 25.64 ? 106  GLY A O   1 
ATOM   154  N N   . ILE A 1 20  ? 0.694   -7.595  -11.973 1.00 25.79 ? 107  ILE A N   1 
ATOM   155  C CA  . ILE A 1 20  ? 1.948   -7.187  -11.299 1.00 26.04 ? 107  ILE A CA  1 
ATOM   156  C C   . ILE A 1 20  ? 2.987   -8.312  -11.278 1.00 26.06 ? 107  ILE A C   1 
ATOM   157  O O   . ILE A 1 20  ? 4.181   -8.067  -11.490 1.00 26.12 ? 107  ILE A O   1 
ATOM   158  C CB  . ILE A 1 20  ? 1.703   -6.622  -9.878  1.00 26.17 ? 107  ILE A CB  1 
ATOM   159  C CG1 . ILE A 1 20  ? 0.823   -5.371  -9.953  1.00 26.70 ? 107  ILE A CG1 1 
ATOM   160  C CG2 . ILE A 1 20  ? 3.068   -6.298  -9.143  1.00 25.12 ? 107  ILE A CG2 1 
ATOM   161  C CD1 . ILE A 1 20  ? 0.264   -4.923  -8.602  1.00 26.94 ? 107  ILE A CD1 1 
ATOM   162  N N   . LYS A 1 21  ? 2.531   -9.536  -11.031 1.00 25.98 ? 108  LYS A N   1 
ATOM   163  C CA  . LYS A 1 21  ? 3.409   -10.714 -11.077 1.00 26.38 ? 108  LYS A CA  1 
ATOM   164  C C   . LYS A 1 21  ? 4.101   -10.830 -12.445 1.00 25.88 ? 108  LYS A C   1 
ATOM   165  O O   . LYS A 1 21  ? 5.307   -11.095 -12.516 1.00 25.28 ? 108  LYS A O   1 
ATOM   166  C CB  . LYS A 1 21  ? 2.600   -11.976 -10.771 1.00 27.23 ? 108  LYS A CB  1 
ATOM   167  C CG  . LYS A 1 21  ? 3.334   -13.297 -10.963 1.00 28.97 ? 108  LYS A CG  1 
ATOM   168  C CD  . LYS A 1 21  ? 4.185   -13.596 -9.761  1.00 31.76 ? 108  LYS A CD  1 
ATOM   169  C CE  . LYS A 1 21  ? 4.484   -15.077 -9.624  1.00 33.81 ? 108  LYS A CE  1 
ATOM   170  N NZ  . LYS A 1 21  ? 5.210   -15.254 -8.330  1.00 34.91 ? 108  LYS A NZ  1 
ATOM   171  N N   . VAL A 1 22  ? 3.323   -10.626 -13.506 1.00 24.75 ? 109  VAL A N   1 
ATOM   172  C CA  . VAL A 1 22  ? 3.820   -10.606 -14.888 1.00 24.02 ? 109  VAL A CA  1 
ATOM   173  C C   . VAL A 1 22  ? 4.864   -9.502  -15.071 1.00 23.82 ? 109  VAL A C   1 
ATOM   174  O O   . VAL A 1 22  ? 5.942   -9.755  -15.612 1.00 23.53 ? 109  VAL A O   1 
ATOM   175  C CB  . VAL A 1 22  ? 2.652   -10.458 -15.917 1.00 23.99 ? 109  VAL A CB  1 
ATOM   176  C CG1 . VAL A 1 22  ? 3.173   -10.214 -17.331 1.00 23.80 ? 109  VAL A CG1 1 
ATOM   177  C CG2 . VAL A 1 22  ? 1.792   -11.698 -15.893 1.00 24.24 ? 109  VAL A CG2 1 
ATOM   178  N N   . LEU A 1 23  ? 4.539   -8.292  -14.621 1.00 23.16 ? 110  LEU A N   1 
ATOM   179  C CA  . LEU A 1 23  ? 5.467   -7.158  -14.665 1.00 23.86 ? 110  LEU A CA  1 
ATOM   180  C C   . LEU A 1 23  ? 6.788   -7.475  -13.951 1.00 23.71 ? 110  LEU A C   1 
ATOM   181  O O   . LEU A 1 23  ? 7.867   -7.306  -14.513 1.00 24.00 ? 110  LEU A O   1 
ATOM   182  C CB  . LEU A 1 23  ? 4.841   -5.946  -13.989 1.00 23.66 ? 110  LEU A CB  1 
ATOM   183  C CG  . LEU A 1 23  ? 5.724   -4.733  -13.712 1.00 23.45 ? 110  LEU A CG  1 
ATOM   184  C CD1 . LEU A 1 23  ? 6.299   -4.119  -14.985 1.00 24.72 ? 110  LEU A CD1 1 
ATOM   185  C CD2 . LEU A 1 23  ? 4.912   -3.740  -12.922 1.00 23.99 ? 110  LEU A CD2 1 
ATOM   186  N N   . GLN A 1 24  ? 6.677   -7.946  -12.722 1.00 23.76 ? 111  GLN A N   1 
ATOM   187  C CA  . GLN A 1 24  ? 7.851   -8.336  -11.941 1.00 24.45 ? 111  GLN A CA  1 
ATOM   188  C C   . GLN A 1 24  ? 8.683   -9.388  -12.670 1.00 24.48 ? 111  GLN A C   1 
ATOM   189  O O   . GLN A 1 24  ? 9.911   -9.239  -12.795 1.00 23.99 ? 111  GLN A O   1 
ATOM   190  C CB  . GLN A 1 24  ? 7.422   -8.866  -10.592 1.00 24.19 ? 111  GLN A CB  1 
ATOM   191  C CG  . GLN A 1 24  ? 6.886   -7.798  -9.647  1.00 24.31 ? 111  GLN A CG  1 
ATOM   192  C CD  . GLN A 1 24  ? 6.454   -8.400  -8.334  1.00 25.70 ? 111  GLN A CD  1 
ATOM   193  O OE1 . GLN A 1 24  ? 5.878   -9.495  -8.306  1.00 28.47 ? 111  GLN A OE1 1 
ATOM   194  N NE2 . GLN A 1 24  ? 6.720   -7.697  -7.239  1.00 25.47 ? 111  GLN A NE2 1 
ATOM   195  N N   . ASN A 1 25  ? 8.031   -10.455 -13.132 1.00 24.54 ? 112  ASN A N   1 
ATOM   196  C CA  . ASN A 1 25  ? 8.741   -11.494 -13.882 1.00 25.42 ? 112  ASN A CA  1 
ATOM   197  C C   . ASN A 1 25  ? 9.413   -10.983 -15.160 1.00 25.59 ? 112  ASN A C   1 
ATOM   198  O O   . ASN A 1 25  ? 10.515  -11.413 -15.472 1.00 25.23 ? 112  ASN A O   1 
ATOM   199  C CB  . ASN A 1 25  ? 7.831   -12.694 -14.196 1.00 25.49 ? 112  ASN A CB  1 
ATOM   200  C CG  . ASN A 1 25  ? 7.527   -13.552 -12.967 1.00 26.72 ? 112  ASN A CG  1 
ATOM   201  O OD1 . ASN A 1 25  ? 6.558   -14.320 -12.958 1.00 28.74 ? 112  ASN A OD1 1 
ATOM   202  N ND2 . ASN A 1 25  ? 8.350   -13.436 -11.944 1.00 26.64 ? 112  ASN A ND2 1 
ATOM   203  N N   . SER A 1 26  ? 8.759   -10.084 -15.907 1.00 25.69 ? 113  SER A N   1 
ATOM   204  C CA  . SER A 1 26  ? 9.367   -9.576  -17.149 1.00 25.92 ? 113  SER A CA  1 
ATOM   205  C C   . SER A 1 26  ? 10.628  -8.752  -16.855 1.00 25.92 ? 113  SER A C   1 
ATOM   206  O O   . SER A 1 26  ? 11.611  -8.834  -17.603 1.00 25.39 ? 113  SER A O   1 
ATOM   207  C CB  . SER A 1 26  ? 8.384   -8.782  -18.011 1.00 26.54 ? 113  SER A CB  1 
ATOM   208  O OG  . SER A 1 26  ? 7.948   -7.620  -17.344 1.00 28.45 ? 113  SER A OG  1 
ATOM   209  N N   . ILE A 1 27  ? 10.593  -7.987  -15.762 1.00 25.58 ? 114  ILE A N   1 
ATOM   210  C CA  . ILE A 1 27  ? 11.760  -7.235  -15.318 1.00 25.52 ? 114  ILE A CA  1 
ATOM   211  C C   . ILE A 1 27  ? 12.873  -8.229  -14.966 1.00 25.52 ? 114  ILE A C   1 
ATOM   212  O O   . ILE A 1 27  ? 14.021  -8.042  -15.375 1.00 26.47 ? 114  ILE A O   1 
ATOM   213  C CB  . ILE A 1 27  ? 11.459  -6.277  -14.121 1.00 25.64 ? 114  ILE A CB  1 
ATOM   214  C CG1 . ILE A 1 27  ? 10.489  -5.164  -14.544 1.00 25.52 ? 114  ILE A CG1 1 
ATOM   215  C CG2 . ILE A 1 27  ? 12.768  -5.655  -13.591 1.00 25.79 ? 114  ILE A CG2 1 
ATOM   216  C CD1 . ILE A 1 27  ? 9.820   -4.413  -13.385 1.00 25.83 ? 114  ILE A CD1 1 
ATOM   217  N N   . LEU A 1 28  ? 12.519  -9.295  -14.245 1.00 25.62 ? 115  LEU A N   1 
ATOM   218  C CA  . LEU A 1 28  ? 13.508  -10.277 -13.771 1.00 25.99 ? 115  LEU A CA  1 
ATOM   219  C C   . LEU A 1 28  ? 14.170  -11.087 -14.875 1.00 25.96 ? 115  LEU A C   1 
ATOM   220  O O   . LEU A 1 28  ? 15.338  -11.485 -14.740 1.00 25.43 ? 115  LEU A O   1 
ATOM   221  C CB  . LEU A 1 28  ? 12.902  -11.203 -12.708 1.00 26.08 ? 115  LEU A CB  1 
ATOM   222  C CG  . LEU A 1 28  ? 12.514  -10.569 -11.371 1.00 25.77 ? 115  LEU A CG  1 
ATOM   223  C CD1 . LEU A 1 28  ? 12.061  -11.641 -10.416 1.00 26.78 ? 115  LEU A CD1 1 
ATOM   224  C CD2 . LEU A 1 28  ? 13.691  -9.792  -10.790 1.00 27.10 ? 115  LEU A CD2 1 
ATOM   225  N N   . ARG A 1 29  ? 13.451  -11.325 -15.976 1.00 25.42 ? 116  ARG A N   1 
ATOM   226  C CA  . ARG A 1 29  ? 14.047  -12.038 -17.107 1.00 25.49 ? 116  ARG A CA  1 
ATOM   227  C C   . ARG A 1 29  ? 15.027  -11.147 -17.854 1.00 25.58 ? 116  ARG A C   1 
ATOM   228  O O   . ARG A 1 29  ? 15.906  -11.640 -18.553 1.00 25.99 ? 116  ARG A O   1 
ATOM   229  C CB  . ARG A 1 29  ? 12.987  -12.598 -18.078 1.00 24.94 ? 116  ARG A CB  1 
ATOM   230  C CG  . ARG A 1 29  ? 11.942  -13.481 -17.417 1.00 25.90 ? 116  ARG A CG  1 
ATOM   231  C CD  . ARG A 1 29  ? 12.534  -14.624 -16.595 1.00 26.98 ? 116  ARG A CD  1 
ATOM   232  N NE  . ARG A 1 29  ? 11.500  -15.242 -15.770 1.00 28.23 ? 116  ARG A NE  1 
ATOM   233  C CZ  . ARG A 1 29  ? 11.463  -15.246 -14.444 1.00 30.04 ? 116  ARG A CZ  1 
ATOM   234  N NH1 . ARG A 1 29  ? 12.429  -14.677 -13.717 1.00 31.41 ? 116  ARG A NH1 1 
ATOM   235  N NH2 . ARG A 1 29  ? 10.444  -15.836 -13.833 1.00 30.85 ? 116  ARG A NH2 1 
ATOM   236  N N   . GLN A 1 30  ? 14.879  -9.837  -17.689 1.00 25.67 ? 117  GLN A N   1 
ATOM   237  C CA  . GLN A 1 30  ? 15.813  -8.880  -18.269 1.00 26.33 ? 117  GLN A CA  1 
ATOM   238  C C   . GLN A 1 30  ? 17.072  -8.703  -17.406 1.00 26.67 ? 117  GLN A C   1 
ATOM   239  O O   . GLN A 1 30  ? 18.179  -8.531  -17.936 1.00 26.28 ? 117  GLN A O   1 
ATOM   240  C CB  . GLN A 1 30  ? 15.123  -7.543  -18.500 1.00 26.43 ? 117  GLN A CB  1 
ATOM   241  C CG  . GLN A 1 30  ? 14.023  -7.597  -19.553 1.00 26.91 ? 117  GLN A CG  1 
ATOM   242  C CD  . GLN A 1 30  ? 13.283  -6.285  -19.678 1.00 28.15 ? 117  GLN A CD  1 
ATOM   243  O OE1 . GLN A 1 30  ? 13.745  -5.366  -20.359 1.00 30.50 ? 117  GLN A OE1 1 
ATOM   244  N NE2 . GLN A 1 30  ? 12.129  -6.189  -19.025 1.00 27.56 ? 117  GLN A NE2 1 
ATOM   245  N N   . ASP A 1 31  ? 16.881  -8.779  -16.093 1.00 27.48 ? 118  ASP A N   1 
ATOM   246  C CA  . ASP A 1 31  ? 17.945  -8.623  -15.083 1.00 28.89 ? 118  ASP A CA  1 
ATOM   247  C C   . ASP A 1 31  ? 17.569  -9.403  -13.812 1.00 29.48 ? 118  ASP A C   1 
ATOM   248  O O   . ASP A 1 31  ? 16.882  -8.873  -12.924 1.00 29.22 ? 118  ASP A O   1 
ATOM   249  C CB  . ASP A 1 31  ? 18.141  -7.136  -14.759 1.00 28.85 ? 118  ASP A CB  1 
ATOM   250  C CG  . ASP A 1 31  ? 19.417  -6.860  -13.969 1.00 30.68 ? 118  ASP A CG  1 
ATOM   251  O OD1 . ASP A 1 31  ? 20.122  -7.825  -13.602 1.00 28.89 ? 118  ASP A OD1 1 
ATOM   252  O OD2 . ASP A 1 31  ? 19.700  -5.668  -13.714 1.00 31.22 ? 118  ASP A OD2 1 
ATOM   253  N N   . ASN A 1 32  ? 18.027  -10.655 -13.720 1.00 30.61 ? 119  ASN A N   1 
ATOM   254  C CA  . ASN A 1 32  ? 17.655  -11.533 -12.585 1.00 32.08 ? 119  ASN A CA  1 
ATOM   255  C C   . ASN A 1 32  ? 18.224  -11.155 -11.206 1.00 32.25 ? 119  ASN A C   1 
ATOM   256  O O   . ASN A 1 32  ? 17.728  -11.610 -10.162 1.00 32.38 ? 119  ASN A O   1 
ATOM   257  C CB  . ASN A 1 32  ? 17.927  -13.014 -12.917 1.00 32.73 ? 119  ASN A CB  1 
ATOM   258  C CG  . ASN A 1 32  ? 17.329  -13.972 -11.877 1.00 34.74 ? 119  ASN A CG  1 
ATOM   259  O OD1 . ASN A 1 32  ? 18.052  -14.763 -11.261 1.00 38.49 ? 119  ASN A OD1 1 
ATOM   260  N ND2 . ASN A 1 32  ? 16.008  -13.892 -11.671 1.00 36.82 ? 119  ASN A ND2 1 
ATOM   261  N N   . ARG A 1 33  ? 19.240  -10.302 -11.171 1.00 32.16 ? 120  ARG A N   1 
ATOM   262  C CA  . ARG A 1 33  ? 19.756  -9.903  -9.868  1.00 32.03 ? 120  ARG A CA  1 
ATOM   263  C C   . ARG A 1 33  ? 18.857  -8.868  -9.172  1.00 31.45 ? 120  ARG A C   1 
ATOM   264  O O   . ARG A 1 33  ? 19.113  -8.494  -8.044  1.00 30.99 ? 120  ARG A O   1 
ATOM   265  C CB  . ARG A 1 33  ? 21.222  -9.481  -9.944  1.00 33.04 ? 120  ARG A CB  1 
ATOM   266  C CG  . ARG A 1 33  ? 21.471  -8.187  -10.646 1.00 33.87 ? 120  ARG A CG  1 
ATOM   267  C CD  . ARG A 1 33  ? 22.680  -8.297  -11.549 1.00 33.42 ? 120  ARG A CD  1 
ATOM   268  N NE  . ARG A 1 33  ? 22.538  -7.285  -12.584 1.00 34.34 ? 120  ARG A NE  1 
ATOM   269  C CZ  . ARG A 1 33  ? 23.388  -6.294  -12.805 1.00 34.96 ? 120  ARG A CZ  1 
ATOM   270  N NH1 . ARG A 1 33  ? 24.515  -6.197  -12.114 1.00 35.69 ? 120  ARG A NH1 1 
ATOM   271  N NH2 . ARG A 1 33  ? 23.116  -5.417  -13.760 1.00 35.66 ? 120  ARG A NH2 1 
ATOM   272  N N   . LEU A 1 34  ? 17.786  -8.434  -9.847  1.00 30.27 ? 121  LEU A N   1 
ATOM   273  C CA  . LEU A 1 34  ? 16.753  -7.592  -9.197  1.00 30.08 ? 121  LEU A CA  1 
ATOM   274  C C   . LEU A 1 34  ? 15.758  -8.395  -8.357  1.00 29.58 ? 121  LEU A C   1 
ATOM   275  O O   . LEU A 1 34  ? 14.816  -7.823  -7.808  1.00 29.70 ? 121  LEU A O   1 
ATOM   276  C CB  . LEU A 1 34  ? 15.995  -6.732  -10.225 1.00 30.05 ? 121  LEU A CB  1 
ATOM   277  C CG  . LEU A 1 34  ? 16.739  -5.542  -10.846 1.00 30.29 ? 121  LEU A CG  1 
ATOM   278  C CD1 . LEU A 1 34  ? 16.014  -5.053  -12.076 1.00 30.82 ? 121  LEU A CD1 1 
ATOM   279  C CD2 . LEU A 1 34  ? 16.900  -4.406  -9.842  1.00 30.15 ? 121  LEU A CD2 1 
ATOM   280  N N   . THR A 1 35  ? 15.977  -9.706  -8.256  1.00 29.15 ? 122  THR A N   1 
ATOM   281  C CA  . THR A 1 35  ? 15.090  -10.621 -7.517  1.00 29.52 ? 122  THR A CA  1 
ATOM   282  C C   . THR A 1 35  ? 14.658  -10.130 -6.122  1.00 29.24 ? 122  THR A C   1 
ATOM   283  O O   . THR A 1 35  ? 13.458  -10.043 -5.848  1.00 28.27 ? 122  THR A O   1 
ATOM   284  C CB  . THR A 1 35  ? 15.669  -12.069 -7.459  1.00 29.71 ? 122  THR A CB  1 
ATOM   285  O OG1 . THR A 1 35  ? 15.853  -12.555 -8.793  1.00 31.87 ? 122  THR A OG1 1 
ATOM   286  C CG2 . THR A 1 35  ? 14.704  -13.011 -6.745  1.00 31.34 ? 122  THR A CG2 1 
ATOM   287  N N   . LYS A 1 36  ? 15.614  -9.799  -5.254  1.00 28.76 ? 123  LYS A N   1 
ATOM   288  C CA  . LYS A 1 36  ? 15.284  -9.400  -3.880  1.00 28.78 ? 123  LYS A CA  1 
ATOM   289  C C   . LYS A 1 36  ? 14.653  -8.003  -3.751  1.00 27.35 ? 123  LYS A C   1 
ATOM   290  O O   . LYS A 1 36  ? 14.133  -7.663  -2.690  1.00 27.94 ? 123  LYS A O   1 
ATOM   291  C CB  . LYS A 1 36  ? 16.491  -9.554  -2.935  1.00 29.24 ? 123  LYS A CB  1 
ATOM   292  C CG  . LYS A 1 36  ? 16.963  -10.982 -2.801  1.00 32.79 ? 123  LYS A CG  1 
ATOM   293  C CD  . LYS A 1 36  ? 18.050  -11.129 -1.733  1.00 37.45 ? 123  LYS A CD  1 
ATOM   294  C CE  . LYS A 1 36  ? 18.683  -12.522 -1.795  1.00 42.41 ? 123  LYS A CE  1 
ATOM   295  N NZ  . LYS A 1 36  ? 17.766  -13.592 -1.284  1.00 43.32 ? 123  LYS A NZ  1 
ATOM   296  N N   . ALA A 1 37  ? 14.692  -7.207  -4.822  1.00 26.45 ? 124  ALA A N   1 
ATOM   297  C CA  . ALA A 1 37  ? 14.025  -5.889  -4.836  1.00 26.39 ? 124  ALA A CA  1 
ATOM   298  C C   . ALA A 1 37  ? 12.506  -5.990  -4.980  1.00 25.89 ? 124  ALA A C   1 
ATOM   299  O O   . ALA A 1 37  ? 11.791  -5.048  -4.639  1.00 25.87 ? 124  ALA A O   1 
ATOM   300  C CB  . ALA A 1 37  ? 14.564  -5.002  -5.943  1.00 25.74 ? 124  ALA A CB  1 
ATOM   301  N N   . MET A 1 38  ? 12.034  -7.110  -5.516  1.00 25.83 ? 125  MET A N   1 
ATOM   302  C CA  . MET A 1 38  ? 10.596  -7.300  -5.798  1.00 25.67 ? 125  MET A CA  1 
ATOM   303  C C   . MET A 1 38  ? 9.831   -7.520  -4.516  1.00 25.99 ? 125  MET A C   1 
ATOM   304  O O   . MET A 1 38  ? 10.296  -8.252  -3.632  1.00 24.98 ? 125  MET A O   1 
ATOM   305  C CB  . MET A 1 38  ? 10.397  -8.497  -6.722  1.00 25.96 ? 125  MET A CB  1 
ATOM   306  C CG  . MET A 1 38  ? 11.009  -8.294  -8.113  1.00 26.25 ? 125  MET A CG  1 
ATOM   307  S SD  . MET A 1 38  ? 10.435  -6.765  -8.912  1.00 26.89 ? 125  MET A SD  1 
ATOM   308  C CE  . MET A 1 38  ? 11.381  -6.779  -10.422 1.00 25.20 ? 125  MET A CE  1 
ATOM   309  N N   . VAL A 1 39  ? 8.667   -6.879  -4.391  1.00 26.13 ? 126  VAL A N   1 
ATOM   310  C CA  . VAL A 1 39  ? 7.862   -7.120  -3.215  1.00 27.47 ? 126  VAL A CA  1 
ATOM   311  C C   . VAL A 1 39  ? 7.235   -8.495  -3.338  1.00 27.44 ? 126  VAL A C   1 
ATOM   312  O O   . VAL A 1 39  ? 6.960   -8.981  -4.447  1.00 27.58 ? 126  VAL A O   1 
ATOM   313  C CB  . VAL A 1 39  ? 6.809   -6.024  -2.918  1.00 28.27 ? 126  VAL A CB  1 
ATOM   314  C CG1 . VAL A 1 39  ? 7.472   -4.655  -2.835  1.00 29.66 ? 126  VAL A CG1 1 
ATOM   315  C CG2 . VAL A 1 39  ? 5.700   -6.051  -3.921  1.00 29.28 ? 126  VAL A CG2 1 
ATOM   316  N N   . GLY A 1 40  ? 7.046   -9.116  -2.183  1.00 28.02 ? 127  GLY A N   1 
ATOM   317  C CA  . GLY A 1 40  ? 6.631   -10.504 -2.108  1.00 29.34 ? 127  GLY A CA  1 
ATOM   318  C C   . GLY A 1 40  ? 5.227   -10.739 -2.603  1.00 29.52 ? 127  GLY A C   1 
ATOM   319  O O   . GLY A 1 40  ? 4.343   -9.894  -2.433  1.00 29.79 ? 127  GLY A O   1 
ATOM   320  N N   . ASP A 1 41  ? 5.031   -11.897 -3.221  1.00 29.99 ? 128  ASP A N   1 
ATOM   321  C CA  . ASP A 1 41  ? 3.696   -12.369 -3.543  1.00 30.37 ? 128  ASP A CA  1 
ATOM   322  C C   . ASP A 1 41  ? 2.827   -12.304 -2.293  1.00 29.75 ? 128  ASP A C   1 
ATOM   323  O O   . ASP A 1 41  ? 3.252   -12.727 -1.209  1.00 30.15 ? 128  ASP A O   1 
ATOM   324  C CB  . ASP A 1 41  ? 3.746   -13.816 -4.017  1.00 31.00 ? 128  ASP A CB  1 
ATOM   325  C CG  . ASP A 1 41  ? 4.357   -13.969 -5.392  1.00 32.94 ? 128  ASP A CG  1 
ATOM   326  O OD1 . ASP A 1 41  ? 5.036   -13.030 -5.879  1.00 35.13 ? 128  ASP A OD1 1 
ATOM   327  O OD2 . ASP A 1 41  ? 4.156   -15.050 -5.987  1.00 35.96 ? 128  ASP A OD2 1 
ATOM   328  N N   . GLY A 1 42  ? 1.621   -11.776 -2.454  1.00 29.38 ? 129  GLY A N   1 
ATOM   329  C CA  . GLY A 1 42  ? 0.638   -11.736 -1.359  1.00 29.43 ? 129  GLY A CA  1 
ATOM   330  C C   . GLY A 1 42  ? 0.696   -10.489 -0.492  1.00 29.46 ? 129  GLY A C   1 
ATOM   331  O O   . GLY A 1 42  ? -0.193  -10.272 0.350   1.00 29.13 ? 129  GLY A O   1 
ATOM   332  N N   . SER A 1 43  ? 1.712   -9.650  -0.715  1.00 28.87 ? 130  SER A N   1 
ATOM   333  C CA  . SER A 1 43  ? 1.924   -8.451  0.110   1.00 28.43 ? 130  SER A CA  1 
ATOM   334  C C   . SER A 1 43  ? 1.319   -7.177  -0.480  1.00 27.76 ? 130  SER A C   1 
ATOM   335  O O   . SER A 1 43  ? 1.437   -6.124  0.133   1.00 28.12 ? 130  SER A O   1 
ATOM   336  C CB  . SER A 1 43  ? 3.423   -8.215  0.386   1.00 28.47 ? 130  SER A CB  1 
ATOM   337  O OG  . SER A 1 43  ? 4.102   -7.763  -0.788  1.00 29.44 ? 130  SER A OG  1 
ATOM   338  N N   . PHE A 1 44  ? 0.697   -7.249  -1.662  1.00 27.62 ? 131  PHE A N   1 
ATOM   339  C CA  . PHE A 1 44  ? 0.284   -6.030  -2.367  1.00 27.01 ? 131  PHE A CA  1 
ATOM   340  C C   . PHE A 1 44  ? -0.820  -5.272  -1.627  1.00 27.40 ? 131  PHE A C   1 
ATOM   341  O O   . PHE A 1 44  ? -1.808  -5.873  -1.220  1.00 27.28 ? 131  PHE A O   1 
ATOM   342  C CB  . PHE A 1 44  ? -0.119  -6.335  -3.809  1.00 28.11 ? 131  PHE A CB  1 
ATOM   343  C CG  . PHE A 1 44  ? 1.016   -6.899  -4.600  1.00 27.11 ? 131  PHE A CG  1 
ATOM   344  C CD1 . PHE A 1 44  ? 2.011   -6.058  -5.076  1.00 29.11 ? 131  PHE A CD1 1 
ATOM   345  C CD2 . PHE A 1 44  ? 1.150   -8.268  -4.762  1.00 30.61 ? 131  PHE A CD2 1 
ATOM   346  C CE1 . PHE A 1 44  ? 3.113   -6.570  -5.761  1.00 29.68 ? 131  PHE A CE1 1 
ATOM   347  C CE2 . PHE A 1 44  ? 2.258   -8.795  -5.457  1.00 33.21 ? 131  PHE A CE2 1 
ATOM   348  C CZ  . PHE A 1 44  ? 3.236   -7.933  -5.946  1.00 31.43 ? 131  PHE A CZ  1 
ATOM   349  N N   . HIS A 1 45  ? -0.634  -3.960  -1.496  1.00 27.08 ? 132  HIS A N   1 
ATOM   350  C CA  . HIS A 1 45  ? -1.531  -3.090  -0.721  1.00 26.40 ? 132  HIS A CA  1 
ATOM   351  C C   . HIS A 1 45  ? -1.337  -1.617  -1.096  1.00 26.76 ? 132  HIS A C   1 
ATOM   352  O O   . HIS A 1 45  ? -0.306  -1.238  -1.688  1.00 25.92 ? 132  HIS A O   1 
ATOM   353  C CB  . HIS A 1 45  ? -1.213  -3.241  0.771   1.00 26.13 ? 132  HIS A CB  1 
ATOM   354  C CG  . HIS A 1 45  ? 0.168   -2.784  1.135   1.00 28.11 ? 132  HIS A CG  1 
ATOM   355  N ND1 . HIS A 1 45  ? 0.438   -1.537  1.665   1.00 31.17 ? 132  HIS A ND1 1 
ATOM   356  C CD2 . HIS A 1 45  ? 1.368   -3.388  0.966   1.00 27.58 ? 132  HIS A CD2 1 
ATOM   357  C CE1 . HIS A 1 45  ? 1.746   -1.407  1.838   1.00 27.73 ? 132  HIS A CE1 1 
ATOM   358  N NE2 . HIS A 1 45  ? 2.329   -2.516  1.421   1.00 31.00 ? 132  HIS A NE2 1 
ATOM   359  N N   . ILE A 1 46  ? -2.314  -0.787  -0.726  1.00 26.16 ? 133  ILE A N   1 
ATOM   360  C CA  . ILE A 1 46  ? -2.167  0.655   -0.700  1.00 27.88 ? 133  ILE A CA  1 
ATOM   361  C C   . ILE A 1 46  ? -2.087  1.070   0.753   1.00 27.89 ? 133  ILE A C   1 
ATOM   362  O O   . ILE A 1 46  ? -2.898  0.645   1.543   1.00 28.07 ? 133  ILE A O   1 
ATOM   363  C CB  . ILE A 1 46  ? -3.416  1.377   -1.327  1.00 28.34 ? 133  ILE A CB  1 
ATOM   364  C CG1 . ILE A 1 46  ? -3.675  0.857   -2.734  1.00 31.47 ? 133  ILE A CG1 1 
ATOM   365  C CG2 . ILE A 1 46  ? -3.228  2.894   -1.277  1.00 30.54 ? 133  ILE A CG2 1 
ATOM   366  C CD1 . ILE A 1 46  ? -2.464  0.919   -3.632  1.00 31.43 ? 133  ILE A CD1 1 
ATOM   367  N N   . THR A 1 47  ? -1.108  1.895   1.100   1.00 28.34 ? 134  THR A N   1 
ATOM   368  C CA  . THR A 1 47  ? -1.013  2.405   2.461   1.00 29.51 ? 134  THR A CA  1 
ATOM   369  C C   . THR A 1 47  ? -1.961  3.603   2.581   1.00 29.00 ? 134  THR A C   1 
ATOM   370  O O   . THR A 1 47  ? -1.916  4.548   1.782   1.00 30.08 ? 134  THR A O   1 
ATOM   371  C CB  . THR A 1 47  ? 0.442   2.802   2.811   1.00 30.50 ? 134  THR A CB  1 
ATOM   372  O OG1 . THR A 1 47  ? 1.289   1.655   2.666   1.00 31.36 ? 134  THR A OG1 1 
ATOM   373  C CG2 . THR A 1 47  ? 0.532   3.365   4.227   1.00 29.89 ? 134  THR A CG2 1 
ATOM   374  N N   . LEU A 1 48  ? -2.847  3.539   3.560   1.00 28.70 ? 135  LEU A N   1 
ATOM   375  C CA  . LEU A 1 48  ? -3.811  4.592   3.791   1.00 28.57 ? 135  LEU A CA  1 
ATOM   376  C C   . LEU A 1 48  ? -3.307  5.579   4.853   1.00 28.60 ? 135  LEU A C   1 
ATOM   377  O O   . LEU A 1 48  ? -3.529  6.779   4.741   1.00 28.50 ? 135  LEU A O   1 
ATOM   378  C CB  . LEU A 1 48  ? -5.121  3.970   4.257   1.00 29.31 ? 135  LEU A CB  1 
ATOM   379  C CG  . LEU A 1 48  ? -6.358  4.842   4.403   1.00 29.76 ? 135  LEU A CG  1 
ATOM   380  C CD1 . LEU A 1 48  ? -6.700  5.536   3.062   1.00 29.19 ? 135  LEU A CD1 1 
ATOM   381  C CD2 . LEU A 1 48  ? -7.523  3.967   4.903   1.00 31.31 ? 135  LEU A CD2 1 
ATOM   382  N N   . LEU A 1 49  ? -2.602  5.070   5.864   1.00 27.64 ? 136  LEU A N   1 
ATOM   383  C CA  . LEU A 1 49  ? -2.186  5.898   7.011   1.00 27.17 ? 136  LEU A CA  1 
ATOM   384  C C   . LEU A 1 49  ? -1.036  5.186   7.695   1.00 26.95 ? 136  LEU A C   1 
ATOM   385  O O   . LEU A 1 49  ? -1.141  3.995   7.930   1.00 27.92 ? 136  LEU A O   1 
ATOM   386  C CB  . LEU A 1 49  ? -3.345  6.003   8.016   1.00 27.11 ? 136  LEU A CB  1 
ATOM   387  C CG  . LEU A 1 49  ? -3.133  6.843   9.280   1.00 26.29 ? 136  LEU A CG  1 
ATOM   388  C CD1 . LEU A 1 49  ? -2.997  8.318   8.865   1.00 26.19 ? 136  LEU A CD1 1 
ATOM   389  C CD2 . LEU A 1 49  ? -4.234  6.647   10.312  1.00 26.58 ? 136  LEU A CD2 1 
ATOM   390  N N   . VAL A 1 50  ? 0.051   5.897   8.008   1.00 25.96 ? 137  VAL A N   1 
ATOM   391  C CA  . VAL A 1 50  ? 1.119   5.294   8.821   1.00 25.43 ? 137  VAL A CA  1 
ATOM   392  C C   . VAL A 1 50  ? 0.982   5.761   10.276  1.00 24.79 ? 137  VAL A C   1 
ATOM   393  O O   . VAL A 1 50  ? 0.306   6.752   10.549  1.00 24.26 ? 137  VAL A O   1 
ATOM   394  C CB  . VAL A 1 50  ? 2.553   5.566   8.267   1.00 25.56 ? 137  VAL A CB  1 
ATOM   395  C CG1 . VAL A 1 50  ? 2.674   5.099   6.800   1.00 25.90 ? 137  VAL A CG1 1 
ATOM   396  C CG2 . VAL A 1 50  ? 2.934   7.026   8.409   1.00 26.39 ? 137  VAL A CG2 1 
ATOM   397  N N   . MET A 1 51  ? 1.609   5.048   11.209  1.00 24.32 ? 138  MET A N   1 
ATOM   398  C CA  . MET A 1 51  ? 1.509   5.402   12.623  1.00 24.42 ? 138  MET A CA  1 
ATOM   399  C C   . MET A 1 51  ? 2.566   4.692   13.461  1.00 24.28 ? 138  MET A C   1 
ATOM   400  O O   . MET A 1 51  ? 3.270   3.824   12.963  1.00 24.51 ? 138  MET A O   1 
ATOM   401  C CB  . MET A 1 51  ? 0.124   5.012   13.164  1.00 23.80 ? 138  MET A CB  1 
ATOM   402  C CG  . MET A 1 51  ? -0.086  3.508   13.288  1.00 25.20 ? 138  MET A CG  1 
ATOM   403  S SD  . MET A 1 51  ? -1.827  3.065   13.538  1.00 25.86 ? 138  MET A SD  1 
ATOM   404  C CE  . MET A 1 51  ? -2.468  3.309   11.876  1.00 27.44 ? 138  MET A CE  1 
ATOM   405  N N   . GLN A 1 52  ? 2.646   5.061   14.730  1.00 24.81 ? 139  GLN A N   1 
ATOM   406  C CA  . GLN A 1 52  ? 3.466   4.327   15.704  1.00 25.70 ? 139  GLN A CA  1 
ATOM   407  C C   . GLN A 1 52  ? 2.580   3.695   16.764  1.00 26.08 ? 139  GLN A C   1 
ATOM   408  O O   . GLN A 1 52  ? 1.845   4.414   17.457  1.00 25.91 ? 139  GLN A O   1 
ATOM   409  C CB  . GLN A 1 52  ? 4.443   5.265   16.388  1.00 26.23 ? 139  GLN A CB  1 
ATOM   410  C CG  . GLN A 1 52  ? 5.664   5.573   15.587  1.00 27.84 ? 139  GLN A CG  1 
ATOM   411  C CD  . GLN A 1 52  ? 6.758   6.284   16.392  1.00 27.08 ? 139  GLN A CD  1 
ATOM   412  O OE1 . GLN A 1 52  ? 7.928   6.211   16.035  1.00 31.01 ? 139  GLN A OE1 1 
ATOM   413  N NE2 . GLN A 1 52  ? 6.378   6.996   17.450  1.00 24.66 ? 139  GLN A NE2 1 
ATOM   414  N N   . LEU A 1 53  ? 2.638   2.368   16.888  1.00 26.36 ? 140  LEU A N   1 
ATOM   415  C CA  . LEU A 1 53  ? 2.031   1.669   18.031  1.00 27.22 ? 140  LEU A CA  1 
ATOM   416  C C   . LEU A 1 53  ? 3.157   0.973   18.774  1.00 28.08 ? 140  LEU A C   1 
ATOM   417  O O   . LEU A 1 53  ? 3.745   0.027   18.255  1.00 28.62 ? 140  LEU A O   1 
ATOM   418  C CB  . LEU A 1 53  ? 0.985   0.647   17.583  1.00 27.38 ? 140  LEU A CB  1 
ATOM   419  C CG  . LEU A 1 53  ? -0.145  1.142   16.672  1.00 26.19 ? 140  LEU A CG  1 
ATOM   420  C CD1 . LEU A 1 53  ? -1.083  0.004   16.278  1.00 27.45 ? 140  LEU A CD1 1 
ATOM   421  C CD2 . LEU A 1 53  ? -0.928  2.310   17.302  1.00 25.88 ? 140  LEU A CD2 1 
ATOM   422  N N   . LEU A 1 54  ? 3.444   1.452   19.976  1.00 29.00 ? 141  LEU A N   1 
ATOM   423  C CA  . LEU A 1 54  ? 4.693   1.112   20.665  1.00 29.85 ? 141  LEU A CA  1 
ATOM   424  C C   . LEU A 1 54  ? 4.569   0.166   21.863  1.00 30.57 ? 141  LEU A C   1 
ATOM   425  O O   . LEU A 1 54  ? 5.567   -0.123  22.531  1.00 30.92 ? 141  LEU A O   1 
ATOM   426  C CB  . LEU A 1 54  ? 5.426   2.399   21.058  1.00 30.12 ? 141  LEU A CB  1 
ATOM   427  C CG  . LEU A 1 54  ? 5.766   3.345   19.893  1.00 30.95 ? 141  LEU A CG  1 
ATOM   428  C CD1 . LEU A 1 54  ? 6.458   4.587   20.399  1.00 32.59 ? 141  LEU A CD1 1 
ATOM   429  C CD2 . LEU A 1 54  ? 6.602   2.671   18.804  1.00 32.46 ? 141  LEU A CD2 1 
ATOM   430  N N   . ASN A 1 55  ? 3.356   -0.310  22.136  1.00 30.93 ? 142  ASN A N   1 
ATOM   431  C CA  . ASN A 1 55  ? 3.115   -1.327  23.172  1.00 31.21 ? 142  ASN A CA  1 
ATOM   432  C C   . ASN A 1 55  ? 1.771   -2.030  22.982  1.00 31.18 ? 142  ASN A C   1 
ATOM   433  O O   . ASN A 1 55  ? 0.991   -1.655  22.105  1.00 30.41 ? 142  ASN A O   1 
ATOM   434  C CB  . ASN A 1 55  ? 3.264   -0.759  24.599  1.00 31.45 ? 142  ASN A CB  1 
ATOM   435  C CG  . ASN A 1 55  ? 2.426   0.485   24.838  1.00 31.44 ? 142  ASN A CG  1 
ATOM   436  O OD1 . ASN A 1 55  ? 1.199   0.471   24.705  1.00 30.17 ? 142  ASN A OD1 1 
ATOM   437  N ND2 . ASN A 1 55  ? 3.087   1.562   25.244  1.00 32.64 ? 142  ASN A ND2 1 
ATOM   438  N N   . GLU A 1 56  ? 1.508   -3.041  23.815  1.00 31.39 ? 143  GLU A N   1 
ATOM   439  C CA  . GLU A 1 56  ? 0.263   -3.813  23.752  1.00 31.48 ? 143  GLU A CA  1 
ATOM   440  C C   . GLU A 1 56  ? -0.991  -2.941  23.852  1.00 31.29 ? 143  GLU A C   1 
ATOM   441  O O   . GLU A 1 56  ? -1.935  -3.128  23.083  1.00 31.19 ? 143  GLU A O   1 
ATOM   442  C CB  . GLU A 1 56  ? 0.247   -4.889  24.822  1.00 31.95 ? 143  GLU A CB  1 
ATOM   443  N N   . ASP A 1 57  ? -0.992  -1.989  24.789  1.00 31.14 ? 144  ASP A N   1 
ATOM   444  C CA  . ASP A 1 57  ? -2.142  -1.095  24.979  1.00 31.14 ? 144  ASP A CA  1 
ATOM   445  C C   . ASP A 1 57  ? -2.395  -0.257  23.733  1.00 30.75 ? 144  ASP A C   1 
ATOM   446  O O   . ASP A 1 57  ? -3.545  -0.081  23.325  1.00 30.34 ? 144  ASP A O   1 
ATOM   447  C CB  . ASP A 1 57  ? -1.946  -0.156  26.172  1.00 31.16 ? 144  ASP A CB  1 
ATOM   448  C CG  . ASP A 1 57  ? -1.996  -0.875  27.508  1.00 32.90 ? 144  ASP A CG  1 
ATOM   449  O OD1 . ASP A 1 57  ? -2.104  -2.125  27.533  1.00 35.12 ? 144  ASP A OD1 1 
ATOM   450  O OD2 . ASP A 1 57  ? -1.904  -0.179  28.542  1.00 33.21 ? 144  ASP A OD2 1 
ATOM   451  N N   . GLU A 1 58  ? -1.312  0.257   23.148  1.00 30.69 ? 145  GLU A N   1 
ATOM   452  C CA  . GLU A 1 58  ? -1.398  1.101   21.955  1.00 30.55 ? 145  GLU A CA  1 
ATOM   453  C C   . GLU A 1 58  ? -1.833  0.301   20.739  1.00 30.94 ? 145  GLU A C   1 
ATOM   454  O O   . GLU A 1 58  ? -2.585  0.808   19.904  1.00 30.54 ? 145  GLU A O   1 
ATOM   455  C CB  . GLU A 1 58  ? -0.089  1.865   21.705  1.00 30.43 ? 145  GLU A CB  1 
ATOM   456  C CG  . GLU A 1 58  ? 0.058   3.068   22.648  1.00 30.67 ? 145  GLU A CG  1 
ATOM   457  C CD  . GLU A 1 58  ? 1.256   3.967   22.364  1.00 31.58 ? 145  GLU A CD  1 
ATOM   458  O OE1 . GLU A 1 58  ? 1.993   3.748   21.361  1.00 31.15 ? 145  GLU A OE1 1 
ATOM   459  O OE2 . GLU A 1 58  ? 1.455   4.905   23.174  1.00 32.36 ? 145  GLU A OE2 1 
ATOM   460  N N   . VAL A 1 59  ? -1.387  -0.952  20.658  1.00 30.94 ? 146  VAL A N   1 
ATOM   461  C CA  . VAL A 1 59  ? -1.883  -1.872  19.630  1.00 31.73 ? 146  VAL A CA  1 
ATOM   462  C C   . VAL A 1 59  ? -3.396  -2.081  19.807  1.00 31.56 ? 146  VAL A C   1 
ATOM   463  O O   . VAL A 1 59  ? -4.141  -2.043  18.826  1.00 32.40 ? 146  VAL A O   1 
ATOM   464  C CB  . VAL A 1 59  ? -1.068  -3.204  19.568  1.00 31.79 ? 146  VAL A CB  1 
ATOM   465  C CG1 . VAL A 1 59  ? -1.710  -4.222  18.617  1.00 31.88 ? 146  VAL A CG1 1 
ATOM   466  C CG2 . VAL A 1 59  ? 0.359   -2.921  19.114  1.00 32.55 ? 146  VAL A CG2 1 
ATOM   467  N N   . ASN A 1 60  ? -3.857  -2.246  21.047  1.00 31.38 ? 147  ASN A N   1 
ATOM   468  C CA  . ASN A 1 60  ? -5.300  -2.310  21.301  1.00 31.37 ? 147  ASN A CA  1 
ATOM   469  C C   . ASN A 1 60  ? -6.025  -1.014  20.944  1.00 30.61 ? 147  ASN A C   1 
ATOM   470  O O   . ASN A 1 60  ? -7.098  -1.058  20.350  1.00 30.66 ? 147  ASN A O   1 
ATOM   471  C CB  . ASN A 1 60  ? -5.610  -2.735  22.738  1.00 31.59 ? 147  ASN A CB  1 
ATOM   472  C CG  . ASN A 1 60  ? -5.380  -4.223  22.966  1.00 32.86 ? 147  ASN A CG  1 
ATOM   473  O OD1 . ASN A 1 60  ? -5.446  -5.035  22.034  1.00 35.37 ? 147  ASN A OD1 1 
ATOM   474  N ND2 . ASN A 1 60  ? -5.103  -4.584  24.206  1.00 34.28 ? 147  ASN A ND2 1 
ATOM   475  N N   . ILE A 1 61  ? -5.421  0.125   21.299  1.00 30.66 ? 148  ILE A N   1 
ATOM   476  C CA  . ILE A 1 61  ? -5.939  1.464   20.964  1.00 30.44 ? 148  ILE A CA  1 
ATOM   477  C C   . ILE A 1 61  ? -6.078  1.667   19.446  1.00 30.24 ? 148  ILE A C   1 
ATOM   478  O O   . ILE A 1 61  ? -7.088  2.208   18.980  1.00 30.18 ? 148  ILE A O   1 
ATOM   479  C CB  . ILE A 1 61  ? -5.062  2.613   21.585  1.00 30.92 ? 148  ILE A CB  1 
ATOM   480  C CG1 . ILE A 1 61  ? -5.052  2.586   23.131  1.00 30.66 ? 148  ILE A CG1 1 
ATOM   481  C CG2 . ILE A 1 61  ? -5.480  3.990   21.050  1.00 31.74 ? 148  ILE A CG2 1 
ATOM   482  C CD1 . ILE A 1 61  ? -6.339  2.172   23.790  1.00 32.91 ? 148  ILE A CD1 1 
ATOM   483  N N   . GLY A 1 62  ? -5.056  1.251   18.688  1.00 29.29 ? 149  GLY A N   1 
ATOM   484  C CA  . GLY A 1 62  ? -5.112  1.260   17.212  1.00 29.92 ? 149  GLY A CA  1 
ATOM   485  C C   . GLY A 1 62  ? -6.317  0.488   16.692  1.00 29.33 ? 149  GLY A C   1 
ATOM   486  O O   . GLY A 1 62  ? -7.065  0.961   15.833  1.00 29.34 ? 149  GLY A O   1 
ATOM   487  N N   . THR A 1 63  ? -6.500  -0.712  17.230  1.00 29.75 ? 150  THR A N   1 
ATOM   488  C CA  . THR A 1 63  ? -7.629  -1.565  16.878  1.00 29.66 ? 150  THR A CA  1 
ATOM   489  C C   . THR A 1 63  ? -8.967  -0.856  17.175  1.00 29.45 ? 150  THR A C   1 
ATOM   490  O O   . THR A 1 63  ? -9.851  -0.822  16.319  1.00 29.02 ? 150  THR A O   1 
ATOM   491  C CB  . THR A 1 63  ? -7.506  -2.938  17.580  1.00 29.89 ? 150  THR A CB  1 
ATOM   492  O OG1 . THR A 1 63  ? -6.369  -3.629  17.049  1.00 30.57 ? 150  THR A OG1 1 
ATOM   493  C CG2 . THR A 1 63  ? -8.748  -3.794  17.362  1.00 30.14 ? 150  THR A CG2 1 
ATOM   494  N N   . ASP A 1 64  ? -9.082  -0.256  18.359  1.00 29.25 ? 151  ASP A N   1 
ATOM   495  C CA  . ASP A 1 64  ? -10.244 0.563   18.719  1.00 29.60 ? 151  ASP A CA  1 
ATOM   496  C C   . ASP A 1 64  ? -10.489 1.719   17.740  1.00 29.48 ? 151  ASP A C   1 
ATOM   497  O O   . ASP A 1 64  ? -11.631 1.944   17.312  1.00 29.02 ? 151  ASP A O   1 
ATOM   498  C CB  . ASP A 1 64  ? -10.107 1.125   20.148  1.00 30.06 ? 151  ASP A CB  1 
ATOM   499  C CG  . ASP A 1 64  ? -10.211 0.053   21.219  1.00 31.98 ? 151  ASP A CG  1 
ATOM   500  O OD1 . ASP A 1 64  ? -10.500 -1.117  20.884  1.00 34.04 ? 151  ASP A OD1 1 
ATOM   501  O OD2 . ASP A 1 64  ? -10.004 0.392   22.410  1.00 33.55 ? 151  ASP A OD2 1 
ATOM   502  N N   . ALA A 1 65  ? -9.418  2.444   17.400  1.00 29.23 ? 152  ALA A N   1 
ATOM   503  C CA  . ALA A 1 65  ? -9.491  3.570   16.470  1.00 29.16 ? 152  ALA A CA  1 
ATOM   504  C C   . ALA A 1 65  ? -9.932  3.135   15.073  1.00 29.17 ? 152  ALA A C   1 
ATOM   505  O O   . ALA A 1 65  ? -10.703 3.857   14.418  1.00 28.53 ? 152  ALA A O   1 
ATOM   506  C CB  . ALA A 1 65  ? -8.151  4.321   16.413  1.00 29.75 ? 152  ALA A CB  1 
ATOM   507  N N   . LEU A 1 66  ? -9.459  1.964   14.620  1.00 29.03 ? 153  LEU A N   1 
ATOM   508  C CA  . LEU A 1 66  ? -9.889  1.396   13.328  1.00 29.55 ? 153  LEU A CA  1 
ATOM   509  C C   . LEU A 1 66  ? -11.397 1.111   13.319  1.00 29.91 ? 153  LEU A C   1 
ATOM   510  O O   . LEU A 1 66  ? -12.086 1.426   12.344  1.00 29.33 ? 153  LEU A O   1 
ATOM   511  C CB  . LEU A 1 66  ? -9.113  0.126   12.946  1.00 29.98 ? 153  LEU A CB  1 
ATOM   512  C CG  . LEU A 1 66  ? -9.421  -0.474  11.557  1.00 30.92 ? 153  LEU A CG  1 
ATOM   513  C CD1 . LEU A 1 66  ? -9.247  0.557   10.429  1.00 31.74 ? 153  LEU A CD1 1 
ATOM   514  C CD2 . LEU A 1 66  ? -8.607  -1.733  11.230  1.00 31.02 ? 153  LEU A CD2 1 
ATOM   515  N N   . LEU A 1 67  ? -11.887 0.511   14.406  1.00 30.43 ? 154  LEU A N   1 
ATOM   516  C CA  . LEU A 1 67  ? -13.314 0.219   14.566  1.00 31.31 ? 154  LEU A CA  1 
ATOM   517  C C   . LEU A 1 67  ? -14.131 1.503   14.521  1.00 31.52 ? 154  LEU A C   1 
ATOM   518  O O   . LEU A 1 67  ? -15.142 1.584   13.813  1.00 31.96 ? 154  LEU A O   1 
ATOM   519  C CB  . LEU A 1 67  ? -13.568 -0.564  15.863  1.00 31.41 ? 154  LEU A CB  1 
ATOM   520  C CG  . LEU A 1 67  ? -13.191 -2.055  15.892  1.00 33.44 ? 154  LEU A CG  1 
ATOM   521  C CD1 . LEU A 1 67  ? -13.153 -2.575  17.336  1.00 34.70 ? 154  LEU A CD1 1 
ATOM   522  C CD2 . LEU A 1 67  ? -14.146 -2.910  15.052  1.00 33.89 ? 154  LEU A CD2 1 
ATOM   523  N N   . GLU A 1 68  ? -13.665 2.512   15.250  1.00 32.16 ? 155  GLU A N   1 
ATOM   524  C CA  . GLU A 1 68  ? -14.301 3.824   15.287  1.00 32.99 ? 155  GLU A CA  1 
ATOM   525  C C   . GLU A 1 68  ? -14.304 4.528   13.927  1.00 32.38 ? 155  GLU A C   1 
ATOM   526  O O   . GLU A 1 68  ? -15.192 5.342   13.649  1.00 32.11 ? 155  GLU A O   1 
ATOM   527  C CB  . GLU A 1 68  ? -13.622 4.710   16.326  1.00 33.22 ? 155  GLU A CB  1 
ATOM   528  C CG  . GLU A 1 68  ? -13.904 4.291   17.774  1.00 36.67 ? 155  GLU A CG  1 
ATOM   529  C CD  . GLU A 1 68  ? -13.709 5.428   18.764  1.00 40.48 ? 155  GLU A CD  1 
ATOM   530  O OE1 . GLU A 1 68  ? -13.194 6.497   18.365  1.00 43.51 ? 155  GLU A OE1 1 
ATOM   531  O OE2 . GLU A 1 68  ? -14.072 5.251   19.947  1.00 43.31 ? 155  GLU A OE2 1 
ATOM   532  N N   . LEU A 1 69  ? -13.308 4.215   13.093  1.00 31.89 ? 156  LEU A N   1 
ATOM   533  C CA  . LEU A 1 69  ? -13.198 4.818   11.756  1.00 31.00 ? 156  LEU A CA  1 
ATOM   534  C C   . LEU A 1 69  ? -14.274 4.354   10.772  1.00 30.52 ? 156  LEU A C   1 
ATOM   535  O O   . LEU A 1 69  ? -14.615 5.078   9.829   1.00 30.01 ? 156  LEU A O   1 
ATOM   536  C CB  . LEU A 1 69  ? -11.805 4.547   11.155  1.00 30.79 ? 156  LEU A CB  1 
ATOM   537  C CG  . LEU A 1 69  ? -11.477 5.068   9.743   1.00 31.19 ? 156  LEU A CG  1 
ATOM   538  C CD1 . LEU A 1 69  ? -11.512 6.589   9.688   1.00 31.56 ? 156  LEU A CD1 1 
ATOM   539  C CD2 . LEU A 1 69  ? -10.089 4.547   9.318   1.00 31.23 ? 156  LEU A CD2 1 
ATOM   540  N N   . LYS A 1 70  ? -14.761 3.130   10.959  1.00 29.76 ? 157  LYS A N   1 
ATOM   541  C CA  . LYS A 1 70  ? -15.695 2.509   10.009  1.00 29.40 ? 157  LYS A CA  1 
ATOM   542  C C   . LYS A 1 70  ? -16.880 3.407   9.599   1.00 28.58 ? 157  LYS A C   1 
ATOM   543  O O   . LYS A 1 70  ? -17.045 3.683   8.410   1.00 28.31 ? 157  LYS A O   1 
ATOM   544  C CB  . LYS A 1 70  ? -16.177 1.143   10.515  1.00 29.61 ? 157  LYS A CB  1 
ATOM   545  C CG  . LYS A 1 70  ? -17.208 0.468   9.619   1.00 30.35 ? 157  LYS A CG  1 
ATOM   546  C CD  . LYS A 1 70  ? -17.455 -0.967  10.051  1.00 32.58 ? 157  LYS A CD  1 
ATOM   547  C CE  . LYS A 1 70  ? -18.706 -1.497  9.378   1.00 32.88 ? 157  LYS A CE  1 
ATOM   548  N NZ  . LYS A 1 70  ? -18.815 -2.977  9.466   1.00 37.28 ? 157  LYS A NZ  1 
ATOM   549  N N   . PRO A 1 71  ? -17.703 3.852   10.572  1.00 27.98 ? 158  PRO A N   1 
ATOM   550  C CA  . PRO A 1 71  ? -18.846 4.712   10.224  1.00 27.40 ? 158  PRO A CA  1 
ATOM   551  C C   . PRO A 1 71  ? -18.455 5.990   9.479   1.00 27.31 ? 158  PRO A C   1 
ATOM   552  O O   . PRO A 1 71  ? -19.210 6.455   8.591   1.00 26.19 ? 158  PRO A O   1 
ATOM   553  C CB  . PRO A 1 71  ? -19.471 5.044   11.584  1.00 27.61 ? 158  PRO A CB  1 
ATOM   554  C CG  . PRO A 1 71  ? -18.405 4.741   12.596  1.00 27.40 ? 158  PRO A CG  1 
ATOM   555  C CD  . PRO A 1 71  ? -17.641 3.595   12.024  1.00 28.02 ? 158  PRO A CD  1 
ATOM   556  N N   . PHE A 1 72  ? -17.303 6.560   9.842   1.00 27.31 ? 159  PHE A N   1 
ATOM   557  C CA  . PHE A 1 72  ? -16.768 7.732   9.137   1.00 28.70 ? 159  PHE A CA  1 
ATOM   558  C C   . PHE A 1 72  ? -16.525 7.479   7.651   1.00 28.16 ? 159  PHE A C   1 
ATOM   559  O O   . PHE A 1 72  ? -16.858 8.316   6.820   1.00 27.75 ? 159  PHE A O   1 
ATOM   560  C CB  . PHE A 1 72  ? -15.472 8.237   9.788   1.00 28.89 ? 159  PHE A CB  1 
ATOM   561  C CG  . PHE A 1 72  ? -15.685 8.886   11.119  1.00 30.57 ? 159  PHE A CG  1 
ATOM   562  C CD1 . PHE A 1 72  ? -16.146 10.197  11.197  1.00 32.44 ? 159  PHE A CD1 1 
ATOM   563  C CD2 . PHE A 1 72  ? -15.420 8.189   12.292  1.00 31.78 ? 159  PHE A CD2 1 
ATOM   564  C CE1 . PHE A 1 72  ? -16.347 10.808  12.428  1.00 32.31 ? 159  PHE A CE1 1 
ATOM   565  C CE2 . PHE A 1 72  ? -15.628 8.787   13.538  1.00 32.87 ? 159  PHE A CE2 1 
ATOM   566  C CZ  . PHE A 1 72  ? -16.092 10.097  13.601  1.00 32.99 ? 159  PHE A CZ  1 
ATOM   567  N N   . VAL A 1 73  ? -15.922 6.338   7.320   1.00 28.65 ? 160  VAL A N   1 
ATOM   568  C CA  . VAL A 1 73  ? -15.675 6.007   5.920   1.00 28.56 ? 160  VAL A CA  1 
ATOM   569  C C   . VAL A 1 73  ? -16.998 5.779   5.187   1.00 28.40 ? 160  VAL A C   1 
ATOM   570  O O   . VAL A 1 73  ? -17.133 6.154   4.026   1.00 28.09 ? 160  VAL A O   1 
ATOM   571  C CB  . VAL A 1 73  ? -14.707 4.784   5.753   1.00 28.91 ? 160  VAL A CB  1 
ATOM   572  C CG1 . VAL A 1 73  ? -14.536 4.441   4.271   1.00 29.24 ? 160  VAL A CG1 1 
ATOM   573  C CG2 . VAL A 1 73  ? -13.370 5.095   6.377   1.00 29.50 ? 160  VAL A CG2 1 
ATOM   574  N N   . GLU A 1 74  ? -17.979 5.187   5.883   1.00 28.61 ? 161  GLU A N   1 
ATOM   575  C CA  . GLU A 1 74  ? -19.311 4.986   5.322   1.00 28.97 ? 161  GLU A CA  1 
ATOM   576  C C   . GLU A 1 74  ? -20.010 6.322   5.051   1.00 28.57 ? 161  GLU A C   1 
ATOM   577  O O   . GLU A 1 74  ? -20.668 6.489   4.017   1.00 29.16 ? 161  GLU A O   1 
ATOM   578  C CB  . GLU A 1 74  ? -20.154 4.050   6.211   1.00 29.04 ? 161  GLU A CB  1 
ATOM   579  C CG  . GLU A 1 74  ? -19.715 2.586   6.060   1.00 30.35 ? 161  GLU A CG  1 
ATOM   580  C CD  . GLU A 1 74  ? -20.185 1.637   7.173   1.00 32.70 ? 161  GLU A CD  1 
ATOM   581  O OE1 . GLU A 1 74  ? -20.955 2.047   8.073   1.00 30.93 ? 161  GLU A OE1 1 
ATOM   582  O OE2 . GLU A 1 74  ? -19.759 0.452   7.134   1.00 33.89 ? 161  GLU A OE2 1 
ATOM   583  N N   . GLU A 1 75  ? -19.843 7.270   5.971   1.00 28.42 ? 162  GLU A N   1 
ATOM   584  C CA  . GLU A 1 75  ? -20.378 8.634   5.817   1.00 28.12 ? 162  GLU A CA  1 
ATOM   585  C C   . GLU A 1 75  ? -19.789 9.263   4.572   1.00 27.28 ? 162  GLU A C   1 
ATOM   586  O O   . GLU A 1 75  ? -20.508 9.769   3.722   1.00 26.31 ? 162  GLU A O   1 
ATOM   587  C CB  . GLU A 1 75  ? -19.964 9.495   7.005   1.00 28.82 ? 162  GLU A CB  1 
ATOM   588  C CG  . GLU A 1 75  ? -20.998 9.687   8.083   1.00 31.82 ? 162  GLU A CG  1 
ATOM   589  C CD  . GLU A 1 75  ? -20.316 10.182  9.347   1.00 35.53 ? 162  GLU A CD  1 
ATOM   590  O OE1 . GLU A 1 75  ? -19.503 11.140  9.252   1.00 39.81 ? 162  GLU A OE1 1 
ATOM   591  O OE2 . GLU A 1 75  ? -20.569 9.597   10.424  1.00 35.75 ? 162  GLU A OE2 1 
ATOM   592  N N   . ILE A 1 76  ? -18.459 9.208   4.465   1.00 27.04 ? 163  ILE A N   1 
ATOM   593  C CA  . ILE A 1 76  ? -17.740 9.830   3.342   1.00 26.82 ? 163  ILE A CA  1 
ATOM   594  C C   . ILE A 1 76  ? -18.157 9.334   1.961   1.00 26.35 ? 163  ILE A C   1 
ATOM   595  O O   . ILE A 1 76  ? -18.353 10.152  1.047   1.00 26.73 ? 163  ILE A O   1 
ATOM   596  C CB  . ILE A 1 76  ? -16.201 9.697   3.498   1.00 27.25 ? 163  ILE A CB  1 
ATOM   597  C CG1 . ILE A 1 76  ? -15.720 10.565  4.664   1.00 27.80 ? 163  ILE A CG1 1 
ATOM   598  C CG2 . ILE A 1 76  ? -15.480 10.003  2.167   1.00 26.82 ? 163  ILE A CG2 1 
ATOM   599  C CD1 . ILE A 1 76  ? -14.357 10.112  5.238   1.00 27.78 ? 163  ILE A CD1 1 
ATOM   600  N N   . LEU A 1 77  ? -18.334 8.020   1.813   1.00 25.23 ? 164  LEU A N   1 
ATOM   601  C CA  . LEU A 1 77  ? -18.667 7.441   0.505   1.00 25.17 ? 164  LEU A CA  1 
ATOM   602  C C   . LEU A 1 77  ? -20.093 7.736   -0.003  1.00 24.67 ? 164  LEU A C   1 
ATOM   603  O O   . LEU A 1 77  ? -20.377 7.545   -1.191  1.00 23.96 ? 164  LEU A O   1 
ATOM   604  C CB  . LEU A 1 77  ? -18.380 5.940   0.472   1.00 26.07 ? 164  LEU A CB  1 
ATOM   605  C CG  . LEU A 1 77  ? -16.925 5.491   0.700   1.00 28.44 ? 164  LEU A CG  1 
ATOM   606  C CD1 . LEU A 1 77  ? -16.754 4.023   0.376   1.00 31.09 ? 164  LEU A CD1 1 
ATOM   607  C CD2 . LEU A 1 77  ? -15.914 6.319   -0.090  1.00 32.67 ? 164  LEU A CD2 1 
ATOM   608  N N   . GLU A 1 78  ? -20.963 8.181   0.898   1.00 24.43 ? 165  GLU A N   1 
ATOM   609  C CA  . GLU A 1 78  ? -22.335 8.632   0.552   1.00 24.99 ? 165  GLU A CA  1 
ATOM   610  C C   . GLU A 1 78  ? -23.082 7.637   -0.355  1.00 24.13 ? 165  GLU A C   1 
ATOM   611  O O   . GLU A 1 78  ? -23.726 8.023   -1.349  1.00 24.63 ? 165  GLU A O   1 
ATOM   612  C CB  . GLU A 1 78  ? -22.316 10.024  -0.099  1.00 25.29 ? 165  GLU A CB  1 
ATOM   613  C CG  . GLU A 1 78  ? -21.750 11.147  0.771   1.00 28.16 ? 165  GLU A CG  1 
ATOM   614  C CD  . GLU A 1 78  ? -22.087 12.528  0.217   1.00 31.48 ? 165  GLU A CD  1 
ATOM   615  O OE1 . GLU A 1 78  ? -21.578 12.871  -0.878  1.00 33.80 ? 165  GLU A OE1 1 
ATOM   616  O OE2 . GLU A 1 78  ? -22.865 13.265  0.865   1.00 35.16 ? 165  GLU A OE2 1 
ATOM   617  N N   . GLY A 1 79  ? -22.975 6.361   -0.011  1.00 23.56 ? 166  GLY A N   1 
ATOM   618  C CA  . GLY A 1 79  ? -23.699 5.301   -0.698  1.00 23.67 ? 166  GLY A CA  1 
ATOM   619  C C   . GLY A 1 79  ? -23.118 4.807   -2.012  1.00 24.04 ? 166  GLY A C   1 
ATOM   620  O O   . GLY A 1 79  ? -23.759 4.022   -2.709  1.00 23.53 ? 166  GLY A O   1 
ATOM   621  N N   . LYS A 1 80  ? -21.915 5.259   -2.364  1.00 23.53 ? 167  LYS A N   1 
ATOM   622  C CA  . LYS A 1 80  ? -21.255 4.791   -3.590  1.00 24.61 ? 167  LYS A CA  1 
ATOM   623  C C   . LYS A 1 80  ? -19.974 4.053   -3.254  1.00 24.70 ? 167  LYS A C   1 
ATOM   624  O O   . LYS A 1 80  ? -19.268 4.454   -2.334  1.00 24.27 ? 167  LYS A O   1 
ATOM   625  C CB  . LYS A 1 80  ? -20.920 5.967   -4.507  1.00 25.19 ? 167  LYS A CB  1 
ATOM   626  C CG  . LYS A 1 80  ? -22.131 6.566   -5.216  1.00 27.66 ? 167  LYS A CG  1 
ATOM   627  C CD  . LYS A 1 80  ? -21.882 8.009   -5.649  1.00 32.52 ? 167  LYS A CD  1 
ATOM   628  C CE  . LYS A 1 80  ? -21.705 8.937   -4.441  1.00 34.56 ? 167  LYS A CE  1 
ATOM   629  N NZ  . LYS A 1 80  ? -21.828 10.376  -4.818  1.00 36.72 ? 167  LYS A NZ  1 
ATOM   630  N N   . HIS A 1 81  ? -19.663 2.989   -3.995  1.00 25.12 ? 168  HIS A N   1 
ATOM   631  C CA  . HIS A 1 81  ? -18.396 2.274   -3.770  1.00 26.01 ? 168  HIS A CA  1 
ATOM   632  C C   . HIS A 1 81  ? -17.256 3.162   -4.195  1.00 25.73 ? 168  HIS A C   1 
ATOM   633  O O   . HIS A 1 81  ? -17.408 3.992   -5.090  1.00 25.38 ? 168  HIS A O   1 
ATOM   634  C CB  . HIS A 1 81  ? -18.327 0.941   -4.522  1.00 26.76 ? 168  HIS A CB  1 
ATOM   635  C CG  . HIS A 1 81  ? -19.195 -0.122  -3.926  1.00 30.37 ? 168  HIS A CG  1 
ATOM   636  N ND1 . HIS A 1 81  ? -18.878 -0.769  -2.746  1.00 32.20 ? 168  HIS A ND1 1 
ATOM   637  C CD2 . HIS A 1 81  ? -20.396 -0.612  -4.312  1.00 32.43 ? 168  HIS A CD2 1 
ATOM   638  C CE1 . HIS A 1 81  ? -19.837 -1.630  -2.450  1.00 33.31 ? 168  HIS A CE1 1 
ATOM   639  N NE2 . HIS A 1 81  ? -20.772 -1.551  -3.381  1.00 34.09 ? 168  HIS A NE2 1 
ATOM   640  N N   . LEU A 1 82  ? -16.123 3.007   -3.523  1.00 25.46 ? 169  LEU A N   1 
ATOM   641  C CA  . LEU A 1 82  ? -14.920 3.676   -3.949  1.00 26.43 ? 169  LEU A CA  1 
ATOM   642  C C   . LEU A 1 82  ? -14.125 2.734   -4.842  1.00 26.77 ? 169  LEU A C   1 
ATOM   643  O O   . LEU A 1 82  ? -13.662 1.678   -4.399  1.00 26.74 ? 169  LEU A O   1 
ATOM   644  C CB  . LEU A 1 82  ? -14.113 4.110   -2.733  1.00 26.47 ? 169  LEU A CB  1 
ATOM   645  C CG  . LEU A 1 82  ? -12.839 4.929   -2.965  1.00 28.16 ? 169  LEU A CG  1 
ATOM   646  C CD1 . LEU A 1 82  ? -13.195 6.303   -3.480  1.00 30.04 ? 169  LEU A CD1 1 
ATOM   647  C CD2 . LEU A 1 82  ? -12.051 5.009   -1.668  1.00 28.25 ? 169  LEU A CD2 1 
ATOM   648  N N   . THR A 1 83  ? -13.948 3.127   -6.099  1.00 27.37 ? 170  THR A N   1 
ATOM   649  C CA  . THR A 1 83  ? -13.236 2.299   -7.069  1.00 27.80 ? 170  THR A CA  1 
ATOM   650  C C   . THR A 1 83  ? -11.866 2.892   -7.404  1.00 27.98 ? 170  THR A C   1 
ATOM   651  O O   . THR A 1 83  ? -11.765 4.017   -7.887  1.00 27.85 ? 170  THR A O   1 
ATOM   652  C CB  . THR A 1 83  ? -14.059 2.107   -8.370  1.00 27.98 ? 170  THR A CB  1 
ATOM   653  O OG1 . THR A 1 83  ? -15.318 1.517   -8.048  1.00 28.81 ? 170  THR A OG1 1 
ATOM   654  C CG2 . THR A 1 83  ? -13.331 1.193   -9.349  1.00 28.54 ? 170  THR A CG2 1 
ATOM   655  N N   . LEU A 1 84  ? -10.825 2.106   -7.163  1.00 28.13 ? 171  LEU A N   1 
ATOM   656  C CA  . LEU A 1 84  ? -9.450  2.551   -7.389  1.00 28.68 ? 171  LEU A CA  1 
ATOM   657  C C   . LEU A 1 84  ? -8.876  1.878   -8.651  1.00 29.21 ? 171  LEU A C   1 
ATOM   658  O O   . LEU A 1 84  ? -8.606  0.670   -8.646  1.00 29.30 ? 171  LEU A O   1 
ATOM   659  C CB  . LEU A 1 84  ? -8.601  2.241   -6.145  1.00 28.60 ? 171  LEU A CB  1 
ATOM   660  C CG  . LEU A 1 84  ? -9.201  2.679   -4.794  1.00 29.38 ? 171  LEU A CG  1 
ATOM   661  C CD1 . LEU A 1 84  ? -8.424  2.111   -3.638  1.00 30.66 ? 171  LEU A CD1 1 
ATOM   662  C CD2 . LEU A 1 84  ? -9.317  4.211   -4.683  1.00 30.28 ? 171  LEU A CD2 1 
ATOM   663  N N   . PRO A 1 85  ? -8.727  2.644   -9.743  1.00 29.44 ? 172  PRO A N   1 
ATOM   664  C CA  . PRO A 1 85  ? -8.165  2.126   -10.988 1.00 30.01 ? 172  PRO A CA  1 
ATOM   665  C C   . PRO A 1 85  ? -6.652  2.226   -11.008 1.00 30.20 ? 172  PRO A C   1 
ATOM   666  O O   . PRO A 1 85  ? -6.105  3.310   -10.818 1.00 30.86 ? 172  PRO A O   1 
ATOM   667  C CB  . PRO A 1 85  ? -8.758  3.052   -12.064 1.00 30.04 ? 172  PRO A CB  1 
ATOM   668  C CG  . PRO A 1 85  ? -9.630  4.068   -11.311 1.00 30.52 ? 172  PRO A CG  1 
ATOM   669  C CD  . PRO A 1 85  ? -9.159  4.042   -9.902  1.00 29.89 ? 172  PRO A CD  1 
ATOM   670  N N   . PHE A 1 86  ? -5.998  1.097   -11.254 1.00 30.17 ? 173  PHE A N   1 
ATOM   671  C CA  . PHE A 1 86  ? -4.541  1.025   -11.288 1.00 29.93 ? 173  PHE A CA  1 
ATOM   672  C C   . PHE A 1 86  ? -4.052  0.888   -12.735 1.00 30.12 ? 173  PHE A C   1 
ATOM   673  O O   . PHE A 1 86  ? -4.342  -0.099  -13.424 1.00 30.24 ? 173  PHE A O   1 
ATOM   674  C CB  . PHE A 1 86  ? -4.047  -0.083  -10.363 1.00 29.85 ? 173  PHE A CB  1 
ATOM   675  C CG  . PHE A 1 86  ? -4.325  0.199   -8.919  1.00 30.06 ? 173  PHE A CG  1 
ATOM   676  C CD1 . PHE A 1 86  ? -3.530  1.103   -8.210  1.00 30.57 ? 173  PHE A CD1 1 
ATOM   677  C CD2 . PHE A 1 86  ? -5.413  -0.394  -8.283  1.00 30.48 ? 173  PHE A CD2 1 
ATOM   678  C CE1 . PHE A 1 86  ? -3.792  1.395   -6.877  1.00 31.93 ? 173  PHE A CE1 1 
ATOM   679  C CE2 . PHE A 1 86  ? -5.695  -0.109  -6.944  1.00 30.57 ? 173  PHE A CE2 1 
ATOM   680  C CZ  . PHE A 1 86  ? -4.884  0.796   -6.244  1.00 30.96 ? 173  PHE A CZ  1 
ATOM   681  N N   . HIS A 1 87  ? -3.342  1.916   -13.185 1.00 29.82 ? 174  HIS A N   1 
ATOM   682  C CA  . HIS A 1 87  ? -2.978  2.068   -14.585 1.00 30.43 ? 174  HIS A CA  1 
ATOM   683  C C   . HIS A 1 87  ? -1.609  2.714   -14.662 1.00 30.33 ? 174  HIS A C   1 
ATOM   684  O O   . HIS A 1 87  ? -1.354  3.734   -14.018 1.00 30.35 ? 174  HIS A O   1 
ATOM   685  C CB  . HIS A 1 87  ? -4.022  2.941   -15.287 1.00 30.52 ? 174  HIS A CB  1 
ATOM   686  C CG  . HIS A 1 87  ? -3.754  3.155   -16.738 1.00 32.83 ? 174  HIS A CG  1 
ATOM   687  N ND1 . HIS A 1 87  ? -2.904  4.137   -17.200 1.00 34.70 ? 174  HIS A ND1 1 
ATOM   688  C CD2 . HIS A 1 87  ? -4.232  2.522   -17.834 1.00 34.05 ? 174  HIS A CD2 1 
ATOM   689  C CE1 . HIS A 1 87  ? -2.865  4.094   -18.518 1.00 34.30 ? 174  HIS A CE1 1 
ATOM   690  N NE2 . HIS A 1 87  ? -3.664  3.126   -18.930 1.00 35.68 ? 174  HIS A NE2 1 
ATOM   691  N N   . GLY A 1 88  ? -0.717  2.101   -15.430 1.00 30.30 ? 175  GLY A N   1 
ATOM   692  C CA  . GLY A 1 88  ? 0.598   2.673   -15.661 1.00 30.69 ? 175  GLY A CA  1 
ATOM   693  C C   . GLY A 1 88  ? 1.579   2.447   -14.532 1.00 30.63 ? 175  GLY A C   1 
ATOM   694  O O   . GLY A 1 88  ? 1.221   1.913   -13.473 1.00 30.92 ? 175  GLY A O   1 
ATOM   695  N N   . ILE A 1 89  ? 2.819   2.864   -14.768 1.00 30.64 ? 176  ILE A N   1 
ATOM   696  C CA  . ILE A 1 89  ? 3.917   2.675   -13.823 1.00 31.05 ? 176  ILE A CA  1 
ATOM   697  C C   . ILE A 1 89  ? 4.640   3.989   -13.561 1.00 31.52 ? 176  ILE A C   1 
ATOM   698  O O   . ILE A 1 89  ? 4.799   4.812   -14.475 1.00 31.34 ? 176  ILE A O   1 
ATOM   699  C CB  . ILE A 1 89  ? 4.919   1.620   -14.343 1.00 31.01 ? 176  ILE A CB  1 
ATOM   700  C CG1 . ILE A 1 89  ? 4.243   0.247   -14.391 1.00 31.50 ? 176  ILE A CG1 1 
ATOM   701  C CG2 . ILE A 1 89  ? 6.189   1.570   -13.469 1.00 30.22 ? 176  ILE A CG2 1 
ATOM   702  C CD1 . ILE A 1 89  ? 5.017   -0.772  -15.165 1.00 33.10 ? 176  ILE A CD1 1 
ATOM   703  N N   . GLY A 1 90  ? 5.052   4.183   -12.311 1.00 31.85 ? 177  GLY A N   1 
ATOM   704  C CA  . GLY A 1 90  ? 5.903   5.307   -11.920 1.00 32.88 ? 177  GLY A CA  1 
ATOM   705  C C   . GLY A 1 90  ? 6.998   4.898   -10.945 1.00 33.64 ? 177  GLY A C   1 
ATOM   706  O O   . GLY A 1 90  ? 7.018   3.766   -10.448 1.00 33.42 ? 177  GLY A O   1 
ATOM   707  N N   . THR A 1 91  ? 7.922   5.818   -10.677 1.00 34.57 ? 178  THR A N   1 
ATOM   708  C CA  . THR A 1 91  ? 8.967   5.587   -9.675  1.00 35.56 ? 178  THR A CA  1 
ATOM   709  C C   . THR A 1 91  ? 9.123   6.783   -8.734  1.00 36.44 ? 178  THR A C   1 
ATOM   710  O O   . THR A 1 91  ? 8.780   7.916   -9.095  1.00 36.45 ? 178  THR A O   1 
ATOM   711  C CB  . THR A 1 91  ? 10.355  5.231   -10.307 1.00 35.37 ? 178  THR A CB  1 
ATOM   712  O OG1 . THR A 1 91  ? 10.884  6.357   -11.023 1.00 35.70 ? 178  THR A OG1 1 
ATOM   713  C CG2 . THR A 1 91  ? 10.261  4.022   -11.232 1.00 35.04 ? 178  THR A CG2 1 
ATOM   714  N N   . PHE A 1 92  ? 9.615   6.526   -7.522  1.00 37.48 ? 179  PHE A N   1 
ATOM   715  C CA  . PHE A 1 92  ? 10.062  7.602   -6.642  1.00 38.76 ? 179  PHE A CA  1 
ATOM   716  C C   . PHE A 1 92  ? 11.576  7.656   -6.751  1.00 38.95 ? 179  PHE A C   1 
ATOM   717  O O   . PHE A 1 92  ? 12.283  6.880   -6.110  1.00 39.29 ? 179  PHE A O   1 
ATOM   718  C CB  . PHE A 1 92  ? 9.605   7.409   -5.180  1.00 39.25 ? 179  PHE A CB  1 
ATOM   719  C CG  . PHE A 1 92  ? 8.119   7.627   -4.952  1.00 41.39 ? 179  PHE A CG  1 
ATOM   720  C CD1 . PHE A 1 92  ? 7.490   8.808   -5.363  1.00 43.12 ? 179  PHE A CD1 1 
ATOM   721  C CD2 . PHE A 1 92  ? 7.358   6.657   -4.297  1.00 42.84 ? 179  PHE A CD2 1 
ATOM   722  C CE1 . PHE A 1 92  ? 6.114   9.009   -5.151  1.00 44.13 ? 179  PHE A CE1 1 
ATOM   723  C CE2 . PHE A 1 92  ? 5.976   6.846   -4.069  1.00 44.15 ? 179  PHE A CE2 1 
ATOM   724  C CZ  . PHE A 1 92  ? 5.357   8.024   -4.494  1.00 44.97 ? 179  PHE A CZ  1 
ATOM   725  N N   . GLN A 1 93  ? 12.050  8.543   -7.626  1.00 39.17 ? 180  GLN A N   1 
ATOM   726  C CA  . GLN A 1 93  ? 13.480  8.816   -7.843  1.00 39.27 ? 180  GLN A CA  1 
ATOM   727  C C   . GLN A 1 93  ? 14.305  7.609   -8.304  1.00 38.68 ? 180  GLN A C   1 
ATOM   728  O O   . GLN A 1 93  ? 15.501  7.520   -8.023  1.00 38.95 ? 180  GLN A O   1 
ATOM   729  C CB  . GLN A 1 93  ? 14.099  9.476   -6.600  1.00 39.75 ? 180  GLN A CB  1 
ATOM   730  C CG  . GLN A 1 93  ? 13.456  10.816  -6.239  1.00 41.50 ? 180  GLN A CG  1 
ATOM   731  C CD  . GLN A 1 93  ? 13.804  11.295  -4.836  1.00 43.85 ? 180  GLN A CD  1 
ATOM   732  O OE1 . GLN A 1 93  ? 13.855  10.510  -3.885  1.00 45.06 ? 180  GLN A OE1 1 
ATOM   733  N NE2 . GLN A 1 93  ? 14.018  12.598  -4.701  1.00 43.54 ? 180  GLN A NE2 1 
ATOM   734  N N   . GLY A 1 94  ? 13.663  6.695   -9.027  1.00 37.97 ? 181  GLY A N   1 
ATOM   735  C CA  . GLY A 1 94  ? 14.323  5.503   -9.564  1.00 37.22 ? 181  GLY A CA  1 
ATOM   736  C C   . GLY A 1 94  ? 14.668  4.409   -8.559  1.00 36.50 ? 181  GLY A C   1 
ATOM   737  O O   . GLY A 1 94  ? 15.307  3.420   -8.922  1.00 36.41 ? 181  GLY A O   1 
ATOM   738  N N   . GLN A 1 95  ? 14.252  4.581   -7.305  1.00 35.93 ? 182  GLN A N   1 
ATOM   739  C CA  . GLN A 1 95  ? 14.547  3.609   -6.241  1.00 35.32 ? 182  GLN A CA  1 
ATOM   740  C C   . GLN A 1 95  ? 13.344  2.729   -5.871  1.00 34.50 ? 182  GLN A C   1 
ATOM   741  O O   . GLN A 1 95  ? 13.523  1.599   -5.406  1.00 34.35 ? 182  GLN A O   1 
ATOM   742  C CB  . GLN A 1 95  ? 15.077  4.318   -4.987  1.00 35.71 ? 182  GLN A CB  1 
ATOM   743  C CG  . GLN A 1 95  ? 16.606  4.546   -4.946  1.00 37.50 ? 182  GLN A CG  1 
ATOM   744  C CD  . GLN A 1 95  ? 17.135  5.332   -6.122  1.00 40.79 ? 182  GLN A CD  1 
ATOM   745  O OE1 . GLN A 1 95  ? 17.795  4.781   -6.997  1.00 42.30 ? 182  GLN A OE1 1 
ATOM   746  N NE2 . GLN A 1 95  ? 16.847  6.627   -6.151  1.00 43.35 ? 182  GLN A NE2 1 
ATOM   747  N N   . VAL A 1 96  ? 12.136  3.264   -6.057  1.00 33.39 ? 183  VAL A N   1 
ATOM   748  C CA  . VAL A 1 96  ? 10.888  2.549   -5.755  1.00 32.60 ? 183  VAL A CA  1 
ATOM   749  C C   . VAL A 1 96  ? 10.007  2.502   -7.007  1.00 31.97 ? 183  VAL A C   1 
ATOM   750  O O   . VAL A 1 96  ? 9.702   3.541   -7.594  1.00 31.50 ? 183  VAL A O   1 
ATOM   751  C CB  . VAL A 1 96  ? 10.115  3.217   -4.573  1.00 32.32 ? 183  VAL A CB  1 
ATOM   752  C CG1 . VAL A 1 96  ? 8.773   2.513   -4.305  1.00 33.69 ? 183  VAL A CG1 1 
ATOM   753  C CG2 . VAL A 1 96  ? 10.972  3.236   -3.305  1.00 33.04 ? 183  VAL A CG2 1 
ATOM   754  N N   . GLY A 1 97  ? 9.618   1.297   -7.424  1.00 30.81 ? 184  GLY A N   1 
ATOM   755  C CA  . GLY A 1 97  ? 8.741   1.129   -8.587  1.00 29.64 ? 184  GLY A CA  1 
ATOM   756  C C   . GLY A 1 97  ? 7.309   0.869   -8.143  1.00 28.88 ? 184  GLY A C   1 
ATOM   757  O O   . GLY A 1 97  ? 7.077   0.035   -7.266  1.00 27.90 ? 184  GLY A O   1 
ATOM   758  N N   . PHE A 1 98  ? 6.346   1.567   -8.751  1.00 28.26 ? 185  PHE A N   1 
ATOM   759  C CA  . PHE A 1 98  ? 4.942   1.408   -8.359  1.00 28.49 ? 185  PHE A CA  1 
ATOM   760  C C   . PHE A 1 98  ? 3.942   1.448   -9.521  1.00 27.88 ? 185  PHE A C   1 
ATOM   761  O O   . PHE A 1 98  ? 4.185   2.092   -10.532 1.00 27.37 ? 185  PHE A O   1 
ATOM   762  C CB  . PHE A 1 98  ? 4.556   2.408   -7.255  1.00 28.33 ? 185  PHE A CB  1 
ATOM   763  C CG  . PHE A 1 98  ? 4.772   3.853   -7.612  1.00 30.46 ? 185  PHE A CG  1 
ATOM   764  C CD1 . PHE A 1 98  ? 3.856   4.538   -8.419  1.00 32.73 ? 185  PHE A CD1 1 
ATOM   765  C CD2 . PHE A 1 98  ? 5.862   4.550   -7.107  1.00 32.51 ? 185  PHE A CD2 1 
ATOM   766  C CE1 . PHE A 1 98  ? 4.037   5.872   -8.729  1.00 33.10 ? 185  PHE A CE1 1 
ATOM   767  C CE2 . PHE A 1 98  ? 6.053   5.896   -7.423  1.00 32.63 ? 185  PHE A CE2 1 
ATOM   768  C CZ  . PHE A 1 98  ? 5.139   6.556   -8.229  1.00 33.47 ? 185  PHE A CZ  1 
ATOM   769  N N   . VAL A 1 99  ? 2.838   0.722   -9.372  1.00 28.28 ? 186  VAL A N   1 
ATOM   770  C CA  . VAL A 1 99  ? 1.683   0.894   -10.264 1.00 28.78 ? 186  VAL A CA  1 
ATOM   771  C C   . VAL A 1 99  ? 0.933   2.132   -9.793  1.00 29.46 ? 186  VAL A C   1 
ATOM   772  O O   . VAL A 1 99  ? 0.656   2.302   -8.597  1.00 29.62 ? 186  VAL A O   1 
ATOM   773  C CB  . VAL A 1 99  ? 0.750   -0.358  -10.299 1.00 29.00 ? 186  VAL A CB  1 
ATOM   774  C CG1 . VAL A 1 99  ? -0.488  -0.125  -11.182 1.00 29.18 ? 186  VAL A CG1 1 
ATOM   775  C CG2 . VAL A 1 99  ? 1.517   -1.571  -10.802 1.00 27.96 ? 186  VAL A CG2 1 
ATOM   776  N N   . LYS A 1 100 ? 0.596   2.994   -10.744 1.00 30.19 ? 187  LYS A N   1 
ATOM   777  C CA  . LYS A 1 100 ? -0.009  4.275   -10.428 1.00 30.81 ? 187  LYS A CA  1 
ATOM   778  C C   . LYS A 1 100 ? -1.496  4.115   -10.162 1.00 30.82 ? 187  LYS A C   1 
ATOM   779  O O   . LYS A 1 100 ? -2.162  3.257   -10.746 1.00 30.63 ? 187  LYS A O   1 
ATOM   780  C CB  . LYS A 1 100 ? 0.197   5.257   -11.587 1.00 30.60 ? 187  LYS A CB  1 
ATOM   781  C CG  . LYS A 1 100 ? 1.602   5.854   -11.699 1.00 31.49 ? 187  LYS A CG  1 
ATOM   782  C CD  . LYS A 1 100 ? 1.686   6.683   -12.955 1.00 33.97 ? 187  LYS A CD  1 
ATOM   783  C CE  . LYS A 1 100 ? 2.827   7.677   -12.896 1.00 36.15 ? 187  LYS A CE  1 
ATOM   784  N NZ  . LYS A 1 100 ? 2.894   8.510   -14.129 1.00 36.73 ? 187  LYS A NZ  1 
ATOM   785  N N   . LEU A 1 101 ? -2.004  4.943   -9.265  1.00 31.36 ? 188  LEU A N   1 
ATOM   786  C CA  . LEU A 1 101 ? -3.438  5.099   -9.127  1.00 32.11 ? 188  LEU A CA  1 
ATOM   787  C C   . LEU A 1 101 ? -3.880  6.131   -10.153 1.00 32.80 ? 188  LEU A C   1 
ATOM   788  O O   . LEU A 1 101 ? -3.358  7.253   -10.182 1.00 32.49 ? 188  LEU A O   1 
ATOM   789  C CB  . LEU A 1 101 ? -3.806  5.533   -7.706  1.00 31.99 ? 188  LEU A CB  1 
ATOM   790  C CG  . LEU A 1 101 ? -5.286  5.844   -7.439  1.00 32.50 ? 188  LEU A CG  1 
ATOM   791  C CD1 . LEU A 1 101 ? -6.148  4.605   -7.625  1.00 31.14 ? 188  LEU A CD1 1 
ATOM   792  C CD2 . LEU A 1 101 ? -5.441  6.397   -6.024  1.00 32.77 ? 188  LEU A CD2 1 
ATOM   793  N N   . ALA A 1 102 ? -4.825  5.736   -11.006 1.00 33.28 ? 189  ALA A N   1 
ATOM   794  C CA  . ALA A 1 102 ? -5.358  6.610   -12.045 1.00 34.49 ? 189  ALA A CA  1 
ATOM   795  C C   . ALA A 1 102 ? -6.057  7.817   -11.431 1.00 35.18 ? 189  ALA A C   1 
ATOM   796  O O   . ALA A 1 102 ? -6.625  7.722   -10.349 1.00 35.07 ? 189  ALA A O   1 
ATOM   797  C CB  . ALA A 1 102 ? -6.324  5.840   -12.945 1.00 34.16 ? 189  ALA A CB  1 
ATOM   798  N N   . ASP A 1 103 ? -6.010  8.951   -12.127 1.00 36.23 ? 190  ASP A N   1 
ATOM   799  C CA  . ASP A 1 103 ? -6.695  10.161  -11.666 1.00 37.05 ? 190  ASP A CA  1 
ATOM   800  C C   . ASP A 1 103 ? -8.208  9.984   -11.725 1.00 37.05 ? 190  ASP A C   1 
ATOM   801  O O   . ASP A 1 103 ? -8.721  9.193   -12.525 1.00 37.22 ? 190  ASP A O   1 
ATOM   802  C CB  . ASP A 1 103 ? -6.272  11.381  -12.496 1.00 37.32 ? 190  ASP A CB  1 
ATOM   803  C CG  . ASP A 1 103 ? -4.884  11.894  -12.127 1.00 38.91 ? 190  ASP A CG  1 
ATOM   804  O OD1 . ASP A 1 103 ? -4.520  11.847  -10.927 1.00 41.45 ? 190  ASP A OD1 1 
ATOM   805  O OD2 . ASP A 1 103 ? -4.158  12.353  -13.039 1.00 41.08 ? 190  ASP A OD2 1 
ATOM   806  N N   . GLY A 1 104 ? -8.917  10.722  -10.878 1.00 37.07 ? 191  GLY A N   1 
ATOM   807  C CA  . GLY A 1 104 ? -10.378 10.694  -10.874 1.00 37.10 ? 191  GLY A CA  1 
ATOM   808  C C   . GLY A 1 104 ? -10.969 11.135  -9.551  1.00 37.25 ? 191  GLY A C   1 
ATOM   809  O O   . GLY A 1 104 ? -10.241 11.515  -8.628  1.00 37.05 ? 191  GLY A O   1 
ATOM   810  N N   . ASP A 1 105 ? -12.296 11.079  -9.465  1.00 37.36 ? 192  ASP A N   1 
ATOM   811  C CA  . ASP A 1 105 ? -13.031 11.531  -8.285  1.00 37.43 ? 192  ASP A CA  1 
ATOM   812  C C   . ASP A 1 105 ? -12.681 10.729  -7.036  1.00 36.98 ? 192  ASP A C   1 
ATOM   813  O O   . ASP A 1 105 ? -12.774 11.236  -5.911  1.00 37.31 ? 192  ASP A O   1 
ATOM   814  C CB  . ASP A 1 105 ? -14.540 11.484  -8.549  1.00 37.97 ? 192  ASP A CB  1 
ATOM   815  C CG  . ASP A 1 105 ? -14.974 12.436  -9.660  1.00 39.45 ? 192  ASP A CG  1 
ATOM   816  O OD1 . ASP A 1 105 ? -16.046 12.192  -10.263 1.00 41.31 ? 192  ASP A OD1 1 
ATOM   817  O OD2 . ASP A 1 105 ? -14.250 13.425  -9.939  1.00 40.79 ? 192  ASP A OD2 1 
ATOM   818  N N   . HIS A 1 106 ? -12.260 9.484   -7.248  1.00 36.21 ? 193  HIS A N   1 
ATOM   819  C CA  . HIS A 1 106 ? -11.847 8.586   -6.167  1.00 35.29 ? 193  HIS A CA  1 
ATOM   820  C C   . HIS A 1 106 ? -10.636 9.083   -5.382  1.00 35.12 ? 193  HIS A C   1 
ATOM   821  O O   . HIS A 1 106 ? -10.513 8.792   -4.193  1.00 34.77 ? 193  HIS A O   1 
ATOM   822  C CB  . HIS A 1 106 ? -11.536 7.202   -6.723  1.00 35.34 ? 193  HIS A CB  1 
ATOM   823  C CG  . HIS A 1 106 ? -10.592 7.222   -7.878  1.00 35.63 ? 193  HIS A CG  1 
ATOM   824  N ND1 . HIS A 1 106 ? -9.232  7.065   -7.726  1.00 37.30 ? 193  HIS A ND1 1 
ATOM   825  C CD2 . HIS A 1 106 ? -10.805 7.402   -9.201  1.00 36.00 ? 193  HIS A CD2 1 
ATOM   826  C CE1 . HIS A 1 106 ? -8.651  7.136   -8.909  1.00 35.72 ? 193  HIS A CE1 1 
ATOM   827  N NE2 . HIS A 1 106 ? -9.582  7.343   -9.820  1.00 36.77 ? 193  HIS A NE2 1 
ATOM   828  N N   . VAL A 1 107 ? -9.737  9.813   -6.042  1.00 34.54 ? 194  VAL A N   1 
ATOM   829  C CA  . VAL A 1 107 ? -8.516  10.266  -5.373  1.00 33.85 ? 194  VAL A CA  1 
ATOM   830  C C   . VAL A 1 107 ? -8.862  11.226  -4.234  1.00 33.10 ? 194  VAL A C   1 
ATOM   831  O O   . VAL A 1 107 ? -8.342  11.089  -3.137  1.00 33.01 ? 194  VAL A O   1 
ATOM   832  C CB  . VAL A 1 107 ? -7.482  10.926  -6.339  1.00 34.15 ? 194  VAL A CB  1 
ATOM   833  C CG1 . VAL A 1 107 ? -6.119  11.042  -5.644  1.00 34.60 ? 194  VAL A CG1 1 
ATOM   834  C CG2 . VAL A 1 107 ? -7.335  10.131  -7.611  1.00 33.75 ? 194  VAL A CG2 1 
ATOM   835  N N   . SER A 1 108 ? -9.760  12.178  -4.483  1.00 32.37 ? 195  SER A N   1 
ATOM   836  C CA  . SER A 1 108 ? -10.158 13.095  -3.418  1.00 31.88 ? 195  SER A CA  1 
ATOM   837  C C   . SER A 1 108 ? -10.862 12.368  -2.262  1.00 31.03 ? 195  SER A C   1 
ATOM   838  O O   . SER A 1 108 ? -10.642 12.696  -1.101  1.00 30.36 ? 195  SER A O   1 
ATOM   839  C CB  . SER A 1 108 ? -10.996 14.262  -3.943  1.00 32.02 ? 195  SER A CB  1 
ATOM   840  O OG  . SER A 1 108 ? -12.277 13.851  -4.400  1.00 34.28 ? 195  SER A OG  1 
ATOM   841  N N   . ALA A 1 109 ? -11.704 11.391  -2.588  1.00 29.90 ? 196  ALA A N   1 
ATOM   842  C CA  . ALA A 1 109 ? -12.420 10.628  -1.563  1.00 29.36 ? 196  ALA A CA  1 
ATOM   843  C C   . ALA A 1 109 ? -11.412 9.846   -0.724  1.00 28.48 ? 196  ALA A C   1 
ATOM   844  O O   . ALA A 1 109 ? -11.506 9.799   0.502   1.00 27.96 ? 196  ALA A O   1 
ATOM   845  C CB  . ALA A 1 109 ? -13.456 9.687   -2.200  1.00 28.82 ? 196  ALA A CB  1 
ATOM   846  N N   . LEU A 1 110 ? -10.435 9.246   -1.391  1.00 29.06 ? 197  LEU A N   1 
ATOM   847  C CA  . LEU A 1 110 ? -9.388  8.493   -0.709  1.00 29.32 ? 197  LEU A CA  1 
ATOM   848  C C   . LEU A 1 110 ? -8.586  9.379   0.250   1.00 29.56 ? 197  LEU A C   1 
ATOM   849  O O   . LEU A 1 110 ? -8.351  9.003   1.403   1.00 29.79 ? 197  LEU A O   1 
ATOM   850  C CB  . LEU A 1 110 ? -8.464  7.823   -1.739  1.00 30.12 ? 197  LEU A CB  1 
ATOM   851  C CG  . LEU A 1 110 ? -7.472  6.771   -1.241  1.00 30.93 ? 197  LEU A CG  1 
ATOM   852  C CD1 . LEU A 1 110 ? -8.169  5.624   -0.532  1.00 32.08 ? 197  LEU A CD1 1 
ATOM   853  C CD2 . LEU A 1 110 ? -6.670  6.238   -2.409  1.00 31.39 ? 197  LEU A CD2 1 
ATOM   854  N N   . LEU A 1 111 ? -8.168  10.542  -0.240  1.00 29.90 ? 198  LEU A N   1 
ATOM   855  C CA  . LEU A 1 111 ? -7.515  11.564  0.575   1.00 29.76 ? 198  LEU A CA  1 
ATOM   856  C C   . LEU A 1 111 ? -8.358  11.978  1.788   1.00 29.28 ? 198  LEU A C   1 
ATOM   857  O O   . LEU A 1 111 ? -7.849  12.124  2.895   1.00 28.81 ? 198  LEU A O   1 
ATOM   858  C CB  . LEU A 1 111 ? -7.225  12.791  -0.281  1.00 30.81 ? 198  LEU A CB  1 
ATOM   859  C CG  . LEU A 1 111 ? -5.784  13.063  -0.700  1.00 33.05 ? 198  LEU A CG  1 
ATOM   860  C CD1 . LEU A 1 111 ? -5.456  12.524  -2.095  1.00 35.14 ? 198  LEU A CD1 1 
ATOM   861  C CD2 . LEU A 1 111 ? -5.582  14.581  -0.660  1.00 35.91 ? 198  LEU A CD2 1 
ATOM   862  N N   . GLU A 1 112 ? -9.657  12.150  1.578   1.00 27.95 ? 199  GLU A N   1 
ATOM   863  C CA  . GLU A 1 112 ? -10.555 12.489  2.669   1.00 28.10 ? 199  GLU A CA  1 
ATOM   864  C C   . GLU A 1 112 ? -10.582 11.391  3.732   1.00 26.90 ? 199  GLU A C   1 
ATOM   865  O O   . GLU A 1 112 ? -10.594 11.679  4.927   1.00 27.04 ? 199  GLU A O   1 
ATOM   866  C CB  . GLU A 1 112 ? -11.951 12.739  2.104   1.00 28.29 ? 199  GLU A CB  1 
ATOM   867  C CG  . GLU A 1 112 ? -13.000 13.161  3.087   1.00 31.48 ? 199  GLU A CG  1 
ATOM   868  C CD  . GLU A 1 112 ? -14.265 13.605  2.378   1.00 32.34 ? 199  GLU A CD  1 
ATOM   869  O OE1 . GLU A 1 112 ? -14.252 13.702  1.129   1.00 32.36 ? 199  GLU A OE1 1 
ATOM   870  O OE2 . GLU A 1 112 ? -15.275 13.866  3.061   1.00 36.49 ? 199  GLU A OE2 1 
ATOM   871  N N   . ILE A 1 113 ? -10.611 10.141  3.286   1.00 26.33 ? 200  ILE A N   1 
ATOM   872  C CA  . ILE A 1 113 ? -10.583 8.979   4.171   1.00 26.19 ? 200  ILE A CA  1 
ATOM   873  C C   . ILE A 1 113 ? -9.262  8.954   4.939   1.00 26.69 ? 200  ILE A C   1 
ATOM   874  O O   . ILE A 1 113 ? -9.255  8.746   6.145   1.00 26.97 ? 200  ILE A O   1 
ATOM   875  C CB  . ILE A 1 113 ? -10.793 7.671   3.384   1.00 25.99 ? 200  ILE A CB  1 
ATOM   876  C CG1 . ILE A 1 113 ? -12.208 7.650   2.783   1.00 26.25 ? 200  ILE A CG1 1 
ATOM   877  C CG2 . ILE A 1 113 ? -10.531 6.434   4.260   1.00 26.79 ? 200  ILE A CG2 1 
ATOM   878  C CD1 . ILE A 1 113 ? -12.422 6.494   1.826   1.00 25.51 ? 200  ILE A CD1 1 
ATOM   879  N N   . ALA A 1 114 ? -8.161  9.202   4.236   1.00 26.92 ? 201  ALA A N   1 
ATOM   880  C CA  . ALA A 1 114 ? -6.836  9.229   4.899   1.00 27.37 ? 201  ALA A CA  1 
ATOM   881  C C   . ALA A 1 114 ? -6.773  10.317  5.999   1.00 27.88 ? 201  ALA A C   1 
ATOM   882  O O   . ALA A 1 114 ? -6.268  10.057  7.116   1.00 28.25 ? 201  ALA A O   1 
ATOM   883  C CB  . ALA A 1 114 ? -5.734  9.396   3.875   1.00 27.83 ? 201  ALA A CB  1 
ATOM   884  N N   . GLU A 1 115 ? -7.299  11.506  5.712   1.00 27.95 ? 202  GLU A N   1 
ATOM   885  C CA  . GLU A 1 115 ? -7.251  12.602  6.694   1.00 28.39 ? 202  GLU A CA  1 
ATOM   886  C C   . GLU A 1 115 ? -8.188  12.318  7.871   1.00 27.44 ? 202  GLU A C   1 
ATOM   887  O O   . GLU A 1 115 ? -7.849  12.571  9.027   1.00 26.77 ? 202  GLU A O   1 
ATOM   888  C CB  . GLU A 1 115 ? -7.541  13.971  6.063   1.00 29.21 ? 202  GLU A CB  1 
ATOM   889  C CG  . GLU A 1 115 ? -6.871  14.269  4.702   1.00 34.27 ? 202  GLU A CG  1 
ATOM   890  C CD  . GLU A 1 115 ? -5.414  13.808  4.574   1.00 41.37 ? 202  GLU A CD  1 
ATOM   891  O OE1 . GLU A 1 115 ? -4.598  14.093  5.489   1.00 42.89 ? 202  GLU A OE1 1 
ATOM   892  O OE2 . GLU A 1 115 ? -5.084  13.166  3.536   1.00 44.76 ? 202  GLU A OE2 1 
ATOM   893  N N   . THR A 1 116 ? -9.358  11.754  7.583   1.00 26.76 ? 203  THR A N   1 
ATOM   894  C CA  . THR A 1 116 ? -10.273 11.380  8.666   1.00 26.23 ? 203  THR A CA  1 
ATOM   895  C C   . THR A 1 116 ? -9.651  10.264  9.530   1.00 25.78 ? 203  THR A C   1 
ATOM   896  O O   . THR A 1 116 ? -9.775  10.279  10.770  1.00 25.77 ? 203  THR A O   1 
ATOM   897  C CB  . THR A 1 116 ? -11.655 10.986  8.090   1.00 26.47 ? 203  THR A CB  1 
ATOM   898  O OG1 . THR A 1 116 ? -12.213 12.144  7.468   1.00 24.77 ? 203  THR A OG1 1 
ATOM   899  C CG2 . THR A 1 116 ? -12.603 10.526  9.197   1.00 27.00 ? 203  THR A CG2 1 
ATOM   900  N N   . ALA A 1 117 ? -8.977  9.321   8.881   1.00 25.47 ? 204  ALA A N   1 
ATOM   901  C CA  . ALA A 1 117 ? -8.236  8.252   9.591   1.00 25.85 ? 204  ALA A CA  1 
ATOM   902  C C   . ALA A 1 117 ? -7.185  8.863   10.534  1.00 24.90 ? 204  ALA A C   1 
ATOM   903  O O   . ALA A 1 117 ? -7.113  8.508   11.705  1.00 25.73 ? 204  ALA A O   1 
ATOM   904  C CB  . ALA A 1 117 ? -7.590  7.294   8.606   1.00 26.10 ? 204  ALA A CB  1 
ATOM   905  N N   . LYS A 1 118 ? -6.413  9.811   10.025  1.00 25.29 ? 205  LYS A N   1 
ATOM   906  C CA  . LYS A 1 118 ? -5.359  10.471  10.819  1.00 24.92 ? 205  LYS A CA  1 
ATOM   907  C C   . LYS A 1 118 ? -5.960  11.144  12.046  1.00 24.71 ? 205  LYS A C   1 
ATOM   908  O O   . LYS A 1 118 ? -5.483  10.946  13.159  1.00 24.19 ? 205  LYS A O   1 
ATOM   909  C CB  . LYS A 1 118 ? -4.565  11.470  9.971   1.00 25.71 ? 205  LYS A CB  1 
ATOM   910  C CG  . LYS A 1 118 ? -3.533  12.299  10.751  1.00 25.29 ? 205  LYS A CG  1 
ATOM   911  C CD  . LYS A 1 118 ? -2.829  13.277  9.831   1.00 30.41 ? 205  LYS A CD  1 
ATOM   912  C CE  . LYS A 1 118 ? -1.847  14.150  10.575  1.00 33.05 ? 205  LYS A CE  1 
ATOM   913  N NZ  . LYS A 1 118 ? -1.183  15.145  9.676   1.00 35.02 ? 205  LYS A NZ  1 
ATOM   914  N N   . ARG A 1 119 ? -7.042  11.896  11.846  1.00 24.87 ? 206  ARG A N   1 
ATOM   915  C CA  . ARG A 1 119 ? -7.704  12.556  12.949  1.00 26.00 ? 206  ARG A CA  1 
ATOM   916  C C   . ARG A 1 119 ? -8.233  11.566  13.993  1.00 25.53 ? 206  ARG A C   1 
ATOM   917  O O   . ARG A 1 119 ? -8.090  11.798  15.186  1.00 25.32 ? 206  ARG A O   1 
ATOM   918  C CB  . ARG A 1 119 ? -8.856  13.440  12.431  1.00 25.93 ? 206  ARG A CB  1 
ATOM   919  C CG  . ARG A 1 119 ? -9.485  14.296  13.516  1.00 30.13 ? 206  ARG A CG  1 
ATOM   920  C CD  . ARG A 1 119 ? -10.592 15.162  12.974  1.00 33.61 ? 206  ARG A CD  1 
ATOM   921  N NE  . ARG A 1 119 ? -11.850 14.435  12.806  1.00 38.38 ? 206  ARG A NE  1 
ATOM   922  C CZ  . ARG A 1 119 ? -12.392 14.137  11.628  1.00 41.55 ? 206  ARG A CZ  1 
ATOM   923  N NH1 . ARG A 1 119 ? -11.763 14.473  10.500  1.00 42.67 ? 206  ARG A NH1 1 
ATOM   924  N NH2 . ARG A 1 119 ? -13.555 13.489  11.570  1.00 40.03 ? 206  ARG A NH2 1 
ATOM   925  N N   . THR A 1 120 ? -8.872  10.492  13.535  1.00 25.42 ? 207  THR A N   1 
ATOM   926  C CA  . THR A 1 120 ? -9.494  9.501   14.416  1.00 26.75 ? 207  THR A CA  1 
ATOM   927  C C   . THR A 1 120 ? -8.455  8.838   15.331  1.00 26.10 ? 207  THR A C   1 
ATOM   928  O O   . THR A 1 120 ? -8.686  8.658   16.535  1.00 25.70 ? 207  THR A O   1 
ATOM   929  C CB  . THR A 1 120 ? -10.279 8.427   13.575  1.00 27.44 ? 207  THR A CB  1 
ATOM   930  O OG1 . THR A 1 120 ? -11.312 9.095   12.843  1.00 30.82 ? 207  THR A OG1 1 
ATOM   931  C CG2 . THR A 1 120 ? -10.919 7.362   14.467  1.00 28.83 ? 207  THR A CG2 1 
ATOM   932  N N   . PHE A 1 121 ? -7.306  8.500   14.750  1.00 25.13 ? 208  PHE A N   1 
ATOM   933  C CA  . PHE A 1 121 ? -6.204  7.870   15.482  1.00 25.05 ? 208  PHE A CA  1 
ATOM   934  C C   . PHE A 1 121 ? -5.507  8.806   16.463  1.00 24.69 ? 208  PHE A C   1 
ATOM   935  O O   . PHE A 1 121 ? -5.186  8.411   17.600  1.00 24.56 ? 208  PHE A O   1 
ATOM   936  C CB  . PHE A 1 121 ? -5.219  7.231   14.492  1.00 25.06 ? 208  PHE A CB  1 
ATOM   937  C CG  . PHE A 1 121 ? -5.632  5.859   14.058  1.00 26.08 ? 208  PHE A CG  1 
ATOM   938  C CD1 . PHE A 1 121 ? -6.742  5.675   13.237  1.00 26.72 ? 208  PHE A CD1 1 
ATOM   939  C CD2 . PHE A 1 121 ? -4.935  4.735   14.517  1.00 27.38 ? 208  PHE A CD2 1 
ATOM   940  C CE1 . PHE A 1 121 ? -7.142  4.385   12.838  1.00 27.47 ? 208  PHE A CE1 1 
ATOM   941  C CE2 . PHE A 1 121 ? -5.330  3.459   14.129  1.00 25.93 ? 208  PHE A CE2 1 
ATOM   942  C CZ  . PHE A 1 121 ? -6.430  3.285   13.298  1.00 25.91 ? 208  PHE A CZ  1 
ATOM   943  N N   . GLN A 1 122 ? -5.286  10.049  16.041  1.00 24.31 ? 209  GLN A N   1 
ATOM   944  C CA  . GLN A 1 122 ? -4.642  11.038  16.900  1.00 24.44 ? 209  GLN A CA  1 
ATOM   945  C C   . GLN A 1 122 ? -5.540  11.368  18.099  1.00 24.14 ? 209  GLN A C   1 
ATOM   946  O O   . GLN A 1 122 ? -5.051  11.528  19.212  1.00 24.20 ? 209  GLN A O   1 
ATOM   947  C CB  . GLN A 1 122 ? -4.264  12.301  16.120  1.00 24.56 ? 209  GLN A CB  1 
ATOM   948  C CG  . GLN A 1 122 ? -3.094  12.112  15.147  1.00 26.28 ? 209  GLN A CG  1 
ATOM   949  C CD  . GLN A 1 122 ? -2.436  13.431  14.742  1.00 29.49 ? 209  GLN A CD  1 
ATOM   950  O OE1 . GLN A 1 122 ? -2.828  14.504  15.189  1.00 30.93 ? 209  GLN A OE1 1 
ATOM   951  N NE2 . GLN A 1 122 ? -1.422  13.345  13.894  1.00 31.06 ? 209  GLN A NE2 1 
ATOM   952  N N   . GLU A 1 123 ? -6.851  11.407  17.874  1.00 25.12 ? 210  GLU A N   1 
ATOM   953  C CA  . GLU A 1 123 ? -7.807  11.665  18.963  1.00 25.71 ? 210  GLU A CA  1 
ATOM   954  C C   . GLU A 1 123 ? -7.891  10.507  19.969  1.00 25.93 ? 210  GLU A C   1 
ATOM   955  O O   . GLU A 1 123 ? -8.496  10.650  21.036  1.00 25.60 ? 210  GLU A O   1 
ATOM   956  C CB  . GLU A 1 123 ? -9.182  12.003  18.389  1.00 26.01 ? 210  GLU A CB  1 
ATOM   957  C CG  . GLU A 1 123 ? -9.300  13.464  17.973  1.00 28.65 ? 210  GLU A CG  1 
ATOM   958  C CD  . GLU A 1 123 ? -10.605 13.781  17.258  1.00 32.88 ? 210  GLU A CD  1 
ATOM   959  O OE1 . GLU A 1 123 ? -11.559 12.970  17.330  1.00 32.85 ? 210  GLU A OE1 1 
ATOM   960  O OE2 . GLU A 1 123 ? -10.663 14.850  16.617  1.00 36.47 ? 210  GLU A OE2 1 
ATOM   961  N N   . LYS A 1 124 ? -7.300  9.364   19.611  1.00 25.95 ? 211  LYS A N   1 
ATOM   962  C CA  . LYS A 1 124 ? -7.167  8.226   20.524  1.00 26.45 ? 211  LYS A CA  1 
ATOM   963  C C   . LYS A 1 124 ? -5.752  8.133   21.099  1.00 26.01 ? 211  LYS A C   1 
ATOM   964  O O   . LYS A 1 124 ? -5.433  7.201   21.848  1.00 26.43 ? 211  LYS A O   1 
ATOM   965  C CB  . LYS A 1 124 ? -7.547  6.910   19.846  1.00 27.13 ? 211  LYS A CB  1 
ATOM   966  C CG  . LYS A 1 124 ? -8.953  6.884   19.238  1.00 29.76 ? 211  LYS A CG  1 
ATOM   967  C CD  . LYS A 1 124 ? -9.983  6.347   20.189  1.00 33.09 ? 211  LYS A CD  1 
ATOM   968  C CE  . LYS A 1 124 ? -10.172 4.848   19.997  1.00 36.19 ? 211  LYS A CE  1 
ATOM   969  N NZ  . LYS A 1 124 ? -11.156 4.327   21.001  1.00 36.79 ? 211  LYS A NZ  1 
ATOM   970  N N   . GLY A 1 125 ? -4.914  9.106   20.760  1.00 25.00 ? 212  GLY A N   1 
ATOM   971  C CA  . GLY A 1 125 ? -3.596  9.224   21.394  1.00 25.37 ? 212  GLY A CA  1 
ATOM   972  C C   . GLY A 1 125 ? -2.489  8.585   20.569  1.00 25.17 ? 212  GLY A C   1 
ATOM   973  O O   . GLY A 1 125 ? -1.365  8.394   21.062  1.00 25.12 ? 212  GLY A O   1 
ATOM   974  N N   . ILE A 1 126 ? -2.799  8.263   19.315  1.00 24.78 ? 213  ILE A N   1 
ATOM   975  C CA  . ILE A 1 126 ? -1.829  7.604   18.419  1.00 24.84 ? 213  ILE A CA  1 
ATOM   976  C C   . ILE A 1 126 ? -1.144  8.584   17.464  1.00 25.15 ? 213  ILE A C   1 
ATOM   977  O O   . ILE A 1 126 ? -1.812  9.240   16.661  1.00 25.29 ? 213  ILE A O   1 
ATOM   978  C CB  . ILE A 1 126 ? -2.465  6.448   17.597  1.00 24.94 ? 213  ILE A CB  1 
ATOM   979  C CG1 . ILE A 1 126 ? -3.005  5.325   18.496  1.00 25.37 ? 213  ILE A CG1 1 
ATOM   980  C CG2 . ILE A 1 126 ? -1.458  5.876   16.543  1.00 24.20 ? 213  ILE A CG2 1 
ATOM   981  C CD1 . ILE A 1 126 ? -2.053  4.849   19.626  1.00 27.90 ? 213  ILE A CD1 1 
ATOM   982  N N   . LEU A 1 127 ? 0.191   8.668   17.547  1.00 24.89 ? 214  LEU A N   1 
ATOM   983  C CA  . LEU A 1 127 ? 0.978   9.409   16.558  1.00 24.96 ? 214  LEU A CA  1 
ATOM   984  C C   . LEU A 1 127 ? 0.791   8.766   15.175  1.00 25.26 ? 214  LEU A C   1 
ATOM   985  O O   . LEU A 1 127 ? 1.207   7.636   14.925  1.00 25.08 ? 214  LEU A O   1 
ATOM   986  C CB  . LEU A 1 127 ? 2.463   9.474   16.953  1.00 24.96 ? 214  LEU A CB  1 
ATOM   987  C CG  . LEU A 1 127 ? 3.459   10.196  16.044  1.00 24.33 ? 214  LEU A CG  1 
ATOM   988  C CD1 . LEU A 1 127 ? 3.042   11.625  15.683  1.00 23.54 ? 214  LEU A CD1 1 
ATOM   989  C CD2 . LEU A 1 127 ? 4.850   10.199  16.713  1.00 22.04 ? 214  LEU A CD2 1 
ATOM   990  N N   . ALA A 1 128 ? 0.129   9.493   14.284  1.00 26.36 ? 215  ALA A N   1 
ATOM   991  C CA  . ALA A 1 128 ? -0.257  8.933   12.994  1.00 26.65 ? 215  ALA A CA  1 
ATOM   992  C C   . ALA A 1 128 ? -0.216  9.995   11.898  1.00 27.44 ? 215  ALA A C   1 
ATOM   993  O O   . ALA A 1 128 ? -0.333  11.189  12.176  1.00 26.49 ? 215  ALA A O   1 
ATOM   994  C CB  . ALA A 1 128 ? -1.675  8.326   13.085  1.00 27.10 ? 215  ALA A CB  1 
ATOM   995  N N   . GLY A 1 129 ? -0.059  9.548   10.654  1.00 28.36 ? 216  GLY A N   1 
ATOM   996  C CA  . GLY A 1 129 ? -0.047  10.454  9.507   1.00 30.87 ? 216  GLY A CA  1 
ATOM   997  C C   . GLY A 1 129 ? 1.324   11.063  9.302   1.00 32.78 ? 216  GLY A C   1 
ATOM   998  O O   . GLY A 1 129 ? 2.259   10.799  10.061  1.00 32.78 ? 216  GLY A O   1 
ATOM   999  N N   . GLU A 1 130 ? 1.441   11.874  8.261   1.00 34.47 ? 217  GLU A N   1 
ATOM   1000 C CA  . GLU A 1 130 ? 2.684   12.556  7.932   1.00 36.46 ? 217  GLU A CA  1 
ATOM   1001 C C   . GLU A 1 130 ? 2.364   13.982  7.488   1.00 37.27 ? 217  GLU A C   1 
ATOM   1002 O O   . GLU A 1 130 ? 1.201   14.313  7.225   1.00 37.54 ? 217  GLU A O   1 
ATOM   1003 C CB  . GLU A 1 130 ? 3.415   11.816  6.812   1.00 36.81 ? 217  GLU A CB  1 
ATOM   1004 C CG  . GLU A 1 130 ? 3.517   10.305  6.998   1.00 39.31 ? 217  GLU A CG  1 
ATOM   1005 C CD  . GLU A 1 130 ? 3.595   9.566   5.680   1.00 42.33 ? 217  GLU A CD  1 
ATOM   1006 O OE1 . GLU A 1 130 ? 2.549   9.045   5.212   1.00 43.59 ? 217  GLU A OE1 1 
ATOM   1007 O OE2 . GLU A 1 130 ? 4.701   9.528   5.107   1.00 43.50 ? 217  GLU A OE2 1 
ATOM   1008 N N   . SER A 1 131 ? 3.388   14.829  7.420   1.00 38.20 ? 218  SER A N   1 
ATOM   1009 C CA  . SER A 1 131 ? 3.221   16.203  6.940   1.00 39.09 ? 218  SER A CA  1 
ATOM   1010 C C   . SER A 1 131 ? 3.244   16.291  5.407   1.00 39.45 ? 218  SER A C   1 
ATOM   1011 O O   . SER A 1 131 ? 2.688   17.226  4.832   1.00 40.00 ? 218  SER A O   1 
ATOM   1012 C CB  . SER A 1 131 ? 4.306   17.111  7.525   1.00 38.97 ? 218  SER A CB  1 
ATOM   1013 O OG  . SER A 1 131 ? 5.588   16.535  7.342   1.00 39.94 ? 218  SER A OG  1 
ATOM   1014 N N   . ARG A 1 132 ? 3.900   15.324  4.762   1.00 39.77 ? 219  ARG A N   1 
ATOM   1015 C CA  . ARG A 1 132 ? 4.002   15.267  3.299   1.00 39.98 ? 219  ARG A CA  1 
ATOM   1016 C C   . ARG A 1 132 ? 2.657   14.938  2.645   1.00 40.30 ? 219  ARG A C   1 
ATOM   1017 O O   . ARG A 1 132 ? 1.784   14.340  3.278   1.00 40.21 ? 219  ARG A O   1 
ATOM   1018 C CB  . ARG A 1 132 ? 5.060   14.244  2.885   1.00 39.94 ? 219  ARG A CB  1 
ATOM   1019 N N   . THR A 1 133 ? 2.500   15.332  1.380   1.00 40.48 ? 220  THR A N   1 
ATOM   1020 C CA  . THR A 1 133 ? 1.267   15.089  0.629   1.00 40.71 ? 220  THR A CA  1 
ATOM   1021 C C   . THR A 1 133 ? 0.988   13.598  0.450   1.00 40.76 ? 220  THR A C   1 
ATOM   1022 O O   . THR A 1 133 ? 1.887   12.820  0.111   1.00 40.69 ? 220  THR A O   1 
ATOM   1023 C CB  . THR A 1 133 ? 1.312   15.789  -0.724  1.00 40.75 ? 220  THR A CB  1 
ATOM   1024 N N   . PHE A 1 134 ? -0.264  13.212  0.687   1.00 40.86 ? 221  PHE A N   1 
ATOM   1025 C CA  . PHE A 1 134 ? -0.720  11.837  0.481   1.00 40.78 ? 221  PHE A CA  1 
ATOM   1026 C C   . PHE A 1 134 ? -0.731  11.550  -1.022  1.00 40.14 ? 221  PHE A C   1 
ATOM   1027 O O   . PHE A 1 134 ? -1.467  12.188  -1.772  1.00 40.06 ? 221  PHE A O   1 
ATOM   1028 C CB  . PHE A 1 134 ? -2.115  11.658  1.105   1.00 41.18 ? 221  PHE A CB  1 
ATOM   1029 C CG  . PHE A 1 134 ? -2.713  10.277  0.927   1.00 42.27 ? 221  PHE A CG  1 
ATOM   1030 C CD1 . PHE A 1 134 ? -2.124  9.160   1.512   1.00 43.91 ? 221  PHE A CD1 1 
ATOM   1031 C CD2 . PHE A 1 134 ? -3.894  10.110  0.195   1.00 43.23 ? 221  PHE A CD2 1 
ATOM   1032 C CE1 . PHE A 1 134 ? -2.693  7.884   1.357   1.00 45.12 ? 221  PHE A CE1 1 
ATOM   1033 C CE2 . PHE A 1 134 ? -4.470  8.847   0.037   1.00 43.31 ? 221  PHE A CE2 1 
ATOM   1034 C CZ  . PHE A 1 134 ? -3.866  7.735   0.616   1.00 43.91 ? 221  PHE A CZ  1 
ATOM   1035 N N   . LYS A 1 135 ? 0.128   10.629  -1.458  1.00 39.30 ? 222  LYS A N   1 
ATOM   1036 C CA  . LYS A 1 135 ? 0.202   10.248  -2.872  1.00 38.94 ? 222  LYS A CA  1 
ATOM   1037 C C   . LYS A 1 135 ? 0.138   8.726   -2.981  1.00 38.38 ? 222  LYS A C   1 
ATOM   1038 O O   . LYS A 1 135 ? 1.174   8.060   -3.047  1.00 38.87 ? 222  LYS A O   1 
ATOM   1039 C CB  . LYS A 1 135 ? 1.481   10.798  -3.524  1.00 39.03 ? 222  LYS A CB  1 
ATOM   1040 N N   . PRO A 1 136 ? -1.086  8.169   -2.957  1.00 37.35 ? 223  PRO A N   1 
ATOM   1041 C CA  . PRO A 1 136 ? -1.225  6.711   -2.914  1.00 36.65 ? 223  PRO A CA  1 
ATOM   1042 C C   . PRO A 1 136 ? -0.698  6.055   -4.189  1.00 35.47 ? 223  PRO A C   1 
ATOM   1043 O O   . PRO A 1 136 ? -0.825  6.611   -5.276  1.00 35.28 ? 223  PRO A O   1 
ATOM   1044 C CB  . PRO A 1 136 ? -2.738  6.494   -2.749  1.00 36.83 ? 223  PRO A CB  1 
ATOM   1045 C CG  . PRO A 1 136 ? -3.370  7.754   -3.238  1.00 37.44 ? 223  PRO A CG  1 
ATOM   1046 C CD  . PRO A 1 136 ? -2.390  8.861   -2.967  1.00 37.69 ? 223  PRO A CD  1 
ATOM   1047 N N   . HIS A 1 137 ? -0.102  4.880   -4.027  1.00 34.41 ? 224  HIS A N   1 
ATOM   1048 C CA  . HIS A 1 137 ? 0.538   4.152   -5.118  1.00 33.81 ? 224  HIS A CA  1 
ATOM   1049 C C   . HIS A 1 137 ? 0.639   2.690   -4.698  1.00 32.26 ? 224  HIS A C   1 
ATOM   1050 O O   . HIS A 1 137 ? 0.519   2.377   -3.522  1.00 32.60 ? 224  HIS A O   1 
ATOM   1051 C CB  . HIS A 1 137 ? 1.946   4.711   -5.348  1.00 33.63 ? 224  HIS A CB  1 
ATOM   1052 C CG  . HIS A 1 137 ? 2.830   4.593   -4.147  1.00 36.50 ? 224  HIS A CG  1 
ATOM   1053 N ND1 . HIS A 1 137 ? 2.732   5.445   -3.065  1.00 37.92 ? 224  HIS A ND1 1 
ATOM   1054 C CD2 . HIS A 1 137 ? 3.813   3.710   -3.845  1.00 38.19 ? 224  HIS A CD2 1 
ATOM   1055 C CE1 . HIS A 1 137 ? 3.614   5.087   -2.148  1.00 40.58 ? 224  HIS A CE1 1 
ATOM   1056 N NE2 . HIS A 1 137 ? 4.289   4.043   -2.600  1.00 40.15 ? 224  HIS A NE2 1 
ATOM   1057 N N   . LEU A 1 138 ? 0.860   1.804   -5.659  1.00 31.25 ? 225  LEU A N   1 
ATOM   1058 C CA  . LEU A 1 138 ? 0.912   0.379   -5.373  1.00 29.67 ? 225  LEU A CA  1 
ATOM   1059 C C   . LEU A 1 138 ? 2.315   -0.143  -5.678  1.00 29.09 ? 225  LEU A C   1 
ATOM   1060 O O   . LEU A 1 138 ? 2.631   -0.453  -6.825  1.00 28.01 ? 225  LEU A O   1 
ATOM   1061 C CB  . LEU A 1 138 ? -0.170  -0.350  -6.205  1.00 30.21 ? 225  LEU A CB  1 
ATOM   1062 C CG  . LEU A 1 138 ? -0.321  -1.874  -6.259  1.00 30.84 ? 225  LEU A CG  1 
ATOM   1063 C CD1 . LEU A 1 138 ? -0.425  -2.474  -4.889  1.00 33.06 ? 225  LEU A CD1 1 
ATOM   1064 C CD2 . LEU A 1 138 ? -1.562  -2.249  -7.091  1.00 29.87 ? 225  LEU A CD2 1 
ATOM   1065 N N   . THR A 1 139 ? 3.157   -0.188  -4.648  1.00 28.63 ? 226  THR A N   1 
ATOM   1066 C CA  . THR A 1 139 ? 4.575   -0.550  -4.806  1.00 28.29 ? 226  THR A CA  1 
ATOM   1067 C C   . THR A 1 139 ? 4.765   -1.986  -5.304  1.00 27.77 ? 226  THR A C   1 
ATOM   1068 O O   . THR A 1 139 ? 4.095   -2.900  -4.833  1.00 27.78 ? 226  THR A O   1 
ATOM   1069 C CB  . THR A 1 139 ? 5.298   -0.380  -3.469  1.00 28.46 ? 226  THR A CB  1 
ATOM   1070 O OG1 . THR A 1 139 ? 5.213   1.001   -3.079  1.00 29.28 ? 226  THR A OG1 1 
ATOM   1071 C CG2 . THR A 1 139 ? 6.791   -0.811  -3.574  1.00 28.49 ? 226  THR A CG2 1 
ATOM   1072 N N   . PHE A 1 140 ? 5.692   -2.179  -6.245  1.00 26.46 ? 227  PHE A N   1 
ATOM   1073 C CA  . PHE A 1 140 ? 6.024   -3.526  -6.710  1.00 26.64 ? 227  PHE A CA  1 
ATOM   1074 C C   . PHE A 1 140 ? 7.510   -3.873  -6.542  1.00 26.32 ? 227  PHE A C   1 
ATOM   1075 O O   . PHE A 1 140 ? 7.878   -5.038  -6.640  1.00 26.52 ? 227  PHE A O   1 
ATOM   1076 C CB  . PHE A 1 140 ? 5.535   -3.801  -8.149  1.00 27.15 ? 227  PHE A CB  1 
ATOM   1077 C CG  . PHE A 1 140 ? 6.193   -2.965  -9.223  1.00 26.33 ? 227  PHE A CG  1 
ATOM   1078 C CD1 . PHE A 1 140 ? 7.421   -3.351  -9.796  1.00 23.86 ? 227  PHE A CD1 1 
ATOM   1079 C CD2 . PHE A 1 140 ? 5.565   -1.817  -9.700  1.00 25.03 ? 227  PHE A CD2 1 
ATOM   1080 C CE1 . PHE A 1 140 ? 8.014   -2.582  -10.822 1.00 26.63 ? 227  PHE A CE1 1 
ATOM   1081 C CE2 . PHE A 1 140 ? 6.146   -1.043  -10.700 1.00 25.32 ? 227  PHE A CE2 1 
ATOM   1082 C CZ  . PHE A 1 140 ? 7.380   -1.420  -11.269 1.00 24.72 ? 227  PHE A CZ  1 
ATOM   1083 N N   . MET A 1 141 ? 8.340   -2.856  -6.304  1.00 26.16 ? 228  MET A N   1 
ATOM   1084 C CA  . MET A 1 141 ? 9.776   -3.055  -6.037  1.00 26.43 ? 228  MET A CA  1 
ATOM   1085 C C   . MET A 1 141 ? 10.435  -1.875  -5.342  1.00 27.01 ? 228  MET A C   1 
ATOM   1086 O O   . MET A 1 141 ? 10.053  -0.706  -5.537  1.00 26.56 ? 228  MET A O   1 
ATOM   1087 C CB  . MET A 1 141 ? 10.547  -3.401  -7.316  1.00 26.76 ? 228  MET A CB  1 
ATOM   1088 C CG  . MET A 1 141 ? 10.628  -2.288  -8.360  1.00 27.39 ? 228  MET A CG  1 
ATOM   1089 S SD  . MET A 1 141 ? 11.475  -2.830  -9.846  1.00 28.23 ? 228  MET A SD  1 
ATOM   1090 C CE  . MET A 1 141 ? 13.067  -3.302  -9.202  1.00 25.39 ? 228  MET A CE  1 
ATOM   1091 N N   . LYS A 1 142 ? 11.462  -2.194  -4.555  1.00 26.37 ? 229  LYS A N   1 
ATOM   1092 C CA  . LYS A 1 142 ? 12.196  -1.193  -3.805  1.00 27.51 ? 229  LYS A CA  1 
ATOM   1093 C C   . LYS A 1 142 ? 13.625  -1.689  -3.774  1.00 27.08 ? 229  LYS A C   1 
ATOM   1094 O O   . LYS A 1 142 ? 13.896  -2.793  -3.286  1.00 26.78 ? 229  LYS A O   1 
ATOM   1095 C CB  . LYS A 1 142 ? 11.656  -1.061  -2.380  1.00 27.84 ? 229  LYS A CB  1 
ATOM   1096 C CG  . LYS A 1 142 ? 10.259  -0.484  -2.239  1.00 30.76 ? 229  LYS A CG  1 
ATOM   1097 C CD  . LYS A 1 142 ? 9.781   -0.578  -0.772  1.00 34.54 ? 229  LYS A CD  1 
ATOM   1098 C CE  . LYS A 1 142 ? 10.345  0.576   0.068   1.00 39.06 ? 229  LYS A CE  1 
ATOM   1099 N NZ  . LYS A 1 142 ? 10.231  0.411   1.573   1.00 42.00 ? 229  LYS A NZ  1 
ATOM   1100 N N   . LEU A 1 143 ? 14.531  -0.883  -4.313  1.00 27.19 ? 230  LEU A N   1 
ATOM   1101 C CA  . LEU A 1 143 ? 15.943  -1.239  -4.337  1.00 27.66 ? 230  LEU A CA  1 
ATOM   1102 C C   . LEU A 1 143 ? 16.541  -1.420  -2.932  1.00 28.08 ? 230  LEU A C   1 
ATOM   1103 O O   . LEU A 1 143 ? 17.452  -2.228  -2.754  1.00 27.79 ? 230  LEU A O   1 
ATOM   1104 C CB  . LEU A 1 143 ? 16.763  -0.213  -5.132  1.00 27.80 ? 230  LEU A CB  1 
ATOM   1105 C CG  . LEU A 1 143 ? 16.505  -0.085  -6.644  1.00 27.18 ? 230  LEU A CG  1 
ATOM   1106 C CD1 . LEU A 1 143 ? 17.484  0.917   -7.218  1.00 26.85 ? 230  LEU A CD1 1 
ATOM   1107 C CD2 . LEU A 1 143 ? 16.599  -1.416  -7.407  1.00 26.47 ? 230  LEU A CD2 1 
ATOM   1108 N N   . SER A 1 144 ? 16.031  -0.669  -1.960  1.00 29.17 ? 231  SER A N   1 
ATOM   1109 C CA  . SER A 1 144 ? 16.514  -0.724  -0.560  1.00 30.03 ? 231  SER A CA  1 
ATOM   1110 C C   . SER A 1 144 ? 16.372  -2.118  0.077   1.00 30.27 ? 231  SER A C   1 
ATOM   1111 O O   . SER A 1 144 ? 17.098  -2.480  1.014   1.00 30.24 ? 231  SER A O   1 
ATOM   1112 C CB  . SER A 1 144 ? 15.807  0.342   0.298   1.00 29.74 ? 231  SER A CB  1 
ATOM   1113 O OG  . SER A 1 144 ? 14.397  0.189   0.315   1.00 32.36 ? 231  SER A OG  1 
ATOM   1114 N N   . LYS A 1 145 ? 15.446  -2.898  -0.466  1.00 30.47 ? 232  LYS A N   1 
ATOM   1115 C CA  . LYS A 1 145 ? 15.181  -4.267  -0.046  1.00 31.25 ? 232  LYS A CA  1 
ATOM   1116 C C   . LYS A 1 145 ? 16.307  -5.232  -0.410  1.00 31.09 ? 232  LYS A C   1 
ATOM   1117 O O   . LYS A 1 145 ? 16.335  -6.369  0.067   1.00 30.92 ? 232  LYS A O   1 
ATOM   1118 C CB  . LYS A 1 145 ? 13.927  -4.733  -0.765  1.00 31.33 ? 232  LYS A CB  1 
ATOM   1119 C CG  . LYS A 1 145 ? 12.814  -5.152  0.105   1.00 34.96 ? 232  LYS A CG  1 
ATOM   1120 C CD  . LYS A 1 145 ? 11.574  -5.404  -0.749  1.00 36.14 ? 232  LYS A CD  1 
ATOM   1121 C CE  . LYS A 1 145 ? 10.752  -6.537  -0.153  1.00 39.45 ? 232  LYS A CE  1 
ATOM   1122 N NZ  . LYS A 1 145 ? 11.241  -7.839  -0.696  1.00 42.31 ? 232  LYS A NZ  1 
ATOM   1123 N N   . ALA A 1 146 ? 17.193  -4.791  -1.304  1.00 30.85 ? 233  ALA A N   1 
ATOM   1124 C CA  . ALA A 1 146 ? 18.290  -5.603  -1.800  1.00 31.29 ? 233  ALA A CA  1 
ATOM   1125 C C   . ALA A 1 146 ? 19.576  -4.776  -1.732  1.00 31.79 ? 233  ALA A C   1 
ATOM   1126 O O   . ALA A 1 146 ? 20.010  -4.214  -2.741  1.00 31.46 ? 233  ALA A O   1 
ATOM   1127 C CB  . ALA A 1 146 ? 18.011  -6.057  -3.232  1.00 31.40 ? 233  ALA A CB  1 
ATOM   1128 N N   . PRO A 1 147 ? 20.187  -4.699  -0.534  1.00 32.48 ? 234  PRO A N   1 
ATOM   1129 C CA  . PRO A 1 147 ? 21.331  -3.806  -0.301  1.00 32.90 ? 234  PRO A CA  1 
ATOM   1130 C C   . PRO A 1 147 ? 22.550  -4.077  -1.181  1.00 33.54 ? 234  PRO A C   1 
ATOM   1131 O O   . PRO A 1 147 ? 23.296  -3.147  -1.500  1.00 33.51 ? 234  PRO A O   1 
ATOM   1132 C CB  . PRO A 1 147 ? 21.693  -4.039  1.170   1.00 33.26 ? 234  PRO A CB  1 
ATOM   1133 C CG  . PRO A 1 147 ? 20.634  -4.875  1.752   1.00 32.68 ? 234  PRO A CG  1 
ATOM   1134 C CD  . PRO A 1 147 ? 19.781  -5.448  0.671   1.00 32.55 ? 234  PRO A CD  1 
ATOM   1135 N N   . MET A 1 148 ? 22.735  -5.335  -1.570  1.00 34.08 ? 235  MET A N   1 
ATOM   1136 C CA  . MET A 1 148 ? 23.858  -5.746  -2.405  1.00 35.55 ? 235  MET A CA  1 
ATOM   1137 C C   . MET A 1 148 ? 23.827  -5.159  -3.825  1.00 35.44 ? 235  MET A C   1 
ATOM   1138 O O   . MET A 1 148 ? 24.842  -5.178  -4.515  1.00 35.15 ? 235  MET A O   1 
ATOM   1139 C CB  . MET A 1 148 ? 23.951  -7.275  -2.457  1.00 36.20 ? 235  MET A CB  1 
ATOM   1140 C CG  . MET A 1 148 ? 24.252  -7.940  -1.102  1.00 42.27 ? 235  MET A CG  1 
ATOM   1141 S SD  . MET A 1 148 ? 23.922  -9.733  -1.099  1.00 52.58 ? 235  MET A SD  1 
ATOM   1142 C CE  . MET A 1 148 ? 25.285  -10.395 -2.063  1.00 50.20 ? 235  MET A CE  1 
ATOM   1143 N N   . LEU A 1 149 ? 22.671  -4.642  -4.251  1.00 35.73 ? 236  LEU A N   1 
ATOM   1144 C CA  . LEU A 1 149 ? 22.530  -4.010  -5.569  1.00 36.01 ? 236  LEU A CA  1 
ATOM   1145 C C   . LEU A 1 149 ? 23.414  -2.762  -5.760  1.00 36.93 ? 236  LEU A C   1 
ATOM   1146 O O   . LEU A 1 149 ? 24.075  -2.633  -6.790  1.00 36.92 ? 236  LEU A O   1 
ATOM   1147 C CB  . LEU A 1 149 ? 21.053  -3.716  -5.899  1.00 35.71 ? 236  LEU A CB  1 
ATOM   1148 C CG  . LEU A 1 149 ? 20.192  -4.921  -6.300  1.00 33.86 ? 236  LEU A CG  1 
ATOM   1149 C CD1 . LEU A 1 149 ? 18.699  -4.533  -6.439  1.00 32.25 ? 236  LEU A CD1 1 
ATOM   1150 C CD2 . LEU A 1 149 ? 20.700  -5.591  -7.582  1.00 33.14 ? 236  LEU A CD2 1 
ATOM   1151 N N   . TRP A 1 150 ? 23.425  -1.857  -4.780  1.00 38.24 ? 237  TRP A N   1 
ATOM   1152 C CA  . TRP A 1 150 ? 24.383  -0.743  -4.783  1.00 39.31 ? 237  TRP A CA  1 
ATOM   1153 C C   . TRP A 1 150 ? 25.774  -1.341  -4.903  1.00 39.74 ? 237  TRP A C   1 
ATOM   1154 O O   . TRP A 1 150 ? 26.517  -1.046  -5.845  1.00 39.42 ? 237  TRP A O   1 
ATOM   1155 C CB  . TRP A 1 150 ? 24.289  0.078   -3.494  1.00 39.68 ? 237  TRP A CB  1 
ATOM   1156 C CG  . TRP A 1 150 ? 25.058  1.395   -3.524  1.00 40.87 ? 237  TRP A CG  1 
ATOM   1157 C CD1 . TRP A 1 150 ? 24.522  2.647   -3.665  1.00 42.01 ? 237  TRP A CD1 1 
ATOM   1158 C CD2 . TRP A 1 150 ? 26.481  1.583   -3.393  1.00 41.54 ? 237  TRP A CD2 1 
ATOM   1159 N NE1 . TRP A 1 150 ? 25.518  3.596   -3.638  1.00 42.25 ? 237  TRP A NE1 1 
ATOM   1160 C CE2 . TRP A 1 150 ? 26.727  2.973   -3.474  1.00 41.91 ? 237  TRP A CE2 1 
ATOM   1161 C CE3 . TRP A 1 150 ? 27.570  0.714   -3.219  1.00 41.48 ? 237  TRP A CE3 1 
ATOM   1162 C CZ2 . TRP A 1 150 ? 28.018  3.515   -3.382  1.00 41.86 ? 237  TRP A CZ2 1 
ATOM   1163 C CZ3 . TRP A 1 150 ? 28.859  1.255   -3.136  1.00 41.81 ? 237  TRP A CZ3 1 
ATOM   1164 C CH2 . TRP A 1 150 ? 29.067  2.643   -3.218  1.00 41.94 ? 237  TRP A CH2 1 
ATOM   1165 N N   . LYS A 1 151 ? 26.086  -2.212  -3.942  1.00 40.46 ? 238  LYS A N   1 
ATOM   1166 C CA  . LYS A 1 151 ? 27.387  -2.867  -3.804  1.00 40.67 ? 238  LYS A CA  1 
ATOM   1167 C C   . LYS A 1 151 ? 27.897  -3.480  -5.101  1.00 40.72 ? 238  LYS A C   1 
ATOM   1168 O O   . LYS A 1 151 ? 29.088  -3.765  -5.212  1.00 40.90 ? 238  LYS A O   1 
ATOM   1169 C CB  . LYS A 1 151 ? 27.333  -3.936  -2.696  1.00 40.94 ? 238  LYS A CB  1 
ATOM   1170 C CG  . LYS A 1 151 ? 26.542  -3.544  -1.440  1.00 40.65 ? 238  LYS A CG  1 
ATOM   1171 C CD  . LYS A 1 151 ? 27.380  -2.766  -0.441  1.00 40.22 ? 238  LYS A CD  1 
ATOM   1172 C CE  . LYS A 1 151 ? 26.704  -2.698  0.922   1.00 40.78 ? 238  LYS A CE  1 
ATOM   1173 N NZ  . LYS A 1 151 ? 25.534  -1.779  0.957   1.00 41.12 ? 238  LYS A NZ  1 
ATOM   1174 N N   . LYS A 1 152 ? 27.000  -3.682  -6.071  1.00 40.49 ? 239  LYS A N   1 
ATOM   1175 C CA  . LYS A 1 152 ? 27.378  -4.199  -7.391  1.00 40.16 ? 239  LYS A CA  1 
ATOM   1176 C C   . LYS A 1 152 ? 26.788  -3.443  -8.604  1.00 39.54 ? 239  LYS A C   1 
ATOM   1177 O O   . LYS A 1 152 ? 26.447  -4.049  -9.627  1.00 39.45 ? 239  LYS A O   1 
ATOM   1178 C CB  . LYS A 1 152 ? 27.155  -5.721  -7.488  1.00 40.48 ? 239  LYS A CB  1 
ATOM   1179 C CG  . LYS A 1 152 ? 25.733  -6.218  -7.277  1.00 41.63 ? 239  LYS A CG  1 
ATOM   1180 C CD  . LYS A 1 152 ? 25.625  -7.704  -7.623  1.00 43.77 ? 239  LYS A CD  1 
ATOM   1181 C CE  . LYS A 1 152 ? 24.477  -8.370  -6.858  1.00 45.40 ? 239  LYS A CE  1 
ATOM   1182 N NZ  . LYS A 1 152 ? 24.162  -9.711  -7.459  1.00 46.76 ? 239  LYS A NZ  1 
ATOM   1183 N N   . GLY A 1 153 ? 26.681  -2.119  -8.482  1.00 38.82 ? 240  GLY A N   1 
ATOM   1184 C CA  . GLY A 1 153 ? 26.476  -1.245  -9.646  1.00 37.82 ? 240  GLY A CA  1 
ATOM   1185 C C   . GLY A 1 153 ? 25.057  -0.962  -10.118 1.00 37.09 ? 240  GLY A C   1 
ATOM   1186 O O   . GLY A 1 153 ? 24.864  -0.229  -11.094 1.00 36.99 ? 240  GLY A O   1 
ATOM   1187 N N   . VAL A 1 154 ? 24.067  -1.538  -9.441  1.00 36.27 ? 241  VAL A N   1 
ATOM   1188 C CA  . VAL A 1 154 ? 22.660  -1.294  -9.775  1.00 35.30 ? 241  VAL A CA  1 
ATOM   1189 C C   . VAL A 1 154 ? 22.086  -0.302  -8.770  1.00 34.89 ? 241  VAL A C   1 
ATOM   1190 O O   . VAL A 1 154 ? 21.739  -0.677  -7.647  1.00 34.44 ? 241  VAL A O   1 
ATOM   1191 C CB  . VAL A 1 154 ? 21.837  -2.613  -9.798  1.00 35.66 ? 241  VAL A CB  1 
ATOM   1192 C CG1 . VAL A 1 154 ? 20.347  -2.335  -10.033 1.00 34.44 ? 241  VAL A CG1 1 
ATOM   1193 C CG2 . VAL A 1 154 ? 22.385  -3.565  -10.859 1.00 35.27 ? 241  VAL A CG2 1 
ATOM   1194 N N   . ARG A 1 155 ? 21.991  0.965   -9.166  1.00 34.38 ? 242  ARG A N   1 
ATOM   1195 C CA  . ARG A 1 155 ? 21.644  2.027   -8.215  1.00 34.35 ? 242  ARG A CA  1 
ATOM   1196 C C   . ARG A 1 155 ? 20.370  2.808   -8.566  1.00 34.25 ? 242  ARG A C   1 
ATOM   1197 O O   . ARG A 1 155 ? 20.014  3.781   -7.889  1.00 34.23 ? 242  ARG A O   1 
ATOM   1198 C CB  . ARG A 1 155 ? 22.849  2.953   -7.981  1.00 34.62 ? 242  ARG A CB  1 
ATOM   1199 C CG  . ARG A 1 155 ? 24.105  2.183   -7.568  1.00 35.90 ? 242  ARG A CG  1 
ATOM   1200 C CD  . ARG A 1 155 ? 25.276  3.085   -7.205  1.00 36.57 ? 242  ARG A CD  1 
ATOM   1201 N NE  . ARG A 1 155 ? 26.481  2.286   -6.996  1.00 38.22 ? 242  ARG A NE  1 
ATOM   1202 C CZ  . ARG A 1 155 ? 27.697  2.783   -6.771  1.00 39.74 ? 242  ARG A CZ  1 
ATOM   1203 N NH1 . ARG A 1 155 ? 27.889  4.097   -6.707  1.00 40.33 ? 242  ARG A NH1 1 
ATOM   1204 N NH2 . ARG A 1 155 ? 28.726  1.961   -6.606  1.00 39.80 ? 242  ARG A NH2 1 
ATOM   1205 N N   . LYS A 1 156 ? 19.672  2.344   -9.601  1.00 33.64 ? 243  LYS A N   1 
ATOM   1206 C CA  . LYS A 1 156 ? 18.397  2.919   -10.024 1.00 33.37 ? 243  LYS A CA  1 
ATOM   1207 C C   . LYS A 1 156 ? 17.624  1.897   -10.863 1.00 32.64 ? 243  LYS A C   1 
ATOM   1208 O O   . LYS A 1 156 ? 18.219  0.993   -11.457 1.00 32.24 ? 243  LYS A O   1 
ATOM   1209 C CB  . LYS A 1 156 ? 18.610  4.238   -10.795 1.00 33.65 ? 243  LYS A CB  1 
ATOM   1210 C CG  . LYS A 1 156 ? 19.256  4.094   -12.169 1.00 34.82 ? 243  LYS A CG  1 
ATOM   1211 C CD  . LYS A 1 156 ? 18.210  4.191   -13.279 1.00 36.70 ? 243  LYS A CD  1 
ATOM   1212 C CE  . LYS A 1 156 ? 18.714  3.599   -14.595 1.00 37.63 ? 243  LYS A CE  1 
ATOM   1213 N NZ  . LYS A 1 156 ? 19.990  4.183   -15.082 1.00 37.13 ? 243  LYS A NZ  1 
ATOM   1214 N N   . ILE A 1 157 ? 16.302  2.033   -10.899 1.00 32.65 ? 244  ILE A N   1 
ATOM   1215 C CA  . ILE A 1 157 ? 15.472  1.159   -11.721 1.00 32.23 ? 244  ILE A CA  1 
ATOM   1216 C C   . ILE A 1 157 ? 15.501  1.696   -13.151 1.00 32.50 ? 244  ILE A C   1 
ATOM   1217 O O   . ILE A 1 157 ? 15.079  2.822   -13.410 1.00 32.48 ? 244  ILE A O   1 
ATOM   1218 C CB  . ILE A 1 157 ? 14.013  1.051   -11.201 1.00 32.42 ? 244  ILE A CB  1 
ATOM   1219 C CG1 . ILE A 1 157 ? 13.987  0.492   -9.778  1.00 31.46 ? 244  ILE A CG1 1 
ATOM   1220 C CG2 . ILE A 1 157 ? 13.194  0.118   -12.082 1.00 32.32 ? 244  ILE A CG2 1 
ATOM   1221 C CD1 . ILE A 1 157 ? 12.703  0.805   -9.014  1.00 33.94 ? 244  ILE A CD1 1 
ATOM   1222 N N   . GLU A 1 158 ? 16.024  0.881   -14.058 1.00 32.54 ? 245  GLU A N   1 
ATOM   1223 C CA  . GLU A 1 158 ? 16.089  1.217   -15.479 1.00 32.86 ? 245  GLU A CA  1 
ATOM   1224 C C   . GLU A 1 158 ? 14.673  1.361   -16.047 1.00 32.72 ? 245  GLU A C   1 
ATOM   1225 O O   . GLU A 1 158 ? 13.921  0.392   -16.054 1.00 32.49 ? 245  GLU A O   1 
ATOM   1226 C CB  . GLU A 1 158 ? 16.842  0.122   -16.235 1.00 33.30 ? 245  GLU A CB  1 
ATOM   1227 C CG  . GLU A 1 158 ? 18.262  -0.156  -15.736 1.00 35.14 ? 245  GLU A CG  1 
ATOM   1228 C CD  . GLU A 1 158 ? 19.317  0.585   -16.518 1.00 36.85 ? 245  GLU A CD  1 
ATOM   1229 O OE1 . GLU A 1 158 ? 19.252  0.592   -17.770 1.00 37.37 ? 245  GLU A OE1 1 
ATOM   1230 O OE2 . GLU A 1 158 ? 20.235  1.147   -15.880 1.00 38.58 ? 245  GLU A OE2 1 
ATOM   1231 N N   . PRO A 1 159 ? 14.304  2.570   -16.529 1.00 32.62 ? 246  PRO A N   1 
ATOM   1232 C CA  . PRO A 1 159 ? 12.939  2.807   -17.048 1.00 32.16 ? 246  PRO A CA  1 
ATOM   1233 C C   . PRO A 1 159 ? 12.568  1.901   -18.230 1.00 31.43 ? 246  PRO A C   1 
ATOM   1234 O O   . PRO A 1 159 ? 11.398  1.559   -18.406 1.00 31.38 ? 246  PRO A O   1 
ATOM   1235 C CB  . PRO A 1 159 ? 12.981  4.272   -17.505 1.00 32.53 ? 246  PRO A CB  1 
ATOM   1236 C CG  . PRO A 1 159 ? 14.132  4.874   -16.772 1.00 32.99 ? 246  PRO A CG  1 
ATOM   1237 C CD  . PRO A 1 159 ? 15.142  3.778   -16.632 1.00 32.82 ? 246  PRO A CD  1 
ATOM   1238 N N   . GLY A 1 160 ? 13.556  1.515   -19.031 1.00 30.31 ? 247  GLY A N   1 
ATOM   1239 C CA  . GLY A 1 160 ? 13.331  0.567   -20.122 1.00 29.18 ? 247  GLY A CA  1 
ATOM   1240 C C   . GLY A 1 160 ? 12.779  -0.781  -19.684 1.00 28.52 ? 247  GLY A C   1 
ATOM   1241 O O   . GLY A 1 160 ? 12.116  -1.464  -20.467 1.00 28.06 ? 247  GLY A O   1 
ATOM   1242 N N   . LEU A 1 161 ? 13.049  -1.166  -18.435 1.00 27.81 ? 248  LEU A N   1 
ATOM   1243 C CA  . LEU A 1 161 ? 12.700  -2.494  -17.932 1.00 27.47 ? 248  LEU A CA  1 
ATOM   1244 C C   . LEU A 1 161 ? 11.196  -2.744  -17.887 1.00 28.11 ? 248  LEU A C   1 
ATOM   1245 O O   . LEU A 1 161 ? 10.750  -3.876  -18.103 1.00 27.84 ? 248  LEU A O   1 
ATOM   1246 C CB  . LEU A 1 161 ? 13.295  -2.731  -16.540 1.00 28.02 ? 248  LEU A CB  1 
ATOM   1247 C CG  . LEU A 1 161 ? 14.810  -2.928  -16.484 1.00 27.00 ? 248  LEU A CG  1 
ATOM   1248 C CD1 . LEU A 1 161 ? 15.297  -2.947  -15.055 1.00 26.79 ? 248  LEU A CD1 1 
ATOM   1249 C CD2 . LEU A 1 161 ? 15.200  -4.206  -17.194 1.00 29.58 ? 248  LEU A CD2 1 
ATOM   1250 N N   . TYR A 1 162 ? 10.438  -1.685  -17.610 1.00 28.05 ? 249  TYR A N   1 
ATOM   1251 C CA  . TYR A 1 162 ? 8.978   -1.767  -17.518 1.00 29.09 ? 249  TYR A CA  1 
ATOM   1252 C C   . TYR A 1 162 ? 8.280   -1.006  -18.650 1.00 29.25 ? 249  TYR A C   1 
ATOM   1253 O O   . TYR A 1 162 ? 7.098   -0.693  -18.548 1.00 29.37 ? 249  TYR A O   1 
ATOM   1254 C CB  . TYR A 1 162 ? 8.503   -1.248  -16.160 1.00 29.35 ? 249  TYR A CB  1 
ATOM   1255 C CG  . TYR A 1 162 ? 9.009   0.128   -15.796 1.00 29.98 ? 249  TYR A CG  1 
ATOM   1256 C CD1 . TYR A 1 162 ? 8.441   1.278   -16.351 1.00 30.49 ? 249  TYR A CD1 1 
ATOM   1257 C CD2 . TYR A 1 162 ? 10.040  0.282   -14.880 1.00 30.86 ? 249  TYR A CD2 1 
ATOM   1258 C CE1 . TYR A 1 162 ? 8.902   2.546   -16.009 1.00 32.67 ? 249  TYR A CE1 1 
ATOM   1259 C CE2 . TYR A 1 162 ? 10.510  1.541   -14.528 1.00 32.78 ? 249  TYR A CE2 1 
ATOM   1260 C CZ  . TYR A 1 162 ? 9.940   2.669   -15.097 1.00 32.78 ? 249  TYR A CZ  1 
ATOM   1261 O OH  . TYR A 1 162 ? 10.419  3.913   -14.755 1.00 34.08 ? 249  TYR A OH  1 
ATOM   1262 N N   . GLU A 1 163 ? 9.016   -0.719  -19.722 1.00 29.87 ? 250  GLU A N   1 
ATOM   1263 C CA  . GLU A 1 163 ? 8.500   0.060   -20.856 1.00 30.30 ? 250  GLU A CA  1 
ATOM   1264 C C   . GLU A 1 163 ? 7.164   -0.451  -21.417 1.00 30.54 ? 250  GLU A C   1 
ATOM   1265 O O   . GLU A 1 163 ? 6.278   0.344   -21.724 1.00 31.04 ? 250  GLU A O   1 
ATOM   1266 C CB  . GLU A 1 163 ? 9.546   0.138   -21.971 1.00 30.39 ? 250  GLU A CB  1 
ATOM   1267 C CG  . GLU A 1 163 ? 9.096   0.922   -23.187 1.00 32.00 ? 250  GLU A CG  1 
ATOM   1268 C CD  . GLU A 1 163 ? 10.154  0.954   -24.259 1.00 33.21 ? 250  GLU A CD  1 
ATOM   1269 O OE1 . GLU A 1 163 ? 11.230  1.532   -24.004 1.00 34.59 ? 250  GLU A OE1 1 
ATOM   1270 O OE2 . GLU A 1 163 ? 9.916   0.404   -25.350 1.00 35.71 ? 250  GLU A OE2 1 
ATOM   1271 N N   . GLN A 1 164 ? 7.027   -1.768  -21.543 1.00 30.56 ? 251  GLN A N   1 
ATOM   1272 C CA  . GLN A 1 164 ? 5.834   -2.379  -22.148 1.00 31.02 ? 251  GLN A CA  1 
ATOM   1273 C C   . GLN A 1 164 ? 4.558   -2.265  -21.307 1.00 31.09 ? 251  GLN A C   1 
ATOM   1274 O O   . GLN A 1 164 ? 3.454   -2.486  -21.826 1.00 31.22 ? 251  GLN A O   1 
ATOM   1275 C CB  . GLN A 1 164 ? 6.081   -3.851  -22.430 1.00 30.97 ? 251  GLN A CB  1 
ATOM   1276 C CG  . GLN A 1 164 ? 7.023   -4.139  -23.566 1.00 32.21 ? 251  GLN A CG  1 
ATOM   1277 C CD  . GLN A 1 164 ? 7.241   -5.621  -23.717 1.00 34.88 ? 251  GLN A CD  1 
ATOM   1278 O OE1 . GLN A 1 164 ? 7.835   -6.261  -22.850 1.00 37.08 ? 251  GLN A OE1 1 
ATOM   1279 N NE2 . GLN A 1 164 ? 6.744   -6.184  -24.810 1.00 35.63 ? 251  GLN A NE2 1 
ATOM   1280 N N   . PHE A 1 165 ? 4.717   -1.944  -20.025 1.00 31.20 ? 252  PHE A N   1 
ATOM   1281 C CA  . PHE A 1 165 ? 3.594   -1.853  -19.083 1.00 31.93 ? 252  PHE A CA  1 
ATOM   1282 C C   . PHE A 1 165 ? 3.246   -0.414  -18.714 1.00 32.74 ? 252  PHE A C   1 
ATOM   1283 O O   . PHE A 1 165 ? 2.449   -0.165  -17.807 1.00 32.12 ? 252  PHE A O   1 
ATOM   1284 C CB  . PHE A 1 165 ? 3.896   -2.683  -17.824 1.00 31.55 ? 252  PHE A CB  1 
ATOM   1285 C CG  . PHE A 1 165 ? 3.998   -4.147  -18.099 1.00 31.64 ? 252  PHE A CG  1 
ATOM   1286 C CD1 . PHE A 1 165 ? 2.861   -4.954  -18.052 1.00 32.26 ? 252  PHE A CD1 1 
ATOM   1287 C CD2 . PHE A 1 165 ? 5.221   -4.717  -18.457 1.00 31.80 ? 252  PHE A CD2 1 
ATOM   1288 C CE1 . PHE A 1 165 ? 2.944   -6.316  -18.337 1.00 32.59 ? 252  PHE A CE1 1 
ATOM   1289 C CE2 . PHE A 1 165 ? 5.321   -6.072  -18.738 1.00 32.59 ? 252  PHE A CE2 1 
ATOM   1290 C CZ  . PHE A 1 165 ? 4.183   -6.877  -18.677 1.00 33.35 ? 252  PHE A CZ  1 
ATOM   1291 N N   . ILE A 1 166 ? 3.848   0.523   -19.441 1.00 34.00 ? 253  ILE A N   1 
ATOM   1292 C CA  . ILE A 1 166 ? 3.695   1.956   -19.194 1.00 35.60 ? 253  ILE A CA  1 
ATOM   1293 C C   . ILE A 1 166 ? 2.238   2.462   -19.250 1.00 36.12 ? 253  ILE A C   1 
ATOM   1294 O O   . ILE A 1 166 ? 1.870   3.391   -18.533 1.00 36.74 ? 253  ILE A O   1 
ATOM   1295 C CB  . ILE A 1 166 ? 4.652   2.785   -20.116 1.00 35.69 ? 253  ILE A CB  1 
ATOM   1296 C CG1 . ILE A 1 166 ? 5.191   4.019   -19.387 1.00 36.58 ? 253  ILE A CG1 1 
ATOM   1297 C CG2 . ILE A 1 166 ? 4.031   3.092   -21.479 1.00 36.13 ? 253  ILE A CG2 1 
ATOM   1298 C CD1 . ILE A 1 166 ? 6.267   3.706   -18.361 1.00 37.12 ? 253  ILE A CD1 1 
ATOM   1299 N N   . ASP A 1 167 ? 1.411   1.843   -20.083 1.00 36.57 ? 254  ASP A N   1 
ATOM   1300 C CA  . ASP A 1 167 ? -0.003  2.189   -20.113 1.00 36.96 ? 254  ASP A CA  1 
ATOM   1301 C C   . ASP A 1 167 ? -0.853  0.928   -20.004 1.00 36.61 ? 254  ASP A C   1 
ATOM   1302 O O   . ASP A 1 167 ? -1.874  0.776   -20.682 1.00 37.11 ? 254  ASP A O   1 
ATOM   1303 C CB  . ASP A 1 167 ? -0.337  3.024   -21.353 1.00 37.31 ? 254  ASP A CB  1 
ATOM   1304 C CG  . ASP A 1 167 ? -1.076  4.307   -21.004 1.00 38.51 ? 254  ASP A CG  1 
ATOM   1305 O OD1 . ASP A 1 167 ? -0.617  5.033   -20.088 1.00 38.91 ? 254  ASP A OD1 1 
ATOM   1306 O OD2 . ASP A 1 167 ? -2.118  4.592   -21.639 1.00 40.63 ? 254  ASP A OD2 1 
ATOM   1307 N N   . HIS A 1 168 ? -0.403  0.025   -19.138 1.00 36.01 ? 255  HIS A N   1 
ATOM   1308 C CA  . HIS A 1 168 ? -1.091  -1.226  -18.890 1.00 35.64 ? 255  HIS A CA  1 
ATOM   1309 C C   . HIS A 1 168 ? -2.153  -1.028  -17.817 1.00 34.84 ? 255  HIS A C   1 
ATOM   1310 O O   . HIS A 1 168 ? -1.868  -0.536  -16.726 1.00 34.54 ? 255  HIS A O   1 
ATOM   1311 C CB  . HIS A 1 168 ? -0.099  -2.304  -18.462 1.00 35.80 ? 255  HIS A CB  1 
ATOM   1312 C CG  . HIS A 1 168 ? -0.715  -3.656  -18.280 1.00 37.11 ? 255  HIS A CG  1 
ATOM   1313 N ND1 . HIS A 1 168 ? -1.139  -4.427  -19.342 1.00 38.73 ? 255  HIS A ND1 1 
ATOM   1314 C CD2 . HIS A 1 168 ? -0.975  -4.378  -17.164 1.00 38.62 ? 255  HIS A CD2 1 
ATOM   1315 C CE1 . HIS A 1 168 ? -1.639  -5.561  -18.887 1.00 39.47 ? 255  HIS A CE1 1 
ATOM   1316 N NE2 . HIS A 1 168 ? -1.549  -5.559  -17.569 1.00 38.50 ? 255  HIS A NE2 1 
ATOM   1317 N N   . ARG A 1 169 ? -3.386  -1.399  -18.145 1.00 34.61 ? 256  ARG A N   1 
ATOM   1318 C CA  . ARG A 1 169 ? -4.461  -1.392  -17.167 1.00 33.92 ? 256  ARG A CA  1 
ATOM   1319 C C   . ARG A 1 169 ? -4.342  -2.672  -16.339 1.00 33.26 ? 256  ARG A C   1 
ATOM   1320 O O   . ARG A 1 169 ? -4.570  -3.776  -16.840 1.00 32.97 ? 256  ARG A O   1 
ATOM   1321 C CB  . ARG A 1 169 ? -5.837  -1.262  -17.856 1.00 34.45 ? 256  ARG A CB  1 
ATOM   1322 C CG  . ARG A 1 169 ? -7.056  -1.270  -16.913 1.00 35.73 ? 256  ARG A CG  1 
ATOM   1323 C CD  . ARG A 1 169 ? -7.004  -0.204  -15.795 1.00 40.48 ? 256  ARG A CD  1 
ATOM   1324 N NE  . ARG A 1 169 ? -6.880  1.171   -16.287 1.00 43.67 ? 256  ARG A NE  1 
ATOM   1325 C CZ  . ARG A 1 169 ? -7.869  2.067   -16.318 1.00 45.78 ? 256  ARG A CZ  1 
ATOM   1326 N NH1 . ARG A 1 169 ? -9.088  1.757   -15.884 1.00 45.63 ? 256  ARG A NH1 1 
ATOM   1327 N NH2 . ARG A 1 169 ? -7.638  3.287   -16.794 1.00 46.85 ? 256  ARG A NH2 1 
ATOM   1328 N N   . PHE A 1 170 ? -3.933  -2.519  -15.079 1.00 32.55 ? 257  PHE A N   1 
ATOM   1329 C CA  . PHE A 1 170 ? -3.827  -3.654  -14.181 1.00 31.87 ? 257  PHE A CA  1 
ATOM   1330 C C   . PHE A 1 170 ? -5.194  -4.121  -13.671 1.00 31.72 ? 257  PHE A C   1 
ATOM   1331 O O   . PHE A 1 170 ? -5.459  -5.320  -13.594 1.00 31.44 ? 257  PHE A O   1 
ATOM   1332 C CB  . PHE A 1 170 ? -2.838  -3.341  -13.060 1.00 32.27 ? 257  PHE A CB  1 
ATOM   1333 C CG  . PHE A 1 170 ? -1.413  -3.265  -13.550 1.00 32.13 ? 257  PHE A CG  1 
ATOM   1334 C CD1 . PHE A 1 170 ? -0.594  -4.385  -13.498 1.00 32.23 ? 257  PHE A CD1 1 
ATOM   1335 C CD2 . PHE A 1 170 ? -0.915  -2.092  -14.120 1.00 31.95 ? 257  PHE A CD2 1 
ATOM   1336 C CE1 . PHE A 1 170 ? 0.716   -4.333  -13.961 1.00 30.59 ? 257  PHE A CE1 1 
ATOM   1337 C CE2 . PHE A 1 170 ? 0.393   -2.024  -14.593 1.00 32.25 ? 257  PHE A CE2 1 
ATOM   1338 C CZ  . PHE A 1 170 ? 1.208   -3.147  -14.527 1.00 31.36 ? 257  PHE A CZ  1 
ATOM   1339 N N   . GLY A 1 171 ? -6.065  -3.171  -13.351 1.00 31.49 ? 258  GLY A N   1 
ATOM   1340 C CA  . GLY A 1 171 ? -7.427  -3.501  -12.942 1.00 30.95 ? 258  GLY A CA  1 
ATOM   1341 C C   . GLY A 1 171 ? -7.928  -2.532  -11.892 1.00 30.56 ? 258  GLY A C   1 
ATOM   1342 O O   . GLY A 1 171 ? -7.251  -1.539  -11.579 1.00 30.17 ? 258  GLY A O   1 
ATOM   1343 N N   . GLU A 1 172 ? -9.112  -2.823  -11.345 1.00 30.28 ? 259  GLU A N   1 
ATOM   1344 C CA  . GLU A 1 172 ? -9.768  -1.938  -10.395 1.00 30.21 ? 259  GLU A CA  1 
ATOM   1345 C C   . GLU A 1 172 ? -10.035 -2.654  -9.078  1.00 29.93 ? 259  GLU A C   1 
ATOM   1346 O O   . GLU A 1 172 ? -10.505 -3.793  -9.063  1.00 30.47 ? 259  GLU A O   1 
ATOM   1347 C CB  . GLU A 1 172 ? -11.081 -1.373  -10.969 1.00 31.44 ? 259  GLU A CB  1 
ATOM   1348 C CG  . GLU A 1 172 ? -10.941 -0.586  -12.283 1.00 33.95 ? 259  GLU A CG  1 
ATOM   1349 C CD  . GLU A 1 172 ? -10.826 -1.477  -13.527 1.00 38.46 ? 259  GLU A CD  1 
ATOM   1350 O OE1 . GLU A 1 172 ? -11.714 -2.332  -13.743 1.00 41.22 ? 259  GLU A OE1 1 
ATOM   1351 O OE2 . GLU A 1 172 ? -9.855  -1.316  -14.306 1.00 40.34 ? 259  GLU A OE2 1 
ATOM   1352 N N   . GLU A 1 173 ? -9.732  -1.971  -7.979  1.00 29.06 ? 260  GLU A N   1 
ATOM   1353 C CA  . GLU A 1 173 ? -9.996  -2.459  -6.642  1.00 29.29 ? 260  GLU A CA  1 
ATOM   1354 C C   . GLU A 1 173 ? -11.122 -1.619  -6.035  1.00 29.36 ? 260  GLU A C   1 
ATOM   1355 O O   . GLU A 1 173 ? -11.035 -0.385  -6.022  1.00 30.23 ? 260  GLU A O   1 
ATOM   1356 C CB  . GLU A 1 173 ? -8.729  -2.339  -5.779  1.00 28.27 ? 260  GLU A CB  1 
ATOM   1357 C CG  . GLU A 1 173 ? -8.800  -2.998  -4.404  1.00 28.55 ? 260  GLU A CG  1 
ATOM   1358 C CD  . GLU A 1 173 ? -8.825  -4.512  -4.454  1.00 27.40 ? 260  GLU A CD  1 
ATOM   1359 O OE1 . GLU A 1 173 ? -8.305  -5.111  -5.422  1.00 29.63 ? 260  GLU A OE1 1 
ATOM   1360 O OE2 . GLU A 1 173 ? -9.375  -5.122  -3.517  1.00 30.09 ? 260  GLU A OE2 1 
ATOM   1361 N N   . ILE A 1 174 ? -12.174 -2.285  -5.554  1.00 29.53 ? 261  ILE A N   1 
ATOM   1362 C CA  . ILE A 1 174 ? -13.245 -1.627  -4.808  1.00 29.46 ? 261  ILE A CA  1 
ATOM   1363 C C   . ILE A 1 174 ? -12.882 -1.650  -3.334  1.00 29.66 ? 261  ILE A C   1 
ATOM   1364 O O   . ILE A 1 174 ? -12.559 -2.715  -2.798  1.00 29.99 ? 261  ILE A O   1 
ATOM   1365 C CB  . ILE A 1 174 ? -14.620 -2.345  -5.007  1.00 29.55 ? 261  ILE A CB  1 
ATOM   1366 C CG1 . ILE A 1 174 ? -14.969 -2.404  -6.496  1.00 30.09 ? 261  ILE A CG1 1 
ATOM   1367 C CG2 . ILE A 1 174 ? -15.718 -1.635  -4.198  1.00 29.15 ? 261  ILE A CG2 1 
ATOM   1368 C CD1 . ILE A 1 174 ? -16.142 -3.319  -6.819  1.00 34.96 ? 261  ILE A CD1 1 
ATOM   1369 N N   . LEU A 1 175 ? -12.910 -0.489  -2.684  1.00 29.71 ? 262  LEU A N   1 
ATOM   1370 C CA  . LEU A 1 175 ? -12.648 -0.417  -1.246  1.00 29.95 ? 262  LEU A CA  1 
ATOM   1371 C C   . LEU A 1 175 ? -13.683 -1.237  -0.458  1.00 30.37 ? 262  LEU A C   1 
ATOM   1372 O O   . LEU A 1 175 ? -14.878 -1.078  -0.646  1.00 29.71 ? 262  LEU A O   1 
ATOM   1373 C CB  . LEU A 1 175 ? -12.652 1.028   -0.758  1.00 29.87 ? 262  LEU A CB  1 
ATOM   1374 C CG  . LEU A 1 175 ? -12.434 1.188   0.744   1.00 30.33 ? 262  LEU A CG  1 
ATOM   1375 C CD1 . LEU A 1 175 ? -10.959 0.931   1.093   1.00 31.03 ? 262  LEU A CD1 1 
ATOM   1376 C CD2 . LEU A 1 175 ? -12.855 2.569   1.210   1.00 30.89 ? 262  LEU A CD2 1 
ATOM   1377 N N   . TYR A 1 176 ? -13.195 -2.105  0.424   1.00 30.57 ? 263  TYR A N   1 
ATOM   1378 C CA  . TYR A 1 176 ? -14.052 -2.949  1.252   1.00 30.95 ? 263  TYR A CA  1 
ATOM   1379 C C   . TYR A 1 176 ? -13.339 -3.171  2.577   1.00 30.85 ? 263  TYR A C   1 
ATOM   1380 O O   . TYR A 1 176 ? -13.706 -2.587  3.586   1.00 32.19 ? 263  TYR A O   1 
ATOM   1381 C CB  . TYR A 1 176 ? -14.384 -4.259  0.536   1.00 31.03 ? 263  TYR A CB  1 
ATOM   1382 C CG  . TYR A 1 176 ? -15.272 -5.209  1.323   1.00 31.79 ? 263  TYR A CG  1 
ATOM   1383 C CD1 . TYR A 1 176 ? -16.573 -4.856  1.665   1.00 32.90 ? 263  TYR A CD1 1 
ATOM   1384 C CD2 . TYR A 1 176 ? -14.808 -6.473  1.713   1.00 32.09 ? 263  TYR A CD2 1 
ATOM   1385 C CE1 . TYR A 1 176 ? -17.395 -5.735  2.385   1.00 33.46 ? 263  TYR A CE1 1 
ATOM   1386 C CE2 . TYR A 1 176 ? -15.617 -7.356  2.436   1.00 32.21 ? 263  TYR A CE2 1 
ATOM   1387 C CZ  . TYR A 1 176 ? -16.905 -6.982  2.763   1.00 33.13 ? 263  TYR A CZ  1 
ATOM   1388 O OH  . TYR A 1 176 ? -17.708 -7.839  3.486   1.00 34.23 ? 263  TYR A OH  1 
ATOM   1389 N N   . GLN A 1 177 ? -12.281 -3.968  2.566   1.00 30.40 ? 264  GLN A N   1 
ATOM   1390 C CA  . GLN A 1 177 ? -11.536 -4.216  3.786   1.00 29.47 ? 264  GLN A CA  1 
ATOM   1391 C C   . GLN A 1 177 ? -10.486 -3.134  4.028   1.00 29.06 ? 264  GLN A C   1 
ATOM   1392 O O   . GLN A 1 177 ? -9.867  -2.638  3.084   1.00 28.48 ? 264  GLN A O   1 
ATOM   1393 C CB  . GLN A 1 177 ? -10.860 -5.577  3.702   1.00 29.85 ? 264  GLN A CB  1 
ATOM   1394 C CG  . GLN A 1 177 ? -10.594 -6.218  5.042   1.00 30.33 ? 264  GLN A CG  1 
ATOM   1395 C CD  . GLN A 1 177 ? -10.235 -7.669  4.896   1.00 31.85 ? 264  GLN A CD  1 
ATOM   1396 O OE1 . GLN A 1 177 ? -11.043 -8.477  4.426   1.00 32.16 ? 264  GLN A OE1 1 
ATOM   1397 N NE2 . GLN A 1 177 ? -9.018  -8.019  5.293   1.00 32.80 ? 264  GLN A NE2 1 
ATOM   1398 N N   . ILE A 1 178 ? -10.305 -2.782  5.304   1.00 28.50 ? 265  ILE A N   1 
ATOM   1399 C CA  . ILE A 1 178 ? -9.155  -1.981  5.748   1.00 27.79 ? 265  ILE A CA  1 
ATOM   1400 C C   . ILE A 1 178 ? -8.489  -2.745  6.903   1.00 27.90 ? 265  ILE A C   1 
ATOM   1401 O O   . ILE A 1 178 ? -9.149  -3.093  7.895   1.00 28.04 ? 265  ILE A O   1 
ATOM   1402 C CB  . ILE A 1 178 ? -9.518  -0.524  6.150   1.00 27.38 ? 265  ILE A CB  1 
ATOM   1403 C CG1 . ILE A 1 178 ? -10.133 0.247   4.963   1.00 27.90 ? 265  ILE A CG1 1 
ATOM   1404 C CG2 . ILE A 1 178 ? -8.275  0.230   6.668   1.00 27.04 ? 265  ILE A CG2 1 
ATOM   1405 C CD1 . ILE A 1 178 ? -10.797 1.563   5.356   1.00 27.81 ? 265  ILE A CD1 1 
ATOM   1406 N N   . ASP A 1 179 ? -7.191  -3.015  6.761   1.00 27.21 ? 266  ASP A N   1 
ATOM   1407 C CA  . ASP A 1 179 ? -6.438  -3.818  7.743   1.00 27.09 ? 266  ASP A CA  1 
ATOM   1408 C C   . ASP A 1 179 ? -5.520  -2.919  8.576   1.00 27.09 ? 266  ASP A C   1 
ATOM   1409 O O   . ASP A 1 179 ? -5.004  -1.947  8.055   1.00 27.71 ? 266  ASP A O   1 
ATOM   1410 C CB  . ASP A 1 179 ? -5.562  -4.859  7.026   1.00 27.56 ? 266  ASP A CB  1 
ATOM   1411 C CG  . ASP A 1 179 ? -6.367  -5.842  6.194   1.00 28.23 ? 266  ASP A CG  1 
ATOM   1412 O OD1 . ASP A 1 179 ? -7.468  -6.247  6.621   1.00 29.55 ? 266  ASP A OD1 1 
ATOM   1413 O OD2 . ASP A 1 179 ? -5.903  -6.202  5.092   1.00 27.45 ? 266  ASP A OD2 1 
ATOM   1414 N N   . LEU A 1 180 ? -5.338  -3.236  9.859   1.00 26.39 ? 267  LEU A N   1 
ATOM   1415 C CA  . LEU A 1 180 ? -4.291  -2.584  10.667  1.00 26.29 ? 267  LEU A CA  1 
ATOM   1416 C C   . LEU A 1 180 ? -3.127  -3.571  10.674  1.00 26.12 ? 267  LEU A C   1 
ATOM   1417 O O   . LEU A 1 180 ? -3.225  -4.667  11.270  1.00 26.69 ? 267  LEU A O   1 
ATOM   1418 C CB  . LEU A 1 180 ? -4.764  -2.244  12.097  1.00 25.59 ? 267  LEU A CB  1 
ATOM   1419 C CG  . LEU A 1 180 ? -3.713  -1.757  13.116  1.00 25.67 ? 267  LEU A CG  1 
ATOM   1420 C CD1 . LEU A 1 180 ? -3.050  -0.436  12.689  1.00 27.75 ? 267  LEU A CD1 1 
ATOM   1421 C CD2 . LEU A 1 180 ? -4.309  -1.612  14.515  1.00 24.46 ? 267  LEU A CD2 1 
ATOM   1422 N N   . CYS A 1 181 ? -2.045  -3.172  10.005  1.00 26.77 ? 268  CYS A N   1 
ATOM   1423 C CA  . CYS A 1 181 ? -0.917  -4.050  9.720   1.00 27.24 ? 268  CYS A CA  1 
ATOM   1424 C C   . CYS A 1 181 ? 0.371   -3.650  10.438  1.00 27.12 ? 268  CYS A C   1 
ATOM   1425 O O   . CYS A 1 181 ? 0.688   -2.462  10.531  1.00 26.31 ? 268  CYS A O   1 
ATOM   1426 C CB  . CYS A 1 181 ? -0.643  -4.063  8.217   1.00 27.78 ? 268  CYS A CB  1 
ATOM   1427 S SG  . CYS A 1 181 ? -1.893  -4.893  7.196   1.00 29.67 ? 268  CYS A SG  1 
ATOM   1428 N N   . SER A 1 182 ? 1.117   -4.663  10.892  1.00 26.75 ? 269  SER A N   1 
ATOM   1429 C CA  . SER A 1 182 ? 2.447   -4.471  11.440  1.00 27.28 ? 269  SER A CA  1 
ATOM   1430 C C   . SER A 1 182 ? 3.503   -4.447  10.332  1.00 27.67 ? 269  SER A C   1 
ATOM   1431 O O   . SER A 1 182 ? 3.550   -5.342  9.492   1.00 27.28 ? 269  SER A O   1 
ATOM   1432 C CB  . SER A 1 182 ? 2.753   -5.563  12.472  1.00 27.60 ? 269  SER A CB  1 
ATOM   1433 O OG  . SER A 1 182 ? 4.125   -5.561  12.803  1.00 27.36 ? 269  SER A OG  1 
ATOM   1434 N N   . MET A 1 183 ? 4.349   -3.421  10.320  1.00 28.58 ? 270  MET A N   1 
ATOM   1435 C CA  . MET A 1 183 ? 5.451   -3.358  9.335   1.00 30.21 ? 270  MET A CA  1 
ATOM   1436 C C   . MET A 1 183 ? 6.578   -4.348  9.663   1.00 31.26 ? 270  MET A C   1 
ATOM   1437 O O   . MET A 1 183 ? 7.254   -4.853  8.758   1.00 31.93 ? 270  MET A O   1 
ATOM   1438 C CB  . MET A 1 183 ? 6.041   -1.949  9.256   1.00 30.02 ? 270  MET A CB  1 
ATOM   1439 C CG  . MET A 1 183 ? 5.060   -0.862  8.759   1.00 31.23 ? 270  MET A CG  1 
ATOM   1440 S SD  . MET A 1 183 ? 5.866   0.756   8.745   1.00 33.67 ? 270  MET A SD  1 
ATOM   1441 C CE  . MET A 1 183 ? 4.574   1.856   8.163   1.00 36.66 ? 270  MET A CE  1 
ATOM   1442 N N   . LEU A 1 184 ? 6.769   -4.630  10.946  1.00 32.33 ? 271  LEU A N   1 
ATOM   1443 C CA  . LEU A 1 184 ? 7.988   -5.319  11.393  1.00 34.13 ? 271  LEU A CA  1 
ATOM   1444 C C   . LEU A 1 184 ? 7.812   -6.773  11.803  1.00 34.85 ? 271  LEU A C   1 
ATOM   1445 O O   . LEU A 1 184 ? 8.797   -7.526  11.859  1.00 35.33 ? 271  LEU A O   1 
ATOM   1446 C CB  . LEU A 1 184 ? 8.653   -4.547  12.532  1.00 34.74 ? 271  LEU A CB  1 
ATOM   1447 C CG  . LEU A 1 184 ? 9.362   -3.249  12.162  1.00 36.10 ? 271  LEU A CG  1 
ATOM   1448 C CD1 . LEU A 1 184 ? 9.581   -2.463  13.420  1.00 37.76 ? 271  LEU A CD1 1 
ATOM   1449 C CD2 . LEU A 1 184 ? 10.694  -3.539  11.446  1.00 38.05 ? 271  LEU A CD2 1 
ATOM   1450 N N   . LYS A 1 185 ? 6.579   -7.164  12.117  1.00 35.35 ? 272  LYS A N   1 
ATOM   1451 C CA  . LYS A 1 185 ? 6.312   -8.545  12.493  1.00 35.96 ? 272  LYS A CA  1 
ATOM   1452 C C   . LYS A 1 185 ? 6.409   -9.458  11.283  1.00 36.85 ? 272  LYS A C   1 
ATOM   1453 O O   . LYS A 1 185 ? 6.427   -8.997  10.124  1.00 36.40 ? 272  LYS A O   1 
ATOM   1454 C CB  . LYS A 1 185 ? 4.951   -8.706  13.166  1.00 35.79 ? 272  LYS A CB  1 
ATOM   1455 C CG  . LYS A 1 185 ? 4.877   -8.182  14.585  1.00 35.64 ? 272  LYS A CG  1 
ATOM   1456 C CD  . LYS A 1 185 ? 3.467   -8.317  15.119  1.00 35.28 ? 272  LYS A CD  1 
ATOM   1457 C CE  . LYS A 1 185 ? 3.399   -7.914  16.562  1.00 35.84 ? 272  LYS A CE  1 
ATOM   1458 N NZ  . LYS A 1 185 ? 2.019   -8.028  17.129  1.00 36.84 ? 272  LYS A NZ  1 
ATOM   1459 N N   . LYS A 1 186 ? 6.480   -10.755 11.574  1.00 37.84 ? 273  LYS A N   1 
ATOM   1460 C CA  . LYS A 1 186 ? 6.579   -11.797 10.564  1.00 38.70 ? 273  LYS A CA  1 
ATOM   1461 C C   . LYS A 1 186 ? 5.343   -11.792 9.677   1.00 38.68 ? 273  LYS A C   1 
ATOM   1462 O O   . LYS A 1 186 ? 4.221   -11.700 10.170  1.00 39.21 ? 273  LYS A O   1 
ATOM   1463 C CB  . LYS A 1 186 ? 6.713   -13.152 11.255  1.00 38.78 ? 273  LYS A CB  1 
ATOM   1464 C CG  . LYS A 1 186 ? 6.974   -14.313 10.316  1.00 40.22 ? 273  LYS A CG  1 
ATOM   1465 C CD  . LYS A 1 186 ? 7.653   -15.461 11.051  1.00 41.16 ? 273  LYS A CD  1 
ATOM   1466 C CE  . LYS A 1 186 ? 9.083   -15.101 11.463  1.00 41.83 ? 273  LYS A CE  1 
ATOM   1467 N NZ  . LYS A 1 186 ? 9.647   -16.110 12.389  1.00 41.91 ? 273  LYS A NZ  1 
ATOM   1468 N N   . LYS A 1 187 ? 5.555   -11.909 8.371   1.00 38.88 ? 274  LYS A N   1 
ATOM   1469 C CA  . LYS A 1 187 ? 4.445   -11.908 7.425   1.00 38.99 ? 274  LYS A CA  1 
ATOM   1470 C C   . LYS A 1 187 ? 3.605   -13.179 7.544   1.00 38.50 ? 274  LYS A C   1 
ATOM   1471 O O   . LYS A 1 187 ? 4.085   -14.201 8.046   1.00 38.34 ? 274  LYS A O   1 
ATOM   1472 C CB  . LYS A 1 187 ? 4.962   -11.667 6.002   1.00 39.19 ? 274  LYS A CB  1 
ATOM   1473 C CG  . LYS A 1 187 ? 5.350   -10.207 5.775   1.00 41.42 ? 274  LYS A CG  1 
ATOM   1474 C CD  . LYS A 1 187 ? 5.512   -9.870  4.314   1.00 45.07 ? 274  LYS A CD  1 
ATOM   1475 C CE  . LYS A 1 187 ? 5.646   -8.371  4.104   1.00 45.80 ? 274  LYS A CE  1 
ATOM   1476 N NZ  . LYS A 1 187 ? 7.063   -7.933  4.221   1.00 48.09 ? 274  LYS A NZ  1 
ATOM   1477 N N   . GLN A 1 188 ? 2.344   -13.101 7.119   1.00 38.22 ? 275  GLN A N   1 
ATOM   1478 C CA  . GLN A 1 188 ? 1.447   -14.258 7.106   1.00 37.78 ? 275  GLN A CA  1 
ATOM   1479 C C   . GLN A 1 188 ? 1.938   -15.321 6.124   1.00 37.73 ? 275  GLN A C   1 
ATOM   1480 O O   . GLN A 1 188 ? 2.788   -15.046 5.270   1.00 37.08 ? 275  GLN A O   1 
ATOM   1481 C CB  . GLN A 1 188 ? 0.007   -13.843 6.769   1.00 38.31 ? 275  GLN A CB  1 
ATOM   1482 C CG  . GLN A 1 188 ? -0.667  -13.012 7.860   1.00 38.67 ? 275  GLN A CG  1 
ATOM   1483 C CD  . GLN A 1 188 ? -2.003  -12.403 7.449   1.00 40.87 ? 275  GLN A CD  1 
ATOM   1484 O OE1 . GLN A 1 188 ? -2.560  -12.706 6.390   1.00 42.37 ? 275  GLN A OE1 1 
ATOM   1485 N NE2 . GLN A 1 188 ? -2.518  -11.529 8.297   1.00 41.41 ? 275  GLN A NE2 1 
ATOM   1486 N N   . SER A 1 189 ? 1.392   -16.528 6.262   1.00 37.09 ? 276  SER A N   1 
ATOM   1487 C CA  . SER A 1 189 ? 1.690   -17.643 5.369   1.00 37.56 ? 276  SER A CA  1 
ATOM   1488 C C   . SER A 1 189 ? 1.467   -17.288 3.901   1.00 37.05 ? 276  SER A C   1 
ATOM   1489 O O   . SER A 1 189 ? 2.275   -17.658 3.049   1.00 37.50 ? 276  SER A O   1 
ATOM   1490 C CB  . SER A 1 189 ? 0.851   -18.869 5.749   1.00 37.42 ? 276  SER A CB  1 
ATOM   1491 O OG  . SER A 1 189 ? 1.057   -19.927 4.826   1.00 39.37 ? 276  SER A OG  1 
ATOM   1492 N N   . ASN A 1 190 ? 0.385   -16.559 3.620   1.00 36.61 ? 277  ASN A N   1 
ATOM   1493 C CA  . ASN A 1 190 ? 0.049   -16.138 2.252   1.00 36.06 ? 277  ASN A CA  1 
ATOM   1494 C C   . ASN A 1 190 ? 0.836   -14.925 1.715   1.00 35.00 ? 277  ASN A C   1 
ATOM   1495 O O   . ASN A 1 190 ? 0.532   -14.423 0.636   1.00 35.21 ? 277  ASN A O   1 
ATOM   1496 C CB  . ASN A 1 190 ? -1.473  -15.918 2.105   1.00 36.16 ? 277  ASN A CB  1 
ATOM   1497 C CG  . ASN A 1 190 ? -1.992  -14.699 2.876   1.00 37.27 ? 277  ASN A CG  1 
ATOM   1498 O OD1 . ASN A 1 190 ? -1.266  -14.054 3.636   1.00 37.48 ? 277  ASN A OD1 1 
ATOM   1499 N ND2 . ASN A 1 190 ? -3.270  -14.384 2.674   1.00 38.93 ? 277  ASN A ND2 1 
ATOM   1500 N N   . GLY A 1 191 ? 1.837   -14.463 2.467   1.00 34.09 ? 278  GLY A N   1 
ATOM   1501 C CA  . GLY A 1 191 ? 2.673   -13.330 2.052   1.00 32.39 ? 278  GLY A CA  1 
ATOM   1502 C C   . GLY A 1 191 ? 2.243   -11.944 2.512   1.00 31.70 ? 278  GLY A C   1 
ATOM   1503 O O   . GLY A 1 191 ? 2.983   -10.972 2.362   1.00 30.52 ? 278  GLY A O   1 
ATOM   1504 N N   . TYR A 1 192 ? 1.049   -11.847 3.084   1.00 30.95 ? 279  TYR A N   1 
ATOM   1505 C CA  . TYR A 1 192 ? 0.520   -10.551 3.478   1.00 30.85 ? 279  TYR A CA  1 
ATOM   1506 C C   . TYR A 1 192 ? 1.132   -10.121 4.806   1.00 30.52 ? 279  TYR A C   1 
ATOM   1507 O O   . TYR A 1 192 ? 1.673   -10.951 5.548   1.00 30.39 ? 279  TYR A O   1 
ATOM   1508 C CB  . TYR A 1 192 ? -0.999  -10.614 3.570   1.00 31.04 ? 279  TYR A CB  1 
ATOM   1509 C CG  . TYR A 1 192 ? -1.678  -9.264  3.665   1.00 30.01 ? 279  TYR A CG  1 
ATOM   1510 C CD1 . TYR A 1 192 ? -1.538  -8.305  2.655   1.00 29.51 ? 279  TYR A CD1 1 
ATOM   1511 C CD2 . TYR A 1 192 ? -2.493  -8.964  4.762   1.00 32.05 ? 279  TYR A CD2 1 
ATOM   1512 C CE1 . TYR A 1 192 ? -2.170  -7.067  2.745   1.00 28.55 ? 279  TYR A CE1 1 
ATOM   1513 C CE2 . TYR A 1 192 ? -3.126  -7.761  4.856   1.00 29.54 ? 279  TYR A CE2 1 
ATOM   1514 C CZ  . TYR A 1 192 ? -2.966  -6.809  3.852   1.00 29.96 ? 279  TYR A CZ  1 
ATOM   1515 O OH  . TYR A 1 192 ? -3.617  -5.620  3.973   1.00 30.62 ? 279  TYR A OH  1 
ATOM   1516 N N   . TYR A 1 193 ? 1.057   -8.825  5.098   1.00 29.99 ? 280  TYR A N   1 
ATOM   1517 C CA  . TYR A 1 193 ? 1.503   -8.314  6.395   1.00 30.22 ? 280  TYR A CA  1 
ATOM   1518 C C   . TYR A 1 193 ? 0.737   -8.938  7.550   1.00 30.34 ? 280  TYR A C   1 
ATOM   1519 O O   . TYR A 1 193 ? -0.413  -9.381  7.385   1.00 30.43 ? 280  TYR A O   1 
ATOM   1520 C CB  . TYR A 1 193 ? 1.384   -6.787  6.433   1.00 30.01 ? 280  TYR A CB  1 
ATOM   1521 C CG  . TYR A 1 193 ? 2.357   -6.100  5.511   1.00 31.50 ? 280  TYR A CG  1 
ATOM   1522 C CD1 . TYR A 1 193 ? 3.556   -5.587  6.003   1.00 32.92 ? 280  TYR A CD1 1 
ATOM   1523 C CD2 . TYR A 1 193 ? 2.100   -5.983  4.140   1.00 30.93 ? 280  TYR A CD2 1 
ATOM   1524 C CE1 . TYR A 1 193 ? 4.482   -4.981  5.169   1.00 32.01 ? 280  TYR A CE1 1 
ATOM   1525 C CE2 . TYR A 1 193 ? 3.027   -5.376  3.290   1.00 32.02 ? 280  TYR A CE2 1 
ATOM   1526 C CZ  . TYR A 1 193 ? 4.210   -4.870  3.822   1.00 32.89 ? 280  TYR A CZ  1 
ATOM   1527 O OH  . TYR A 1 193 ? 5.119   -4.246  3.014   1.00 34.43 ? 280  TYR A OH  1 
ATOM   1528 N N   . HIS A 1 194 ? 1.386   -8.992  8.711   1.00 29.97 ? 281  HIS A N   1 
ATOM   1529 C CA  . HIS A 1 194 ? 0.741   -9.365  9.951   1.00 30.85 ? 281  HIS A CA  1 
ATOM   1530 C C   . HIS A 1 194 ? -0.364  -8.354  10.218  1.00 30.31 ? 281  HIS A C   1 
ATOM   1531 O O   . HIS A 1 194 ? -0.126  -7.145  10.177  1.00 30.02 ? 281  HIS A O   1 
ATOM   1532 C CB  . HIS A 1 194 ? 1.747   -9.369  11.106  1.00 30.91 ? 281  HIS A CB  1 
ATOM   1533 C CG  . HIS A 1 194 ? 1.164   -9.802  12.415  1.00 33.49 ? 281  HIS A CG  1 
ATOM   1534 N ND1 . HIS A 1 194 ? 0.500   -8.938  13.259  1.00 35.11 ? 281  HIS A ND1 1 
ATOM   1535 C CD2 . HIS A 1 194 ? 1.153   -11.008 13.028  1.00 35.06 ? 281  HIS A CD2 1 
ATOM   1536 C CE1 . HIS A 1 194 ? 0.096   -9.596  14.331  1.00 34.97 ? 281  HIS A CE1 1 
ATOM   1537 N NE2 . HIS A 1 194 ? 0.476   -10.854 14.213  1.00 35.92 ? 281  HIS A NE2 1 
ATOM   1538 N N   . CYS A 1 195 ? -1.559  -8.874  10.487  1.00 30.82 ? 282  CYS A N   1 
ATOM   1539 C CA  A CYS A 1 195 ? -2.745  -8.063  10.692  0.50 31.11 ? 282  CYS A CA  1 
ATOM   1540 C CA  B CYS A 1 195 ? -2.756  -8.051  10.718  0.50 30.65 ? 282  CYS A CA  1 
ATOM   1541 C C   . CYS A 1 195 ? -3.221  -8.133  12.149  1.00 31.02 ? 282  CYS A C   1 
ATOM   1542 O O   . CYS A 1 195 ? -3.527  -9.215  12.651  1.00 29.88 ? 282  CYS A O   1 
ATOM   1543 C CB  A CYS A 1 195 ? -3.828  -8.579  9.748   0.50 31.37 ? 282  CYS A CB  1 
ATOM   1544 C CB  B CYS A 1 195 ? -3.919  -8.511  9.842   0.50 30.79 ? 282  CYS A CB  1 
ATOM   1545 S SG  A CYS A 1 195 ? -5.165  -7.473  9.468   0.50 33.21 ? 282  CYS A SG  1 
ATOM   1546 S SG  B CYS A 1 195 ? -3.738  -8.148  8.133   0.50 30.00 ? 282  CYS A SG  1 
ATOM   1547 N N   . GLU A 1 196 ? -3.283  -6.978  12.813  1.00 31.43 ? 283  GLU A N   1 
ATOM   1548 C CA  . GLU A 1 196 ? -3.770  -6.912  14.193  1.00 32.90 ? 283  GLU A CA  1 
ATOM   1549 C C   . GLU A 1 196 ? -5.285  -7.008  14.224  1.00 32.99 ? 283  GLU A C   1 
ATOM   1550 O O   . GLU A 1 196 ? -5.859  -7.666  15.084  1.00 33.37 ? 283  GLU A O   1 
ATOM   1551 C CB  . GLU A 1 196 ? -3.315  -5.620  14.884  1.00 32.71 ? 283  GLU A CB  1 
ATOM   1552 C CG  . GLU A 1 196 ? -1.805  -5.459  14.984  1.00 35.20 ? 283  GLU A CG  1 
ATOM   1553 C CD  . GLU A 1 196 ? -1.128  -6.556  15.803  1.00 35.20 ? 283  GLU A CD  1 
ATOM   1554 O OE1 . GLU A 1 196 ? -1.806  -7.221  16.619  1.00 35.17 ? 283  GLU A OE1 1 
ATOM   1555 O OE2 . GLU A 1 196 ? 0.096   -6.736  15.630  1.00 37.74 ? 283  GLU A OE2 1 
ATOM   1556 N N   . SER A 1 197 ? -5.915  -6.334  13.266  1.00 33.40 ? 284  SER A N   1 
ATOM   1557 C CA  . SER A 1 197 ? -7.363  -6.293  13.144  1.00 33.35 ? 284  SER A CA  1 
ATOM   1558 C C   . SER A 1 197 ? -7.738  -5.786  11.765  1.00 33.64 ? 284  SER A C   1 
ATOM   1559 O O   . SER A 1 197 ? -6.888  -5.267  11.032  1.00 33.03 ? 284  SER A O   1 
ATOM   1560 C CB  . SER A 1 197 ? -7.973  -5.378  14.211  1.00 33.31 ? 284  SER A CB  1 
ATOM   1561 O OG  . SER A 1 197 ? -7.397  -4.087  14.178  1.00 33.36 ? 284  SER A OG  1 
ATOM   1562 N N   . SER A 1 198 ? -9.017  -5.938  11.421  1.00 33.58 ? 285  SER A N   1 
ATOM   1563 C CA  . SER A 1 198 ? -9.550  -5.441  10.158  1.00 33.54 ? 285  SER A CA  1 
ATOM   1564 C C   . SER A 1 198 ? -10.986 -4.994  10.339  1.00 33.06 ? 285  SER A C   1 
ATOM   1565 O O   . SER A 1 198 ? -11.722 -5.487  11.214  1.00 32.71 ? 285  SER A O   1 
ATOM   1566 C CB  . SER A 1 198 ? -9.513  -6.517  9.064   1.00 33.56 ? 285  SER A CB  1 
ATOM   1567 O OG  . SER A 1 198 ? -8.275  -7.206  9.038   1.00 36.63 ? 285  SER A OG  1 
ATOM   1568 N N   . ILE A 1 199 ? -11.381 -4.054  9.503   1.00 32.74 ? 286  ILE A N   1 
ATOM   1569 C CA  . ILE A 1 199 ? -12.779 -3.701  9.386   1.00 32.58 ? 286  ILE A CA  1 
ATOM   1570 C C   . ILE A 1 199 ? -13.163 -3.877  7.931   1.00 32.82 ? 286  ILE A C   1 
ATOM   1571 O O   . ILE A 1 199 ? -12.308 -4.024  7.044   1.00 32.59 ? 286  ILE A O   1 
ATOM   1572 C CB  . ILE A 1 199 ? -13.082 -2.248  9.842   1.00 32.21 ? 286  ILE A CB  1 
ATOM   1573 C CG1 . ILE A 1 199 ? -12.231 -1.237  9.050   1.00 32.19 ? 286  ILE A CG1 1 
ATOM   1574 C CG2 . ILE A 1 199 ? -12.904 -2.120  11.355  1.00 31.98 ? 286  ILE A CG2 1 
ATOM   1575 C CD1 . ILE A 1 199 ? -12.731 0.201   9.105   1.00 31.79 ? 286  ILE A CD1 1 
ATOM   1576 N N   . VAL A 1 200 ? -14.458 -3.871  7.699   1.00 32.86 ? 287  VAL A N   1 
ATOM   1577 C CA  . VAL A 1 200 ? -14.984 -3.918  6.368   1.00 33.54 ? 287  VAL A CA  1 
ATOM   1578 C C   . VAL A 1 200 ? -15.920 -2.711  6.249   1.00 34.16 ? 287  VAL A C   1 
ATOM   1579 O O   . VAL A 1 200 ? -16.645 -2.377  7.191   1.00 34.66 ? 287  VAL A O   1 
ATOM   1580 C CB  . VAL A 1 200 ? -15.700 -5.242  6.120   1.00 34.14 ? 287  VAL A CB  1 
ATOM   1581 C CG1 . VAL A 1 200 ? -16.637 -5.106  4.988   1.00 35.30 ? 287  VAL A CG1 1 
ATOM   1582 C CG2 . VAL A 1 200 ? -14.693 -6.358  5.851   1.00 32.79 ? 287  VAL A CG2 1 
ATOM   1583 N N   . ILE A 1 201 ? -15.872 -2.054  5.091   1.00 33.99 ? 288  ILE A N   1 
ATOM   1584 C CA  . ILE A 1 201 ? -16.479 -0.733  4.926   1.00 33.39 ? 288  ILE A CA  1 
ATOM   1585 C C   . ILE A 1 201 ? -17.801 -1.034  4.305   1.00 32.25 ? 288  ILE A C   1 
ATOM   1586 O O   . ILE A 1 201 ? -18.842 -0.698  4.869   1.00 33.40 ? 288  ILE A O   1 
ATOM   1587 C CB  . ILE A 1 201 ? -15.631 0.151   3.990   1.00 33.89 ? 288  ILE A CB  1 
ATOM   1588 C CG1 . ILE A 1 201 ? -14.317 0.528   4.677   1.00 34.85 ? 288  ILE A CG1 1 
ATOM   1589 C CG2 . ILE A 1 201 ? -16.432 1.365   3.504   1.00 34.60 ? 288  ILE A CG2 1 
ATOM   1590 C CD1 . ILE A 1 201 ? -14.493 1.101   6.077   1.00 36.91 ? 288  ILE A CD1 1 
ATOM   1591 N N   . GLY A 1 202 ? -17.734 -1.623  3.102   1.00 28.63 ? 289  GLY A N   1 
ATOM   1592 C CA  . GLY A 1 202 ? -18.622 -2.734  2.778   1.00 29.80 ? 289  GLY A CA  1 
ATOM   1593 C C   . GLY A 1 202 ? -19.953 -2.860  3.510   1.00 29.97 ? 289  GLY A C   1 
ATOM   1594 O O   . GLY A 1 202 ? -20.019 -3.151  4.710   1.00 29.70 ? 289  GLY A O   1 
ATOM   1595 N N   . GLU A 1 203 ? -21.011 -3.040  2.756   1.00 29.36 ? 290  GLU A N   1 
ATOM   1596 C CA  . GLU A 1 203 ? -21.034 -4.293  2.045   1.00 29.71 ? 290  GLU A CA  1 
ATOM   1597 C C   . GLU A 1 203 ? -20.900 -4.276  0.541   1.00 29.17 ? 290  GLU A C   1 
ATOM   1598 O O   . GLU A 1 203 ? -20.477 -5.297  -0.009  1.00 30.80 ? 290  GLU A O   1 
ATOM   1599 C CB  . GLU A 1 203 ? -22.263 -5.066  2.519   1.00 29.19 ? 290  GLU A CB  1 
ATOM   1600 C CG  . GLU A 1 203 ? -23.594 -4.543  1.985   1.00 31.92 ? 290  GLU A CG  1 
ATOM   1601 C CD  . GLU A 1 203 ? -24.751 -5.383  2.444   1.00 33.80 ? 290  GLU A CD  1 
ATOM   1602 O OE1 . GLU A 1 203 ? -25.401 -6.040  1.589   1.00 38.21 ? 290  GLU A OE1 1 
ATOM   1603 O OE2 . GLU A 1 203 ? -25.040 -5.385  3.664   1.00 35.08 ? 290  GLU A OE2 1 
HETATM 1604 O O   . HOH B 2 .   ? 10.598  7.607   15.311  1.00 28.70 ? 2001 HOH A O   1 
HETATM 1605 O O   . HOH B 2 .   ? 8.978   2.833   14.982  1.00 38.67 ? 2002 HOH A O   1 
HETATM 1606 O O   . HOH B 2 .   ? 5.520   -3.289  13.485  1.00 19.29 ? 2003 HOH A O   1 
HETATM 1607 O O   . HOH B 2 .   ? 3.915   -3.721  18.789  1.00 49.04 ? 2004 HOH A O   1 
HETATM 1608 O O   . HOH B 2 .   ? -9.488  -4.414  -0.932  1.00 22.56 ? 2005 HOH A O   1 
HETATM 1609 O O   . HOH B 2 .   ? -10.298 -5.183  -12.877 1.00 38.86 ? 2006 HOH A O   1 
HETATM 1610 O O   . HOH B 2 .   ? -10.401 -11.606 -7.972  1.00 34.70 ? 2007 HOH A O   1 
HETATM 1611 O O   . HOH B 2 .   ? -3.723  -7.332  -14.979 1.00 31.33 ? 2008 HOH A O   1 
HETATM 1612 O O   . HOH B 2 .   ? 1.373   -11.312 -7.447  1.00 28.35 ? 2009 HOH A O   1 
HETATM 1613 O O   . HOH B 2 .   ? 7.524   -13.331 -9.304  1.00 43.75 ? 2010 HOH A O   1 
HETATM 1614 O O   . HOH B 2 .   ? 11.085  -10.195 -20.127 1.00 40.47 ? 2011 HOH A O   1 
HETATM 1615 O O   . HOH B 2 .   ? 15.888  -13.857 -19.982 1.00 40.38 ? 2012 HOH A O   1 
HETATM 1616 O O   . HOH B 2 .   ? 18.498  -9.577  -5.811  1.00 29.45 ? 2013 HOH A O   1 
HETATM 1617 O O   . HOH B 2 .   ? 7.528   -11.541 -5.650  1.00 38.50 ? 2014 HOH A O   1 
HETATM 1618 O O   . HOH B 2 .   ? 7.520   -8.147  0.484   1.00 38.38 ? 2015 HOH A O   1 
HETATM 1619 O O   . HOH B 2 .   ? 3.983   -10.999 -7.159  1.00 40.05 ? 2016 HOH A O   1 
HETATM 1620 O O   . HOH B 2 .   ? 7.090   -13.980 -3.445  1.00 40.19 ? 2017 HOH A O   1 
HETATM 1621 O O   . HOH B 2 .   ? 0.460   -11.547 -4.814  1.00 31.00 ? 2018 HOH A O   1 
HETATM 1622 O O   . HOH B 2 .   ? 4.087   -4.688  -0.725  1.00 28.02 ? 2019 HOH A O   1 
HETATM 1623 O O   . HOH B 2 .   ? -3.037  -8.126  -1.356  1.00 33.57 ? 2020 HOH A O   1 
HETATM 1624 O O   . HOH B 2 .   ? -1.031  -9.728  -3.011  1.00 36.68 ? 2021 HOH A O   1 
HETATM 1625 O O   . HOH B 2 .   ? 2.301   -0.433  -1.811  1.00 14.45 ? 2022 HOH A O   1 
HETATM 1626 O O   . HOH B 2 .   ? 9.015   -11.686 -7.943  1.00 35.97 ? 2023 HOH A O   1 
HETATM 1627 O O   . HOH B 2 .   ? -0.045  4.927   -0.373  1.00 35.74 ? 2024 HOH A O   1 
HETATM 1628 O O   . HOH B 2 .   ? -2.001  8.969   5.105   1.00 25.02 ? 2025 HOH A O   1 
HETATM 1629 O O   . HOH B 2 .   ? 10.929  4.472   16.017  1.00 36.70 ? 2026 HOH A O   1 
HETATM 1630 O O   . HOH B 2 .   ? 4.617   7.527   19.372  1.00 28.01 ? 2027 HOH A O   1 
HETATM 1631 O O   . HOH B 2 .   ? 3.541   -4.012  25.707  1.00 44.33 ? 2028 HOH A O   1 
HETATM 1632 O O   . HOH B 2 .   ? -19.659 6.898   15.101  1.00 37.62 ? 2029 HOH A O   1 
HETATM 1633 O O   . HOH B 2 .   ? 1.261   -1.922  27.101  1.00 44.60 ? 2030 HOH A O   1 
HETATM 1634 O O   . HOH B 2 .   ? -5.389  -0.360  25.800  1.00 47.10 ? 2031 HOH A O   1 
HETATM 1635 O O   . HOH B 2 .   ? 2.404   5.822   19.689  1.00 35.14 ? 2032 HOH A O   1 
HETATM 1636 O O   . HOH B 2 .   ? -19.460 0.809   13.246  1.00 38.52 ? 2033 HOH A O   1 
HETATM 1637 O O   . HOH B 2 .   ? -13.526 1.103   19.250  1.00 52.10 ? 2034 HOH A O   1 
HETATM 1638 O O   . HOH B 2 .   ? -9.426  2.936   23.082  1.00 39.23 ? 2035 HOH A O   1 
HETATM 1639 O O   . HOH B 2 .   ? -17.041 -0.509  13.788  1.00 46.55 ? 2036 HOH A O   1 
HETATM 1640 O O   . HOH B 2 .   ? -17.134 5.893   15.419  1.00 36.22 ? 2037 HOH A O   1 
HETATM 1641 O O   . HOH B 2 .   ? -17.035 11.223  7.415   1.00 38.59 ? 2038 HOH A O   1 
HETATM 1642 O O   . HOH B 2 .   ? -20.839 1.315   10.825  1.00 40.26 ? 2039 HOH A O   1 
HETATM 1643 O O   . HOH B 2 .   ? -20.495 10.662  12.834  1.00 58.30 ? 2040 HOH A O   1 
HETATM 1644 O O   . HOH B 2 .   ? -21.374 2.639   -6.454  1.00 29.72 ? 2041 HOH A O   1 
HETATM 1645 O O   . HOH B 2 .   ? -17.187 6.704   -4.656  1.00 47.79 ? 2042 HOH A O   1 
HETATM 1646 O O   . HOH B 2 .   ? -13.289 5.939   -9.654  1.00 44.31 ? 2043 HOH A O   1 
HETATM 1647 O O   . HOH B 2 .   ? -15.065 5.474   -7.118  1.00 30.41 ? 2044 HOH A O   1 
HETATM 1648 O O   . HOH B 2 .   ? 17.274  2.944   -2.364  1.00 40.49 ? 2045 HOH A O   1 
HETATM 1649 O O   . HOH B 2 .   ? 20.664  -9.102  -4.076  1.00 36.40 ? 2046 HOH A O   1 
HETATM 1650 O O   . HOH B 2 .   ? -2.299  6.367   -14.354 1.00 47.84 ? 2047 HOH A O   1 
HETATM 1651 O O   . HOH B 2 .   ? -4.698  -10.007 1.846   1.00 36.43 ? 2048 HOH A O   1 
HETATM 1652 O O   . HOH B 2 .   ? -8.058  -9.419  1.758   1.00 51.30 ? 2049 HOH A O   1 
HETATM 1653 O O   . HOH B 2 .   ? -5.225  8.772   -14.770 1.00 39.94 ? 2050 HOH A O   1 
HETATM 1654 O O   . HOH B 2 .   ? -16.702 -3.413  12.833  1.00 43.98 ? 2051 HOH A O   1 
HETATM 1655 O O   . HOH B 2 .   ? -9.822  15.171  -0.563  1.00 30.44 ? 2052 HOH A O   1 
HETATM 1656 O O   . HOH B 2 .   ? -3.196  11.455  6.197   1.00 42.49 ? 2053 HOH A O   1 
HETATM 1657 O O   . HOH B 2 .   ? -5.004  15.346  7.227   1.00 39.62 ? 2054 HOH A O   1 
HETATM 1658 O O   . HOH B 2 .   ? -10.313 15.312  8.721   1.00 51.65 ? 2055 HOH A O   1 
HETATM 1659 O O   . HOH B 2 .   ? -11.056 8.788   17.815  1.00 31.37 ? 2056 HOH A O   1 
HETATM 1660 O O   . HOH B 2 .   ? 1.221   8.139   20.231  1.00 24.72 ? 2057 HOH A O   1 
HETATM 1661 O O   . HOH B 2 .   ? -0.884  12.325  6.785   1.00 27.14 ? 2058 HOH A O   1 
HETATM 1662 O O   . HOH B 2 .   ? 0.895   7.171   3.660   1.00 52.62 ? 2059 HOH A O   1 
HETATM 1663 O O   . HOH B 2 .   ? 0.131   8.560   6.670   1.00 21.58 ? 2060 HOH A O   1 
HETATM 1664 O O   . HOH B 2 .   ? -0.086  6.719   -7.874  1.00 30.88 ? 2061 HOH A O   1 
HETATM 1665 O O   . HOH B 2 .   ? 0.957   2.606   -0.821  1.00 21.59 ? 2062 HOH A O   1 
HETATM 1666 O O   . HOH B 2 .   ? 2.664   -3.158  -2.354  1.00 17.33 ? 2063 HOH A O   1 
HETATM 1667 O O   . HOH B 2 .   ? 6.197   -0.934  0.530   1.00 40.26 ? 2064 HOH A O   1 
HETATM 1668 O O   . HOH B 2 .   ? 14.345  1.873   -2.433  1.00 32.13 ? 2065 HOH A O   1 
HETATM 1669 O O   . HOH B 2 .   ? 15.193  -8.293  1.795   1.00 29.40 ? 2066 HOH A O   1 
HETATM 1670 O O   . HOH B 2 .   ? 20.518  -1.602  -3.074  1.00 32.08 ? 2067 HOH A O   1 
HETATM 1671 O O   . HOH B 2 .   ? 20.695  -8.027  -1.299  1.00 23.80 ? 2068 HOH A O   1 
HETATM 1672 O O   . HOH B 2 .   ? 20.706  -0.190  -5.206  1.00 43.23 ? 2069 HOH A O   1 
HETATM 1673 O O   . HOH B 2 .   ? 20.394  2.237   -4.871  1.00 44.01 ? 2070 HOH A O   1 
HETATM 1674 O O   . HOH B 2 .   ? 22.758  4.279   -15.386 1.00 47.80 ? 2071 HOH A O   1 
HETATM 1675 O O   . HOH B 2 .   ? 17.466  -1.530  -12.848 1.00 36.80 ? 2072 HOH A O   1 
HETATM 1676 O O   . HOH B 2 .   ? 20.050  3.101   -18.411 1.00 31.17 ? 2073 HOH A O   1 
HETATM 1677 O O   . HOH B 2 .   ? 16.890  -0.872  -19.603 1.00 50.71 ? 2074 HOH A O   1 
HETATM 1678 O O   . HOH B 2 .   ? 9.507   3.081   -19.340 1.00 39.72 ? 2075 HOH A O   1 
HETATM 1679 O O   . HOH B 2 .   ? 9.163   -3.805  -20.847 1.00 31.16 ? 2076 HOH A O   1 
HETATM 1680 O O   . HOH B 2 .   ? 9.069   -8.664  -21.224 1.00 33.97 ? 2077 HOH A O   1 
HETATM 1681 O O   . HOH B 2 .   ? 2.940   4.886   -17.000 1.00 33.25 ? 2078 HOH A O   1 
HETATM 1682 O O   . HOH B 2 .   ? 1.540   -0.293  -21.861 1.00 43.08 ? 2079 HOH A O   1 
HETATM 1683 O O   . HOH B 2 .   ? -2.335  -8.467  -16.822 1.00 33.66 ? 2080 HOH A O   1 
HETATM 1684 O O   . HOH B 2 .   ? -4.014  -2.261  -21.042 1.00 53.43 ? 2081 HOH A O   1 
HETATM 1685 O O   . HOH B 2 .   ? -14.033 -1.409  -12.092 1.00 44.37 ? 2082 HOH A O   1 
HETATM 1686 O O   . HOH B 2 .   ? -12.112 -5.408  -5.194  1.00 37.98 ? 2083 HOH A O   1 
HETATM 1687 O O   . HOH B 2 .   ? -16.276 1.142   -1.373  1.00 20.54 ? 2084 HOH A O   1 
HETATM 1688 O O   . HOH B 2 .   ? -10.571 -2.427  0.490   1.00 18.75 ? 2085 HOH A O   1 
HETATM 1689 O O   . HOH B 2 .   ? -10.775 -8.197  1.860   1.00 37.38 ? 2086 HOH A O   1 
HETATM 1690 O O   . HOH B 2 .   ? -6.310  -8.563  4.020   1.00 22.04 ? 2087 HOH A O   1 
HETATM 1691 O O   . HOH B 2 .   ? 4.088   -7.961  8.726   1.00 24.50 ? 2088 HOH A O   1 
HETATM 1692 O O   . HOH B 2 .   ? 9.567   -7.450  14.404  1.00 29.37 ? 2089 HOH A O   1 
HETATM 1693 O O   . HOH B 2 .   ? 9.909   -18.401 11.593  1.00 90.90 ? 2090 HOH A O   1 
HETATM 1694 O O   . HOH B 2 .   ? 2.487   -13.228 11.439  1.00 50.29 ? 2091 HOH A O   1 
HETATM 1695 O O   . HOH B 2 .   ? 7.299   -11.394 14.332  1.00 49.54 ? 2092 HOH A O   1 
HETATM 1696 O O   . HOH B 2 .   ? 5.099   -15.589 3.956   1.00 40.06 ? 2093 HOH A O   1 
HETATM 1697 O O   . HOH B 2 .   ? -2.402  -11.640 10.643  1.00 44.08 ? 2094 HOH A O   1 
HETATM 1698 O O   . HOH B 2 .   ? 5.417   -11.154 1.286   1.00 31.19 ? 2095 HOH A O   1 
HETATM 1699 O O   . HOH B 2 .   ? 8.539   -3.959  0.911   1.00 52.29 ? 2096 HOH A O   1 
HETATM 1700 O O   . HOH B 2 .   ? -10.216 -3.060  14.141  1.00 35.90 ? 2097 HOH A O   1 
HETATM 1701 O O   . HOH B 2 .   ? -15.993 -4.375  10.468  1.00 23.62 ? 2098 HOH A O   1 
# 
